data_1GCQ
# 
_entry.id   1GCQ 
# 
_audit_conform.dict_name       mmcif_pdbx.dic 
_audit_conform.dict_version    5.383 
_audit_conform.dict_location   http://mmcif.pdb.org/dictionaries/ascii/mmcif_pdbx.dic 
# 
loop_
_database_2.database_id 
_database_2.database_code 
_database_2.pdbx_database_accession 
_database_2.pdbx_DOI 
PDB   1GCQ         pdb_00001gcq 10.2210/pdb1gcq/pdb 
RCSB  RCSB005036   ?            ?                   
WWPDB D_1000005036 ?            ?                   
# 
loop_
_pdbx_audit_revision_history.ordinal 
_pdbx_audit_revision_history.data_content_type 
_pdbx_audit_revision_history.major_revision 
_pdbx_audit_revision_history.minor_revision 
_pdbx_audit_revision_history.revision_date 
1 'Structure model' 1 0 2001-08-08 
2 'Structure model' 1 1 2008-04-27 
3 'Structure model' 1 2 2011-07-13 
4 'Structure model' 1 3 2023-12-27 
# 
_pdbx_audit_revision_details.ordinal             1 
_pdbx_audit_revision_details.revision_ordinal    1 
_pdbx_audit_revision_details.data_content_type   'Structure model' 
_pdbx_audit_revision_details.provider            repository 
_pdbx_audit_revision_details.type                'Initial release' 
_pdbx_audit_revision_details.description         ? 
_pdbx_audit_revision_details.details             ? 
# 
loop_
_pdbx_audit_revision_group.ordinal 
_pdbx_audit_revision_group.revision_ordinal 
_pdbx_audit_revision_group.data_content_type 
_pdbx_audit_revision_group.group 
1 2 'Structure model' 'Version format compliance' 
2 3 'Structure model' 'Version format compliance' 
3 4 'Structure model' 'Data collection'           
4 4 'Structure model' 'Database references'       
5 4 'Structure model' 'Derived calculations'      
# 
loop_
_pdbx_audit_revision_category.ordinal 
_pdbx_audit_revision_category.revision_ordinal 
_pdbx_audit_revision_category.data_content_type 
_pdbx_audit_revision_category.category 
1 4 'Structure model' chem_comp_atom     
2 4 'Structure model' chem_comp_bond     
3 4 'Structure model' database_2         
4 4 'Structure model' struct_ref_seq_dif 
5 4 'Structure model' struct_site        
# 
loop_
_pdbx_audit_revision_item.ordinal 
_pdbx_audit_revision_item.revision_ordinal 
_pdbx_audit_revision_item.data_content_type 
_pdbx_audit_revision_item.item 
1 4 'Structure model' '_database_2.pdbx_DOI'                
2 4 'Structure model' '_database_2.pdbx_database_accession' 
3 4 'Structure model' '_struct_ref_seq_dif.details'         
4 4 'Structure model' '_struct_site.pdbx_auth_asym_id'      
5 4 'Structure model' '_struct_site.pdbx_auth_comp_id'      
6 4 'Structure model' '_struct_site.pdbx_auth_seq_id'       
# 
_pdbx_database_status.status_code                     REL 
_pdbx_database_status.entry_id                        1GCQ 
_pdbx_database_status.recvd_initial_deposition_date   2000-08-08 
_pdbx_database_status.deposit_site                    RCSB 
_pdbx_database_status.process_site                    PDBJ 
_pdbx_database_status.status_code_sf                  REL 
_pdbx_database_status.SG_entry                        . 
_pdbx_database_status.pdb_format_compatible           Y 
_pdbx_database_status.status_code_mr                  ? 
_pdbx_database_status.status_code_cs                  ? 
_pdbx_database_status.status_code_nmr_data            ? 
_pdbx_database_status.methods_development_category    ? 
# 
_pdbx_database_related.db_name        PDB 
_pdbx_database_related.db_id          1GCP 
_pdbx_database_related.details        '1GCP contains Vav SH3 domains.' 
_pdbx_database_related.content_type   unspecified 
# 
loop_
_audit_author.name 
_audit_author.pdbx_ordinal 
'Nishida, M.'   1 
'Nagata, K.'    2 
'Hachimori, Y.' 3 
'Ogura, K.'     4 
'Inagaki, F.'   5 
# 
_citation.id                        primary 
_citation.title                     'Novel recognition mode between Vav and Grb2 SH3 domains.' 
_citation.journal_abbrev            'EMBO J.' 
_citation.journal_volume            20 
_citation.page_first                2995 
_citation.page_last                 3007 
_citation.year                      2001 
_citation.journal_id_ASTM           EMJODG 
_citation.country                   UK 
_citation.journal_id_ISSN           0261-4189 
_citation.journal_id_CSD            0897 
_citation.book_publisher            ? 
_citation.pdbx_database_id_PubMed   11406576 
_citation.pdbx_database_id_DOI      10.1093/emboj/20.12.2995 
# 
loop_
_citation_author.citation_id 
_citation_author.name 
_citation_author.ordinal 
_citation_author.identifier_ORCID 
primary 'Nishida, M.'      1 ? 
primary 'Nagata, K.'       2 ? 
primary 'Hachimori, Y.'    3 ? 
primary 'Horiuchi, M.'     4 ? 
primary 'Ogura, K.'        5 ? 
primary 'Mandiyan, V.'     6 ? 
primary 'Schlessinger, J.' 7 ? 
primary 'Inagaki, F.'      8 ? 
# 
loop_
_entity.id 
_entity.type 
_entity.src_method 
_entity.pdbx_description 
_entity.formula_weight 
_entity.pdbx_number_of_molecules 
_entity.pdbx_ec 
_entity.pdbx_mutation 
_entity.pdbx_fragment 
_entity.details 
1 polymer     man 'GROWTH FACTOR RECEPTOR-BOUND PROTEIN 2' 6998.661 2   ? ? 'C-TERMINAL SH3 DOMAIN' ? 
2 polymer     man 'VAV PROTO-ONCOGENE'                     8029.990 1   ? ? 'N-TERMINAL SH3 DOMAIN' ? 
3 non-polymer syn '(4R)-2-METHYLPENTANE-2,4-DIOL'          118.174  1   ? ? ?                       ? 
4 water       nat water                                    18.015   189 ? ? ?                       ? 
# 
loop_
_entity_poly.entity_id 
_entity_poly.type 
_entity_poly.nstd_linkage 
_entity_poly.nstd_monomer 
_entity_poly.pdbx_seq_one_letter_code 
_entity_poly.pdbx_seq_one_letter_code_can 
_entity_poly.pdbx_strand_id 
_entity_poly.pdbx_target_identifier 
1 'polypeptide(L)' no no GSTYVQALFDFDPQEDGELGFRRGDFIHVMDNSDPNWWKGACHGQTGMFPRNYVTPVNRNV          
GSTYVQALFDFDPQEDGELGFRRGDFIHVMDNSDPNWWKGACHGQTGMFPRNYVTPVNRNV          A,B ? 
2 'polypeptide(L)' no no GSHMPKMEVFQEYYGIPPPPGAFGPFLRLNPGDIVELTKAEAEHNWWEGRNTATNEVGWFPCNRVHPYVH 
GSHMPKMEVFQEYYGIPPPPGAFGPFLRLNPGDIVELTKAEAEHNWWEGRNTATNEVGWFPCNRVHPYVH C   ? 
# 
loop_
_pdbx_entity_nonpoly.entity_id 
_pdbx_entity_nonpoly.name 
_pdbx_entity_nonpoly.comp_id 
3 '(4R)-2-METHYLPENTANE-2,4-DIOL' MRD 
4 water                           HOH 
# 
loop_
_entity_poly_seq.entity_id 
_entity_poly_seq.num 
_entity_poly_seq.mon_id 
_entity_poly_seq.hetero 
1 1  GLY n 
1 2  SER n 
1 3  THR n 
1 4  TYR n 
1 5  VAL n 
1 6  GLN n 
1 7  ALA n 
1 8  LEU n 
1 9  PHE n 
1 10 ASP n 
1 11 PHE n 
1 12 ASP n 
1 13 PRO n 
1 14 GLN n 
1 15 GLU n 
1 16 ASP n 
1 17 GLY n 
1 18 GLU n 
1 19 LEU n 
1 20 GLY n 
1 21 PHE n 
1 22 ARG n 
1 23 ARG n 
1 24 GLY n 
1 25 ASP n 
1 26 PHE n 
1 27 ILE n 
1 28 HIS n 
1 29 VAL n 
1 30 MET n 
1 31 ASP n 
1 32 ASN n 
1 33 SER n 
1 34 ASP n 
1 35 PRO n 
1 36 ASN n 
1 37 TRP n 
1 38 TRP n 
1 39 LYS n 
1 40 GLY n 
1 41 ALA n 
1 42 CYS n 
1 43 HIS n 
1 44 GLY n 
1 45 GLN n 
1 46 THR n 
1 47 GLY n 
1 48 MET n 
1 49 PHE n 
1 50 PRO n 
1 51 ARG n 
1 52 ASN n 
1 53 TYR n 
1 54 VAL n 
1 55 THR n 
1 56 PRO n 
1 57 VAL n 
1 58 ASN n 
1 59 ARG n 
1 60 ASN n 
1 61 VAL n 
2 1  GLY n 
2 2  SER n 
2 3  HIS n 
2 4  MET n 
2 5  PRO n 
2 6  LYS n 
2 7  MET n 
2 8  GLU n 
2 9  VAL n 
2 10 PHE n 
2 11 GLN n 
2 12 GLU n 
2 13 TYR n 
2 14 TYR n 
2 15 GLY n 
2 16 ILE n 
2 17 PRO n 
2 18 PRO n 
2 19 PRO n 
2 20 PRO n 
2 21 GLY n 
2 22 ALA n 
2 23 PHE n 
2 24 GLY n 
2 25 PRO n 
2 26 PHE n 
2 27 LEU n 
2 28 ARG n 
2 29 LEU n 
2 30 ASN n 
2 31 PRO n 
2 32 GLY n 
2 33 ASP n 
2 34 ILE n 
2 35 VAL n 
2 36 GLU n 
2 37 LEU n 
2 38 THR n 
2 39 LYS n 
2 40 ALA n 
2 41 GLU n 
2 42 ALA n 
2 43 GLU n 
2 44 HIS n 
2 45 ASN n 
2 46 TRP n 
2 47 TRP n 
2 48 GLU n 
2 49 GLY n 
2 50 ARG n 
2 51 ASN n 
2 52 THR n 
2 53 ALA n 
2 54 THR n 
2 55 ASN n 
2 56 GLU n 
2 57 VAL n 
2 58 GLY n 
2 59 TRP n 
2 60 PHE n 
2 61 PRO n 
2 62 CYS n 
2 63 ASN n 
2 64 ARG n 
2 65 VAL n 
2 66 HIS n 
2 67 PRO n 
2 68 TYR n 
2 69 VAL n 
2 70 HIS n 
# 
loop_
_entity_src_gen.entity_id 
_entity_src_gen.pdbx_src_id 
_entity_src_gen.pdbx_alt_source_flag 
_entity_src_gen.pdbx_seq_type 
_entity_src_gen.pdbx_beg_seq_num 
_entity_src_gen.pdbx_end_seq_num 
_entity_src_gen.gene_src_common_name 
_entity_src_gen.gene_src_genus 
_entity_src_gen.pdbx_gene_src_gene 
_entity_src_gen.gene_src_species 
_entity_src_gen.gene_src_strain 
_entity_src_gen.gene_src_tissue 
_entity_src_gen.gene_src_tissue_fraction 
_entity_src_gen.gene_src_details 
_entity_src_gen.pdbx_gene_src_fragment 
_entity_src_gen.pdbx_gene_src_scientific_name 
_entity_src_gen.pdbx_gene_src_ncbi_taxonomy_id 
_entity_src_gen.pdbx_gene_src_variant 
_entity_src_gen.pdbx_gene_src_cell_line 
_entity_src_gen.pdbx_gene_src_atcc 
_entity_src_gen.pdbx_gene_src_organ 
_entity_src_gen.pdbx_gene_src_organelle 
_entity_src_gen.pdbx_gene_src_cell 
_entity_src_gen.pdbx_gene_src_cellular_location 
_entity_src_gen.host_org_common_name 
_entity_src_gen.pdbx_host_org_scientific_name 
_entity_src_gen.pdbx_host_org_ncbi_taxonomy_id 
_entity_src_gen.host_org_genus 
_entity_src_gen.pdbx_host_org_gene 
_entity_src_gen.pdbx_host_org_organ 
_entity_src_gen.host_org_species 
_entity_src_gen.pdbx_host_org_tissue 
_entity_src_gen.pdbx_host_org_tissue_fraction 
_entity_src_gen.pdbx_host_org_strain 
_entity_src_gen.pdbx_host_org_variant 
_entity_src_gen.pdbx_host_org_cell_line 
_entity_src_gen.pdbx_host_org_atcc 
_entity_src_gen.pdbx_host_org_culture_collection 
_entity_src_gen.pdbx_host_org_cell 
_entity_src_gen.pdbx_host_org_organelle 
_entity_src_gen.pdbx_host_org_cellular_location 
_entity_src_gen.pdbx_host_org_vector_type 
_entity_src_gen.pdbx_host_org_vector 
_entity_src_gen.host_org_details 
_entity_src_gen.expression_system_id 
_entity_src_gen.plasmid_name 
_entity_src_gen.plasmid_details 
_entity_src_gen.pdbx_description 
1 1 sample ? ? ? human         Homo ? ? ? ? ? ? ? 'Homo sapiens' 9606  ? ?                     ? ? ? ? ? ? 'Escherichia coli' 562 
Escherichia ? ? ? ? ? ? ? ? ? ? ? ? ? PLASMID ? ? ? PGEX-2T     ? ? 
2 1 sample ? ? ? 'house mouse' Mus  ? ? ? ? ? ? ? 'Mus musculus' 10090 ? 'HEMATOPOIETIC CELLS' ? ? ? ? ? ? 'Escherichia coli' 562 
Escherichia ? ? ? ? ? ? ? ? ? ? ? ? ? PLASMID ? ? ? 'PET28A(+)' ? ? 
# 
loop_
_chem_comp.id 
_chem_comp.type 
_chem_comp.mon_nstd_flag 
_chem_comp.name 
_chem_comp.pdbx_synonyms 
_chem_comp.formula 
_chem_comp.formula_weight 
ALA 'L-peptide linking' y ALANINE                         ? 'C3 H7 N O2'     89.093  
ARG 'L-peptide linking' y ARGININE                        ? 'C6 H15 N4 O2 1' 175.209 
ASN 'L-peptide linking' y ASPARAGINE                      ? 'C4 H8 N2 O3'    132.118 
ASP 'L-peptide linking' y 'ASPARTIC ACID'                 ? 'C4 H7 N O4'     133.103 
CYS 'L-peptide linking' y CYSTEINE                        ? 'C3 H7 N O2 S'   121.158 
GLN 'L-peptide linking' y GLUTAMINE                       ? 'C5 H10 N2 O3'   146.144 
GLU 'L-peptide linking' y 'GLUTAMIC ACID'                 ? 'C5 H9 N O4'     147.129 
GLY 'peptide linking'   y GLYCINE                         ? 'C2 H5 N O2'     75.067  
HIS 'L-peptide linking' y HISTIDINE                       ? 'C6 H10 N3 O2 1' 156.162 
HOH non-polymer         . WATER                           ? 'H2 O'           18.015  
ILE 'L-peptide linking' y ISOLEUCINE                      ? 'C6 H13 N O2'    131.173 
LEU 'L-peptide linking' y LEUCINE                         ? 'C6 H13 N O2'    131.173 
LYS 'L-peptide linking' y LYSINE                          ? 'C6 H15 N2 O2 1' 147.195 
MET 'L-peptide linking' y METHIONINE                      ? 'C5 H11 N O2 S'  149.211 
MRD non-polymer         . '(4R)-2-METHYLPENTANE-2,4-DIOL' ? 'C6 H14 O2'      118.174 
PHE 'L-peptide linking' y PHENYLALANINE                   ? 'C9 H11 N O2'    165.189 
PRO 'L-peptide linking' y PROLINE                         ? 'C5 H9 N O2'     115.130 
SER 'L-peptide linking' y SERINE                          ? 'C3 H7 N O3'     105.093 
THR 'L-peptide linking' y THREONINE                       ? 'C4 H9 N O3'     119.119 
TRP 'L-peptide linking' y TRYPTOPHAN                      ? 'C11 H12 N2 O2'  204.225 
TYR 'L-peptide linking' y TYROSINE                        ? 'C9 H11 N O3'    181.189 
VAL 'L-peptide linking' y VALINE                          ? 'C5 H11 N O2'    117.146 
# 
loop_
_pdbx_poly_seq_scheme.asym_id 
_pdbx_poly_seq_scheme.entity_id 
_pdbx_poly_seq_scheme.seq_id 
_pdbx_poly_seq_scheme.mon_id 
_pdbx_poly_seq_scheme.ndb_seq_num 
_pdbx_poly_seq_scheme.pdb_seq_num 
_pdbx_poly_seq_scheme.auth_seq_num 
_pdbx_poly_seq_scheme.pdb_mon_id 
_pdbx_poly_seq_scheme.auth_mon_id 
_pdbx_poly_seq_scheme.pdb_strand_id 
_pdbx_poly_seq_scheme.pdb_ins_code 
_pdbx_poly_seq_scheme.hetero 
A 1 1  GLY 1  157 ?   ?   ?   A . n 
A 1 2  SER 2  158 158 SER SER A . n 
A 1 3  THR 3  159 159 THR THR A . n 
A 1 4  TYR 4  160 160 TYR TYR A . n 
A 1 5  VAL 5  161 161 VAL VAL A . n 
A 1 6  GLN 6  162 162 GLN GLN A . n 
A 1 7  ALA 7  163 163 ALA ALA A . n 
A 1 8  LEU 8  164 164 LEU LEU A . n 
A 1 9  PHE 9  165 165 PHE PHE A . n 
A 1 10 ASP 10 166 166 ASP ASP A . n 
A 1 11 PHE 11 167 167 PHE PHE A . n 
A 1 12 ASP 12 168 168 ASP ASP A . n 
A 1 13 PRO 13 169 169 PRO PRO A . n 
A 1 14 GLN 14 170 170 GLN GLN A . n 
A 1 15 GLU 15 171 171 GLU GLU A . n 
A 1 16 ASP 16 172 172 ASP ASP A . n 
A 1 17 GLY 17 173 173 GLY GLY A . n 
A 1 18 GLU 18 174 174 GLU GLU A . n 
A 1 19 LEU 19 175 175 LEU LEU A . n 
A 1 20 GLY 20 176 176 GLY GLY A . n 
A 1 21 PHE 21 177 177 PHE PHE A . n 
A 1 22 ARG 22 178 178 ARG ARG A . n 
A 1 23 ARG 23 179 179 ARG ARG A . n 
A 1 24 GLY 24 180 180 GLY GLY A . n 
A 1 25 ASP 25 181 181 ASP ASP A . n 
A 1 26 PHE 26 182 182 PHE PHE A . n 
A 1 27 ILE 27 183 183 ILE ILE A . n 
A 1 28 HIS 28 184 184 HIS HIS A . n 
A 1 29 VAL 29 185 185 VAL VAL A . n 
A 1 30 MET 30 186 186 MET MET A . n 
A 1 31 ASP 31 187 187 ASP ASP A . n 
A 1 32 ASN 32 188 188 ASN ASN A . n 
A 1 33 SER 33 189 189 SER SER A . n 
A 1 34 ASP 34 190 190 ASP ASP A . n 
A 1 35 PRO 35 191 191 PRO PRO A . n 
A 1 36 ASN 36 192 192 ASN ASN A . n 
A 1 37 TRP 37 193 193 TRP TRP A . n 
A 1 38 TRP 38 194 194 TRP TRP A . n 
A 1 39 LYS 39 195 195 LYS LYS A . n 
A 1 40 GLY 40 196 196 GLY GLY A . n 
A 1 41 ALA 41 197 197 ALA ALA A . n 
A 1 42 CYS 42 198 198 CYS CYS A . n 
A 1 43 HIS 43 199 199 HIS HIS A . n 
A 1 44 GLY 44 200 200 GLY GLY A . n 
A 1 45 GLN 45 201 201 GLN GLN A . n 
A 1 46 THR 46 202 202 THR THR A . n 
A 1 47 GLY 47 203 203 GLY GLY A . n 
A 1 48 MET 48 204 204 MET MET A . n 
A 1 49 PHE 49 205 205 PHE PHE A . n 
A 1 50 PRO 50 206 206 PRO PRO A . n 
A 1 51 ARG 51 207 207 ARG ARG A . n 
A 1 52 ASN 52 208 208 ASN ASN A . n 
A 1 53 TYR 53 209 209 TYR TYR A . n 
A 1 54 VAL 54 210 210 VAL VAL A . n 
A 1 55 THR 55 211 211 THR THR A . n 
A 1 56 PRO 56 212 212 PRO PRO A . n 
A 1 57 VAL 57 213 213 VAL VAL A . n 
A 1 58 ASN 58 214 ?   ?   ?   A . n 
A 1 59 ARG 59 215 ?   ?   ?   A . n 
A 1 60 ASN 60 216 ?   ?   ?   A . n 
A 1 61 VAL 61 217 ?   ?   ?   A . n 
B 1 1  GLY 1  157 ?   ?   ?   B . n 
B 1 2  SER 2  158 ?   ?   ?   B . n 
B 1 3  THR 3  159 159 THR THR B . n 
B 1 4  TYR 4  160 160 TYR TYR B . n 
B 1 5  VAL 5  161 161 VAL VAL B . n 
B 1 6  GLN 6  162 162 GLN GLN B . n 
B 1 7  ALA 7  163 163 ALA ALA B . n 
B 1 8  LEU 8  164 164 LEU LEU B . n 
B 1 9  PHE 9  165 165 PHE PHE B . n 
B 1 10 ASP 10 166 166 ASP ASP B . n 
B 1 11 PHE 11 167 167 PHE PHE B . n 
B 1 12 ASP 12 168 168 ASP ASP B . n 
B 1 13 PRO 13 169 169 PRO PRO B . n 
B 1 14 GLN 14 170 170 GLN GLN B . n 
B 1 15 GLU 15 171 171 GLU GLU B . n 
B 1 16 ASP 16 172 172 ASP ASP B . n 
B 1 17 GLY 17 173 173 GLY GLY B . n 
B 1 18 GLU 18 174 174 GLU GLU B . n 
B 1 19 LEU 19 175 175 LEU LEU B . n 
B 1 20 GLY 20 176 176 GLY GLY B . n 
B 1 21 PHE 21 177 177 PHE PHE B . n 
B 1 22 ARG 22 178 178 ARG ARG B . n 
B 1 23 ARG 23 179 179 ARG ARG B . n 
B 1 24 GLY 24 180 180 GLY GLY B . n 
B 1 25 ASP 25 181 181 ASP ASP B . n 
B 1 26 PHE 26 182 182 PHE PHE B . n 
B 1 27 ILE 27 183 183 ILE ILE B . n 
B 1 28 HIS 28 184 184 HIS HIS B . n 
B 1 29 VAL 29 185 185 VAL VAL B . n 
B 1 30 MET 30 186 186 MET MET B . n 
B 1 31 ASP 31 187 187 ASP ASP B . n 
B 1 32 ASN 32 188 188 ASN ASN B . n 
B 1 33 SER 33 189 189 SER SER B . n 
B 1 34 ASP 34 190 190 ASP ASP B . n 
B 1 35 PRO 35 191 191 PRO PRO B . n 
B 1 36 ASN 36 192 192 ASN ASN B . n 
B 1 37 TRP 37 193 193 TRP TRP B . n 
B 1 38 TRP 38 194 194 TRP TRP B . n 
B 1 39 LYS 39 195 195 LYS LYS B . n 
B 1 40 GLY 40 196 196 GLY GLY B . n 
B 1 41 ALA 41 197 197 ALA ALA B . n 
B 1 42 CYS 42 198 198 CYS CYS B . n 
B 1 43 HIS 43 199 199 HIS HIS B . n 
B 1 44 GLY 44 200 200 GLY GLY B . n 
B 1 45 GLN 45 201 201 GLN GLN B . n 
B 1 46 THR 46 202 202 THR THR B . n 
B 1 47 GLY 47 203 203 GLY GLY B . n 
B 1 48 MET 48 204 204 MET MET B . n 
B 1 49 PHE 49 205 205 PHE PHE B . n 
B 1 50 PRO 50 206 206 PRO PRO B . n 
B 1 51 ARG 51 207 207 ARG ARG B . n 
B 1 52 ASN 52 208 208 ASN ASN B . n 
B 1 53 TYR 53 209 209 TYR TYR B . n 
B 1 54 VAL 54 210 210 VAL VAL B . n 
B 1 55 THR 55 211 211 THR THR B . n 
B 1 56 PRO 56 212 212 PRO PRO B . n 
B 1 57 VAL 57 213 213 VAL VAL B . n 
B 1 58 ASN 58 214 214 ASN ASN B . n 
B 1 59 ARG 59 215 215 ARG ARG B . n 
B 1 60 ASN 60 216 ?   ?   ?   B . n 
B 1 61 VAL 61 217 ?   ?   ?   B . n 
C 2 1  GLY 1  591 591 GLY GLY C . n 
C 2 2  SER 2  592 592 SER SER C . n 
C 2 3  HIS 3  593 593 HIS HIS C . n 
C 2 4  MET 4  594 594 MET MET C . n 
C 2 5  PRO 5  595 595 PRO PRO C . n 
C 2 6  LYS 6  596 596 LYS LYS C . n 
C 2 7  MET 7  597 597 MET MET C . n 
C 2 8  GLU 8  598 598 GLU GLU C . n 
C 2 9  VAL 9  599 599 VAL VAL C . n 
C 2 10 PHE 10 600 600 PHE PHE C . n 
C 2 11 GLN 11 601 601 GLN GLN C . n 
C 2 12 GLU 12 602 602 GLU GLU C . n 
C 2 13 TYR 13 603 603 TYR TYR C . n 
C 2 14 TYR 14 604 604 TYR TYR C . n 
C 2 15 GLY 15 605 605 GLY GLY C . n 
C 2 16 ILE 16 606 606 ILE ILE C . n 
C 2 17 PRO 17 607 607 PRO PRO C . n 
C 2 18 PRO 18 608 608 PRO PRO C . n 
C 2 19 PRO 19 609 609 PRO PRO C . n 
C 2 20 PRO 20 610 610 PRO PRO C . n 
C 2 21 GLY 21 611 611 GLY GLY C . n 
C 2 22 ALA 22 612 612 ALA ALA C . n 
C 2 23 PHE 23 613 613 PHE PHE C . n 
C 2 24 GLY 24 614 614 GLY GLY C . n 
C 2 25 PRO 25 615 615 PRO PRO C . n 
C 2 26 PHE 26 616 616 PHE PHE C . n 
C 2 27 LEU 27 617 617 LEU LEU C . n 
C 2 28 ARG 28 618 618 ARG ARG C . n 
C 2 29 LEU 29 619 619 LEU LEU C . n 
C 2 30 ASN 30 620 620 ASN ASN C . n 
C 2 31 PRO 31 621 621 PRO PRO C . n 
C 2 32 GLY 32 622 622 GLY GLY C . n 
C 2 33 ASP 33 623 623 ASP ASP C . n 
C 2 34 ILE 34 624 624 ILE ILE C . n 
C 2 35 VAL 35 625 625 VAL VAL C . n 
C 2 36 GLU 36 626 626 GLU GLU C . n 
C 2 37 LEU 37 627 627 LEU LEU C . n 
C 2 38 THR 38 628 628 THR THR C . n 
C 2 39 LYS 39 629 629 LYS LYS C . n 
C 2 40 ALA 40 630 630 ALA ALA C . n 
C 2 41 GLU 41 631 631 GLU GLU C . n 
C 2 42 ALA 42 632 632 ALA ALA C . n 
C 2 43 GLU 43 633 633 GLU GLU C . n 
C 2 44 HIS 44 634 634 HIS HIS C . n 
C 2 45 ASN 45 635 635 ASN ASN C . n 
C 2 46 TRP 46 636 636 TRP TRP C . n 
C 2 47 TRP 47 637 637 TRP TRP C . n 
C 2 48 GLU 48 638 638 GLU GLU C . n 
C 2 49 GLY 49 639 639 GLY GLY C . n 
C 2 50 ARG 50 640 640 ARG ARG C . n 
C 2 51 ASN 51 641 641 ASN ASN C . n 
C 2 52 THR 52 642 642 THR THR C . n 
C 2 53 ALA 53 643 643 ALA ALA C . n 
C 2 54 THR 54 644 644 THR THR C . n 
C 2 55 ASN 55 645 645 ASN ASN C . n 
C 2 56 GLU 56 646 646 GLU GLU C . n 
C 2 57 VAL 57 647 647 VAL VAL C . n 
C 2 58 GLY 58 648 648 GLY GLY C . n 
C 2 59 TRP 59 649 649 TRP TRP C . n 
C 2 60 PHE 60 650 650 PHE PHE C . n 
C 2 61 PRO 61 651 651 PRO PRO C . n 
C 2 62 CYS 62 652 652 CYS CYS C . n 
C 2 63 ASN 63 653 653 ASN ASN C . n 
C 2 64 ARG 64 654 654 ARG ARG C . n 
C 2 65 VAL 65 655 655 VAL VAL C . n 
C 2 66 HIS 66 656 656 HIS HIS C . n 
C 2 67 PRO 67 657 657 PRO PRO C . n 
C 2 68 TYR 68 658 658 TYR TYR C . n 
C 2 69 VAL 69 659 659 VAL VAL C . n 
C 2 70 HIS 70 660 ?   ?   ?   C . n 
# 
loop_
_pdbx_nonpoly_scheme.asym_id 
_pdbx_nonpoly_scheme.entity_id 
_pdbx_nonpoly_scheme.mon_id 
_pdbx_nonpoly_scheme.ndb_seq_num 
_pdbx_nonpoly_scheme.pdb_seq_num 
_pdbx_nonpoly_scheme.auth_seq_num 
_pdbx_nonpoly_scheme.pdb_mon_id 
_pdbx_nonpoly_scheme.auth_mon_id 
_pdbx_nonpoly_scheme.pdb_strand_id 
_pdbx_nonpoly_scheme.pdb_ins_code 
D 3 MRD 1  218 201 MRD MPD A . 
E 4 HOH 1  219 2   HOH HOH A . 
E 4 HOH 2  220 7   HOH HOH A . 
E 4 HOH 3  221 8   HOH HOH A . 
E 4 HOH 4  222 14  HOH HOH A . 
E 4 HOH 5  223 16  HOH HOH A . 
E 4 HOH 6  224 17  HOH HOH A . 
E 4 HOH 7  225 19  HOH HOH A . 
E 4 HOH 8  226 21  HOH HOH A . 
E 4 HOH 9  227 31  HOH HOH A . 
E 4 HOH 10 228 35  HOH HOH A . 
E 4 HOH 11 229 38  HOH HOH A . 
E 4 HOH 12 230 40  HOH HOH A . 
E 4 HOH 13 231 42  HOH HOH A . 
E 4 HOH 14 232 43  HOH HOH A . 
E 4 HOH 15 233 44  HOH HOH A . 
E 4 HOH 16 234 61  HOH HOH A . 
E 4 HOH 17 235 65  HOH HOH A . 
E 4 HOH 18 236 67  HOH HOH A . 
E 4 HOH 19 237 71  HOH HOH A . 
E 4 HOH 20 238 77  HOH HOH A . 
E 4 HOH 21 239 78  HOH HOH A . 
E 4 HOH 22 240 81  HOH HOH A . 
E 4 HOH 23 241 89  HOH HOH A . 
E 4 HOH 24 242 92  HOH HOH A . 
E 4 HOH 25 243 94  HOH HOH A . 
E 4 HOH 26 244 98  HOH HOH A . 
E 4 HOH 27 245 103 HOH HOH A . 
E 4 HOH 28 246 104 HOH HOH A . 
E 4 HOH 29 247 106 HOH HOH A . 
E 4 HOH 30 248 107 HOH HOH A . 
E 4 HOH 31 249 108 HOH HOH A . 
E 4 HOH 32 250 110 HOH HOH A . 
E 4 HOH 33 251 111 HOH HOH A . 
E 4 HOH 34 252 112 HOH HOH A . 
E 4 HOH 35 253 115 HOH HOH A . 
E 4 HOH 36 254 116 HOH HOH A . 
E 4 HOH 37 255 118 HOH HOH A . 
E 4 HOH 38 256 123 HOH HOH A . 
E 4 HOH 39 257 127 HOH HOH A . 
E 4 HOH 40 258 131 HOH HOH A . 
E 4 HOH 41 259 133 HOH HOH A . 
E 4 HOH 42 260 134 HOH HOH A . 
E 4 HOH 43 261 137 HOH HOH A . 
E 4 HOH 44 262 138 HOH HOH A . 
E 4 HOH 45 263 139 HOH HOH A . 
E 4 HOH 46 264 140 HOH HOH A . 
E 4 HOH 47 265 141 HOH HOH A . 
E 4 HOH 48 266 142 HOH HOH A . 
E 4 HOH 49 267 154 HOH HOH A . 
E 4 HOH 50 268 158 HOH HOH A . 
E 4 HOH 51 269 161 HOH HOH A . 
E 4 HOH 52 270 166 HOH HOH A . 
E 4 HOH 53 271 167 HOH HOH A . 
E 4 HOH 54 272 171 HOH HOH A . 
E 4 HOH 55 273 172 HOH HOH A . 
E 4 HOH 56 274 173 HOH HOH A . 
E 4 HOH 57 275 174 HOH HOH A . 
E 4 HOH 58 276 182 HOH HOH A . 
E 4 HOH 59 277 183 HOH HOH A . 
E 4 HOH 60 278 184 HOH HOH A . 
E 4 HOH 61 279 185 HOH HOH A . 
F 4 HOH 1  218 1   HOH HOH B . 
F 4 HOH 2  219 6   HOH HOH B . 
F 4 HOH 3  220 11  HOH HOH B . 
F 4 HOH 4  221 13  HOH HOH B . 
F 4 HOH 5  222 26  HOH HOH B . 
F 4 HOH 6  223 27  HOH HOH B . 
F 4 HOH 7  224 32  HOH HOH B . 
F 4 HOH 8  225 41  HOH HOH B . 
F 4 HOH 9  226 47  HOH HOH B . 
F 4 HOH 10 227 51  HOH HOH B . 
F 4 HOH 11 228 53  HOH HOH B . 
F 4 HOH 12 229 54  HOH HOH B . 
F 4 HOH 13 230 68  HOH HOH B . 
F 4 HOH 14 231 69  HOH HOH B . 
F 4 HOH 15 232 72  HOH HOH B . 
F 4 HOH 16 233 74  HOH HOH B . 
F 4 HOH 17 234 75  HOH HOH B . 
F 4 HOH 18 235 79  HOH HOH B . 
F 4 HOH 19 236 80  HOH HOH B . 
F 4 HOH 20 237 82  HOH HOH B . 
F 4 HOH 21 238 83  HOH HOH B . 
F 4 HOH 22 239 85  HOH HOH B . 
F 4 HOH 23 240 87  HOH HOH B . 
F 4 HOH 24 241 93  HOH HOH B . 
F 4 HOH 25 242 95  HOH HOH B . 
F 4 HOH 26 243 96  HOH HOH B . 
F 4 HOH 27 244 97  HOH HOH B . 
F 4 HOH 28 245 109 HOH HOH B . 
F 4 HOH 29 246 119 HOH HOH B . 
F 4 HOH 30 247 120 HOH HOH B . 
F 4 HOH 31 248 121 HOH HOH B . 
F 4 HOH 32 249 122 HOH HOH B . 
F 4 HOH 33 250 124 HOH HOH B . 
F 4 HOH 34 251 125 HOH HOH B . 
F 4 HOH 35 252 129 HOH HOH B . 
F 4 HOH 36 253 135 HOH HOH B . 
F 4 HOH 37 254 145 HOH HOH B . 
F 4 HOH 38 255 146 HOH HOH B . 
F 4 HOH 39 256 147 HOH HOH B . 
F 4 HOH 40 257 148 HOH HOH B . 
F 4 HOH 41 258 149 HOH HOH B . 
F 4 HOH 42 259 150 HOH HOH B . 
F 4 HOH 43 260 151 HOH HOH B . 
F 4 HOH 44 261 152 HOH HOH B . 
F 4 HOH 45 262 156 HOH HOH B . 
F 4 HOH 46 263 157 HOH HOH B . 
F 4 HOH 47 264 160 HOH HOH B . 
F 4 HOH 48 265 178 HOH HOH B . 
F 4 HOH 49 266 179 HOH HOH B . 
F 4 HOH 50 267 187 HOH HOH B . 
F 4 HOH 51 268 188 HOH HOH B . 
F 4 HOH 52 269 189 HOH HOH B . 
G 4 HOH 1  3   3   HOH HOH C . 
G 4 HOH 2  4   4   HOH HOH C . 
G 4 HOH 3  5   5   HOH HOH C . 
G 4 HOH 4  9   9   HOH HOH C . 
G 4 HOH 5  10  10  HOH HOH C . 
G 4 HOH 6  12  12  HOH HOH C . 
G 4 HOH 7  15  15  HOH HOH C . 
G 4 HOH 8  18  18  HOH HOH C . 
G 4 HOH 9  20  20  HOH HOH C . 
G 4 HOH 10 22  22  HOH HOH C . 
G 4 HOH 11 23  23  HOH HOH C . 
G 4 HOH 12 24  24  HOH HOH C . 
G 4 HOH 13 25  25  HOH HOH C . 
G 4 HOH 14 28  28  HOH HOH C . 
G 4 HOH 15 29  29  HOH HOH C . 
G 4 HOH 16 30  30  HOH HOH C . 
G 4 HOH 17 33  33  HOH HOH C . 
G 4 HOH 18 34  34  HOH HOH C . 
G 4 HOH 19 36  36  HOH HOH C . 
G 4 HOH 20 37  37  HOH HOH C . 
G 4 HOH 21 39  39  HOH HOH C . 
G 4 HOH 22 45  45  HOH HOH C . 
G 4 HOH 23 46  46  HOH HOH C . 
G 4 HOH 24 48  48  HOH HOH C . 
G 4 HOH 25 49  49  HOH HOH C . 
G 4 HOH 26 50  50  HOH HOH C . 
G 4 HOH 27 52  52  HOH HOH C . 
G 4 HOH 28 55  55  HOH HOH C . 
G 4 HOH 29 56  56  HOH HOH C . 
G 4 HOH 30 57  57  HOH HOH C . 
G 4 HOH 31 58  58  HOH HOH C . 
G 4 HOH 32 59  59  HOH HOH C . 
G 4 HOH 33 60  60  HOH HOH C . 
G 4 HOH 34 62  62  HOH HOH C . 
G 4 HOH 35 63  63  HOH HOH C . 
G 4 HOH 36 64  64  HOH HOH C . 
G 4 HOH 37 66  66  HOH HOH C . 
G 4 HOH 38 70  70  HOH HOH C . 
G 4 HOH 39 73  73  HOH HOH C . 
G 4 HOH 40 76  76  HOH HOH C . 
G 4 HOH 41 84  84  HOH HOH C . 
G 4 HOH 42 86  86  HOH HOH C . 
G 4 HOH 43 88  88  HOH HOH C . 
G 4 HOH 44 90  90  HOH HOH C . 
G 4 HOH 45 91  91  HOH HOH C . 
G 4 HOH 46 99  99  HOH HOH C . 
G 4 HOH 47 100 100 HOH HOH C . 
G 4 HOH 48 101 101 HOH HOH C . 
G 4 HOH 49 102 102 HOH HOH C . 
G 4 HOH 50 105 105 HOH HOH C . 
G 4 HOH 51 113 113 HOH HOH C . 
G 4 HOH 52 114 114 HOH HOH C . 
G 4 HOH 53 117 117 HOH HOH C . 
G 4 HOH 54 126 126 HOH HOH C . 
G 4 HOH 55 128 128 HOH HOH C . 
G 4 HOH 56 130 130 HOH HOH C . 
G 4 HOH 57 132 132 HOH HOH C . 
G 4 HOH 58 136 136 HOH HOH C . 
G 4 HOH 59 143 143 HOH HOH C . 
G 4 HOH 60 144 144 HOH HOH C . 
G 4 HOH 61 153 153 HOH HOH C . 
G 4 HOH 62 155 155 HOH HOH C . 
G 4 HOH 63 159 159 HOH HOH C . 
G 4 HOH 64 162 162 HOH HOH C . 
G 4 HOH 65 163 163 HOH HOH C . 
G 4 HOH 66 164 164 HOH HOH C . 
G 4 HOH 67 165 165 HOH HOH C . 
G 4 HOH 68 168 168 HOH HOH C . 
G 4 HOH 69 169 169 HOH HOH C . 
G 4 HOH 70 170 170 HOH HOH C . 
G 4 HOH 71 175 175 HOH HOH C . 
G 4 HOH 72 176 176 HOH HOH C . 
G 4 HOH 73 177 177 HOH HOH C . 
G 4 HOH 74 180 180 HOH HOH C . 
G 4 HOH 75 181 181 HOH HOH C . 
G 4 HOH 76 186 186 HOH HOH C . 
# 
loop_
_software.name 
_software.classification 
_software.version 
_software.citation_id 
_software.pdbx_ordinal 
MLPHARE phasing          .         ? 1 
X-PLOR  refinement       3.1       ? 2 
MOSFLM  'data reduction' .         ? 3 
CCP4    'data scaling'   '(SCALA)' ? 4 
# 
_cell.entry_id           1GCQ 
_cell.length_a           48.050 
_cell.length_b           126.820 
_cell.length_c           83.370 
_cell.angle_alpha        90.00 
_cell.angle_beta         90.00 
_cell.angle_gamma        90.00 
_cell.Z_PDB              16 
_cell.pdbx_unique_axis   ? 
# 
_symmetry.entry_id                         1GCQ 
_symmetry.space_group_name_H-M             'C 2 2 21' 
_symmetry.pdbx_full_space_group_name_H-M   ? 
_symmetry.cell_setting                     ? 
_symmetry.Int_Tables_number                20 
# 
_exptl.entry_id          1GCQ 
_exptl.method            'X-RAY DIFFRACTION' 
_exptl.crystals_number   1 
# 
_exptl_crystal.id                    1 
_exptl_crystal.density_meas          ? 
_exptl_crystal.density_percent_sol   57.5 
_exptl_crystal.density_Matthews      2.89 
_exptl_crystal.description           ? 
# 
_exptl_crystal_grow.crystal_id      1 
_exptl_crystal_grow.method          'VAPOR DIFFUSION, HANGING DROP' 
_exptl_crystal_grow.pH              6.5 
_exptl_crystal_grow.temp            293.2 
_exptl_crystal_grow.temp_details    ? 
_exptl_crystal_grow.pdbx_details    
'2-methyl-2,4-pentanediol, imidazole, magnesium chloride, pH 6.5, VAPOR DIFFUSION, HANGING DROP, temperature 293.2K' 
_exptl_crystal_grow.pdbx_pH_range   . 
# 
_diffrn.id                     1 
_diffrn.ambient_temp           100.0 
_diffrn.ambient_temp_details   ? 
_diffrn.crystal_id             1 
# 
_diffrn_detector.diffrn_id              1 
_diffrn_detector.detector               CCD 
_diffrn_detector.type                   MARRESEARCH 
_diffrn_detector.pdbx_collection_date   1999-12-18 
_diffrn_detector.details                ? 
# 
_diffrn_radiation.diffrn_id                        1 
_diffrn_radiation.wavelength_id                    1 
_diffrn_radiation.monochromator                    ? 
_diffrn_radiation.pdbx_monochromatic_or_laue_m_l   M 
_diffrn_radiation.pdbx_diffrn_protocol             'SINGLE WAVELENGTH' 
_diffrn_radiation.pdbx_scattering_type             x-ray 
# 
_diffrn_radiation_wavelength.id           1 
_diffrn_radiation_wavelength.wavelength   1.0375 
_diffrn_radiation_wavelength.wt           1.0 
# 
_diffrn_source.diffrn_id                   1 
_diffrn_source.source                      SYNCHROTRON 
_diffrn_source.type                        'SPRING-8 BEAMLINE BL41XU' 
_diffrn_source.pdbx_wavelength             1.0375 
_diffrn_source.pdbx_synchrotron_site       SPring-8 
_diffrn_source.pdbx_synchrotron_beamline   BL41XU 
_diffrn_source.pdbx_wavelength_list        ? 
# 
_reflns.entry_id                     1GCQ 
_reflns.observed_criterion_sigma_I   -10000 
_reflns.observed_criterion_sigma_F   0.0 
_reflns.d_resolution_low             39.5 
_reflns.d_resolution_high            1.68 
_reflns.number_obs                   28649 
_reflns.number_all                   28649 
_reflns.percent_possible_obs         97.2 
_reflns.pdbx_Rmerge_I_obs            0.066 
_reflns.pdbx_Rsym_value              ? 
_reflns.pdbx_netI_over_sigmaI        7.2 
_reflns.B_iso_Wilson_estimate        17.1 
_reflns.pdbx_redundancy              10.3 
_reflns.R_free_details               ? 
_reflns.limit_h_max                  ? 
_reflns.limit_h_min                  ? 
_reflns.limit_k_max                  ? 
_reflns.limit_k_min                  ? 
_reflns.limit_l_max                  ? 
_reflns.limit_l_min                  ? 
_reflns.observed_criterion_F_max     ? 
_reflns.observed_criterion_F_min     ? 
_reflns.pdbx_diffrn_id               1 
_reflns.pdbx_ordinal                 1 
# 
_reflns_shell.d_res_high             1.68 
_reflns_shell.d_res_low              1.77 
_reflns_shell.percent_possible_obs   ? 
_reflns_shell.percent_possible_all   83.9 
_reflns_shell.Rmerge_I_obs           0.199 
_reflns_shell.meanI_over_sigI_obs    ? 
_reflns_shell.pdbx_Rsym_value        ? 
_reflns_shell.pdbx_redundancy        3.2 
_reflns_shell.number_unique_all      3523 
_reflns_shell.pdbx_diffrn_id         ? 
_reflns_shell.pdbx_ordinal           1 
# 
_refine.entry_id                                 1GCQ 
_refine.ls_number_reflns_obs                     27162 
_refine.ls_number_reflns_all                     28127 
_refine.pdbx_ls_sigma_I                          0.0 
_refine.pdbx_ls_sigma_F                          2.0 
_refine.pdbx_data_cutoff_high_absF               ? 
_refine.pdbx_data_cutoff_low_absF                ? 
_refine.ls_d_res_low                             8.0 
_refine.ls_d_res_high                            1.68 
_refine.ls_percent_reflns_obs                    93.1 
_refine.ls_R_factor_obs                          0.203 
_refine.ls_R_factor_all                          0.207 
_refine.ls_R_factor_R_work                       0.201 
_refine.ls_R_factor_R_free                       0.235 
_refine.ls_R_factor_R_free_error                 ? 
_refine.ls_R_factor_R_free_error_details         ? 
_refine.ls_percent_reflns_R_free                 5 
_refine.ls_number_reflns_R_free                  1358 
_refine.ls_number_parameters                     ? 
_refine.ls_number_restraints                     ? 
_refine.occupancy_min                            ? 
_refine.occupancy_max                            ? 
_refine.B_iso_mean                               19.1 
_refine.aniso_B[1][1]                            ? 
_refine.aniso_B[2][2]                            ? 
_refine.aniso_B[3][3]                            ? 
_refine.aniso_B[1][2]                            ? 
_refine.aniso_B[1][3]                            ? 
_refine.aniso_B[2][3]                            ? 
_refine.solvent_model_details                    ? 
_refine.solvent_model_param_ksol                 ? 
_refine.solvent_model_param_bsol                 ? 
_refine.pdbx_ls_cross_valid_method               ? 
_refine.details                                  ? 
_refine.pdbx_starting_model                      ? 
_refine.pdbx_method_to_determine_struct          MIR 
_refine.pdbx_isotropic_thermal_model             ? 
_refine.pdbx_stereochemistry_target_values       'Engh & Huber' 
_refine.pdbx_stereochem_target_val_spec_case     ? 
_refine.pdbx_R_Free_selection_details            RANDOM 
_refine.pdbx_overall_ESU_R_Free                  ? 
_refine.overall_SU_B                             19.1 
_refine.ls_redundancy_reflns_obs                 ? 
_refine.B_iso_min                                ? 
_refine.B_iso_max                                ? 
_refine.overall_SU_ML                            ? 
_refine.pdbx_overall_ESU_R                       ? 
_refine.pdbx_data_cutoff_high_rms_absF           ? 
_refine.correlation_coeff_Fo_to_Fc               ? 
_refine.correlation_coeff_Fo_to_Fc_free          ? 
_refine.overall_SU_R_Cruickshank_DPI             ? 
_refine.overall_SU_R_free                        ? 
_refine.pdbx_refine_id                           'X-RAY DIFFRACTION' 
_refine.pdbx_diffrn_id                           1 
_refine.pdbx_TLS_residual_ADP_flag               ? 
_refine.pdbx_solvent_vdw_probe_radii             ? 
_refine.pdbx_solvent_ion_probe_radii             ? 
_refine.pdbx_solvent_shrinkage_radii             ? 
_refine.pdbx_overall_phase_error                 ? 
_refine.pdbx_overall_SU_R_free_Cruickshank_DPI   ? 
_refine.pdbx_overall_SU_R_Blow_DPI               ? 
_refine.pdbx_overall_SU_R_free_Blow_DPI          ? 
# 
_refine_hist.pdbx_refine_id                   'X-RAY DIFFRACTION' 
_refine_hist.cycle_id                         LAST 
_refine_hist.pdbx_number_atoms_protein        1481 
_refine_hist.pdbx_number_atoms_nucleic_acid   0 
_refine_hist.pdbx_number_atoms_ligand         0 
_refine_hist.number_atoms_solvent             197 
_refine_hist.number_atoms_total               1678 
_refine_hist.d_res_high                       1.68 
_refine_hist.d_res_low                        8.0 
# 
loop_
_refine_ls_restr.type 
_refine_ls_restr.dev_ideal 
_refine_ls_restr.dev_ideal_target 
_refine_ls_restr.weight 
_refine_ls_restr.number 
_refine_ls_restr.pdbx_refine_id 
_refine_ls_restr.pdbx_restraint_function 
x_bond_d           0.009 ?   ? ? 'X-RAY DIFFRACTION' ? 
x_angle_deg        1.395 ?   ? ? 'X-RAY DIFFRACTION' ? 
x_dihedral_angle_d 27.7  ?   ? ? 'X-RAY DIFFRACTION' ? 
x_improper_angle_d 1.27  ?   ? ? 'X-RAY DIFFRACTION' ? 
x_mcbond_it        ?     1.5 ? ? 'X-RAY DIFFRACTION' ? 
x_mcangle_it       ?     2.0 ? ? 'X-RAY DIFFRACTION' ? 
x_scbond_it        ?     2.0 ? ? 'X-RAY DIFFRACTION' ? 
x_scangle_it       ?     2.5 ? ? 'X-RAY DIFFRACTION' ? 
# 
_struct.entry_id                  1GCQ 
_struct.title                     'CRYSTAL STRUCTURE OF VAV AND GRB2 SH3 DOMAINS' 
_struct.pdbx_model_details        ? 
_struct.pdbx_CASP_flag            ? 
_struct.pdbx_model_type_details   ? 
# 
_struct_keywords.entry_id        1GCQ 
_struct_keywords.pdbx_keywords   'SIGNALING PROTEIN/SIGNALING PROTEIN' 
_struct_keywords.text            'SH3 domain, PROTEIN-PROTEIN COMPLEX, Grb2, Vav, SIGNALING PROTEIN-SIGNALING PROTEIN COMPLEX' 
# 
loop_
_struct_asym.id 
_struct_asym.pdbx_blank_PDB_chainid_flag 
_struct_asym.pdbx_modified 
_struct_asym.entity_id 
_struct_asym.details 
A N N 1 ? 
B N N 1 ? 
C N N 2 ? 
D N N 3 ? 
E N N 4 ? 
F N N 4 ? 
G N N 4 ? 
# 
loop_
_struct_ref.id 
_struct_ref.db_code 
_struct_ref.db_name 
_struct_ref.entity_id 
_struct_ref.pdbx_db_accession 
_struct_ref.pdbx_align_begin 
_struct_ref.pdbx_seq_one_letter_code 
_struct_ref.pdbx_db_isoform 
1 GRB2_HUMAN UNP 1 P62993 ? ? ? 
2 VAV_MOUSE  UNP 2 P27870 ? ? ? 
# 
loop_
_struct_ref_seq.align_id 
_struct_ref_seq.ref_id 
_struct_ref_seq.pdbx_PDB_id_code 
_struct_ref_seq.pdbx_strand_id 
_struct_ref_seq.seq_align_beg 
_struct_ref_seq.pdbx_seq_align_beg_ins_code 
_struct_ref_seq.seq_align_end 
_struct_ref_seq.pdbx_seq_align_end_ins_code 
_struct_ref_seq.pdbx_db_accession 
_struct_ref_seq.db_align_beg 
_struct_ref_seq.pdbx_db_align_beg_ins_code 
_struct_ref_seq.db_align_end 
_struct_ref_seq.pdbx_db_align_end_ins_code 
_struct_ref_seq.pdbx_auth_seq_align_beg 
_struct_ref_seq.pdbx_auth_seq_align_end 
1 1 1GCQ A 3 ? 61 ? P62993 159 ? 217 ? 159 217 
2 1 1GCQ B 3 ? 61 ? P62993 159 ? 217 ? 159 217 
3 2 1GCQ C 5 ? 70 ? P27870 595 ? 660 ? 595 660 
# 
loop_
_struct_ref_seq_dif.align_id 
_struct_ref_seq_dif.pdbx_pdb_id_code 
_struct_ref_seq_dif.mon_id 
_struct_ref_seq_dif.pdbx_pdb_strand_id 
_struct_ref_seq_dif.seq_num 
_struct_ref_seq_dif.pdbx_pdb_ins_code 
_struct_ref_seq_dif.pdbx_seq_db_name 
_struct_ref_seq_dif.pdbx_seq_db_accession_code 
_struct_ref_seq_dif.db_mon_id 
_struct_ref_seq_dif.pdbx_seq_db_seq_num 
_struct_ref_seq_dif.details 
_struct_ref_seq_dif.pdbx_auth_seq_num 
_struct_ref_seq_dif.pdbx_ordinal 
1 1GCQ GLY A 1 ? UNP P62993 ? ? 'cloning artifact' 157 1 
1 1GCQ SER A 2 ? UNP P62993 ? ? 'cloning artifact' 158 2 
2 1GCQ GLY B 1 ? UNP P62993 ? ? 'cloning artifact' 157 3 
2 1GCQ SER B 2 ? UNP P62993 ? ? 'cloning artifact' 158 4 
3 1GCQ GLY C 1 ? UNP P27870 ? ? 'cloning artifact' 591 5 
3 1GCQ SER C 2 ? UNP P27870 ? ? 'cloning artifact' 592 6 
3 1GCQ HIS C 3 ? UNP P27870 ? ? 'cloning artifact' 593 7 
3 1GCQ MET C 4 ? UNP P27870 ? ? 'cloning artifact' 594 8 
# 
_pdbx_struct_assembly.id                   1 
_pdbx_struct_assembly.details              author_defined_assembly 
_pdbx_struct_assembly.method_details       ? 
_pdbx_struct_assembly.oligomeric_details   trimeric 
_pdbx_struct_assembly.oligomeric_count     3 
# 
_pdbx_struct_assembly_gen.assembly_id       1 
_pdbx_struct_assembly_gen.oper_expression   1 
_pdbx_struct_assembly_gen.asym_id_list      A,B,C,D,E,F,G 
# 
_pdbx_struct_oper_list.id                   1 
_pdbx_struct_oper_list.type                 'identity operation' 
_pdbx_struct_oper_list.name                 1_555 
_pdbx_struct_oper_list.symmetry_operation   x,y,z 
_pdbx_struct_oper_list.matrix[1][1]         1.0000000000 
_pdbx_struct_oper_list.matrix[1][2]         0.0000000000 
_pdbx_struct_oper_list.matrix[1][3]         0.0000000000 
_pdbx_struct_oper_list.vector[1]            0.0000000000 
_pdbx_struct_oper_list.matrix[2][1]         0.0000000000 
_pdbx_struct_oper_list.matrix[2][2]         1.0000000000 
_pdbx_struct_oper_list.matrix[2][3]         0.0000000000 
_pdbx_struct_oper_list.vector[2]            0.0000000000 
_pdbx_struct_oper_list.matrix[3][1]         0.0000000000 
_pdbx_struct_oper_list.matrix[3][2]         0.0000000000 
_pdbx_struct_oper_list.matrix[3][3]         1.0000000000 
_pdbx_struct_oper_list.vector[3]            0.0000000000 
# 
_struct_biol.id                    1 
_struct_biol.pdbx_parent_biol_id   ? 
_struct_biol.details               ? 
# 
_struct_conf.conf_type_id            HELX_P 
_struct_conf.id                      HELX_P1 
_struct_conf.pdbx_PDB_helix_id       1 
_struct_conf.beg_label_comp_id       PRO 
_struct_conf.beg_label_asym_id       C 
_struct_conf.beg_label_seq_id        19 
_struct_conf.pdbx_beg_PDB_ins_code   ? 
_struct_conf.end_label_comp_id       PHE 
_struct_conf.end_label_asym_id       C 
_struct_conf.end_label_seq_id        23 
_struct_conf.pdbx_end_PDB_ins_code   ? 
_struct_conf.beg_auth_comp_id        PRO 
_struct_conf.beg_auth_asym_id        C 
_struct_conf.beg_auth_seq_id         609 
_struct_conf.end_auth_comp_id        PHE 
_struct_conf.end_auth_asym_id        C 
_struct_conf.end_auth_seq_id         613 
_struct_conf.pdbx_PDB_helix_class    5 
_struct_conf.details                 ? 
_struct_conf.pdbx_PDB_helix_length   5 
# 
_struct_conf_type.id          HELX_P 
_struct_conf_type.criteria    ? 
_struct_conf_type.reference   ? 
# 
_struct_mon_prot_cis.pdbx_id                1 
_struct_mon_prot_cis.label_comp_id          ILE 
_struct_mon_prot_cis.label_seq_id           16 
_struct_mon_prot_cis.label_asym_id          C 
_struct_mon_prot_cis.label_alt_id           . 
_struct_mon_prot_cis.pdbx_PDB_ins_code      ? 
_struct_mon_prot_cis.auth_comp_id           ILE 
_struct_mon_prot_cis.auth_seq_id            606 
_struct_mon_prot_cis.auth_asym_id           C 
_struct_mon_prot_cis.pdbx_label_comp_id_2   PRO 
_struct_mon_prot_cis.pdbx_label_seq_id_2    17 
_struct_mon_prot_cis.pdbx_label_asym_id_2   C 
_struct_mon_prot_cis.pdbx_PDB_ins_code_2    ? 
_struct_mon_prot_cis.pdbx_auth_comp_id_2    PRO 
_struct_mon_prot_cis.pdbx_auth_seq_id_2     607 
_struct_mon_prot_cis.pdbx_auth_asym_id_2    C 
_struct_mon_prot_cis.pdbx_PDB_model_num     1 
_struct_mon_prot_cis.pdbx_omega_angle       -1.13 
# 
loop_
_struct_sheet.id 
_struct_sheet.type 
_struct_sheet.number_strands 
_struct_sheet.details 
A ? 5 ? 
B ? 5 ? 
C ? 5 ? 
# 
loop_
_struct_sheet_order.sheet_id 
_struct_sheet_order.range_id_1 
_struct_sheet_order.range_id_2 
_struct_sheet_order.offset 
_struct_sheet_order.sense 
A 1 2 ? anti-parallel 
A 2 3 ? anti-parallel 
A 3 4 ? anti-parallel 
A 4 5 ? anti-parallel 
B 1 2 ? anti-parallel 
B 2 3 ? anti-parallel 
B 3 4 ? anti-parallel 
B 4 5 ? anti-parallel 
C 1 2 ? anti-parallel 
C 2 3 ? anti-parallel 
C 3 4 ? anti-parallel 
C 4 5 ? anti-parallel 
# 
loop_
_struct_sheet_range.sheet_id 
_struct_sheet_range.id 
_struct_sheet_range.beg_label_comp_id 
_struct_sheet_range.beg_label_asym_id 
_struct_sheet_range.beg_label_seq_id 
_struct_sheet_range.pdbx_beg_PDB_ins_code 
_struct_sheet_range.end_label_comp_id 
_struct_sheet_range.end_label_asym_id 
_struct_sheet_range.end_label_seq_id 
_struct_sheet_range.pdbx_end_PDB_ins_code 
_struct_sheet_range.beg_auth_comp_id 
_struct_sheet_range.beg_auth_asym_id 
_struct_sheet_range.beg_auth_seq_id 
_struct_sheet_range.end_auth_comp_id 
_struct_sheet_range.end_auth_asym_id 
_struct_sheet_range.end_auth_seq_id 
A 1 GLN A 45 ? PRO A 50 ? GLN A 201 PRO A 206 
A 2 TRP A 37 ? CYS A 42 ? TRP A 193 CYS A 198 
A 3 PHE A 26 ? ASP A 31 ? PHE A 182 ASP A 187 
A 4 THR A 3  ? ALA A 7  ? THR A 159 ALA A 163 
A 5 VAL A 54 ? VAL A 57 ? VAL A 210 VAL A 213 
B 1 GLN B 45 ? PRO B 50 ? GLN B 201 PRO B 206 
B 2 TRP B 37 ? CYS B 42 ? TRP B 193 CYS B 198 
B 3 PHE B 26 ? ASP B 31 ? PHE B 182 ASP B 187 
B 4 TYR B 4  ? ALA B 7  ? TYR B 160 ALA B 163 
B 5 VAL B 54 ? PRO B 56 ? VAL B 210 PRO B 212 
C 1 VAL C 57 ? PRO C 61 ? VAL C 647 PRO C 651 
C 2 TRP C 46 ? ASN C 51 ? TRP C 636 ASN C 641 
C 3 ILE C 34 ? LYS C 39 ? ILE C 624 LYS C 629 
C 4 LYS C 6  ? VAL C 9  ? LYS C 596 VAL C 599 
C 5 VAL C 65 ? PRO C 67 ? VAL C 655 PRO C 657 
# 
loop_
_pdbx_struct_sheet_hbond.sheet_id 
_pdbx_struct_sheet_hbond.range_id_1 
_pdbx_struct_sheet_hbond.range_id_2 
_pdbx_struct_sheet_hbond.range_1_label_atom_id 
_pdbx_struct_sheet_hbond.range_1_label_comp_id 
_pdbx_struct_sheet_hbond.range_1_label_asym_id 
_pdbx_struct_sheet_hbond.range_1_label_seq_id 
_pdbx_struct_sheet_hbond.range_1_PDB_ins_code 
_pdbx_struct_sheet_hbond.range_1_auth_atom_id 
_pdbx_struct_sheet_hbond.range_1_auth_comp_id 
_pdbx_struct_sheet_hbond.range_1_auth_asym_id 
_pdbx_struct_sheet_hbond.range_1_auth_seq_id 
_pdbx_struct_sheet_hbond.range_2_label_atom_id 
_pdbx_struct_sheet_hbond.range_2_label_comp_id 
_pdbx_struct_sheet_hbond.range_2_label_asym_id 
_pdbx_struct_sheet_hbond.range_2_label_seq_id 
_pdbx_struct_sheet_hbond.range_2_PDB_ins_code 
_pdbx_struct_sheet_hbond.range_2_auth_atom_id 
_pdbx_struct_sheet_hbond.range_2_auth_comp_id 
_pdbx_struct_sheet_hbond.range_2_auth_asym_id 
_pdbx_struct_sheet_hbond.range_2_auth_seq_id 
A 1 2 N PHE A 49 ? N PHE A 205 O TRP A 38 ? O TRP A 194 
A 2 3 O ALA A 41 ? O ALA A 197 N HIS A 28 ? N HIS A 184 
A 3 4 N VAL A 29 ? N VAL A 185 O THR A 3  ? O THR A 159 
A 4 5 N GLN A 6  ? N GLN A 162 O THR A 55 ? O THR A 211 
B 1 2 O PHE B 49 ? O PHE B 205 N TRP B 38 ? N TRP B 194 
B 2 3 O ALA B 41 ? O ALA B 197 N HIS B 28 ? N HIS B 184 
B 3 4 N ILE B 27 ? N ILE B 183 O VAL B 5  ? O VAL B 161 
B 4 5 N GLN B 6  ? N GLN B 162 O THR B 55 ? O THR B 211 
C 1 2 O PHE C 60 ? O PHE C 650 N TRP C 47 ? N TRP C 637 
C 2 3 O ARG C 50 ? O ARG C 640 N GLU C 36 ? N GLU C 626 
C 3 4 O VAL C 35 ? O VAL C 625 N MET C 7  ? N MET C 597 
C 4 5 N GLU C 8  ? N GLU C 598 O HIS C 66 ? O HIS C 656 
# 
_struct_site.id                   AC1 
_struct_site.pdbx_evidence_code   Software 
_struct_site.pdbx_auth_asym_id    A 
_struct_site.pdbx_auth_comp_id    MRD 
_struct_site.pdbx_auth_seq_id     218 
_struct_site.pdbx_auth_ins_code   ? 
_struct_site.pdbx_num_residues    7 
_struct_site.details              'BINDING SITE FOR RESIDUE MRD A 218' 
# 
loop_
_struct_site_gen.id 
_struct_site_gen.site_id 
_struct_site_gen.pdbx_num_res 
_struct_site_gen.label_comp_id 
_struct_site_gen.label_asym_id 
_struct_site_gen.label_seq_id 
_struct_site_gen.pdbx_auth_ins_code 
_struct_site_gen.auth_comp_id 
_struct_site_gen.auth_asym_id 
_struct_site_gen.auth_seq_id 
_struct_site_gen.label_atom_id 
_struct_site_gen.label_alt_id 
_struct_site_gen.symmetry 
_struct_site_gen.details 
1 AC1 7 ALA A 41 ? ALA A 197 . ? 1_555 ? 
2 AC1 7 CYS A 42 ? CYS A 198 . ? 1_555 ? 
3 AC1 7 HIS A 43 ? HIS A 199 . ? 1_555 ? 
4 AC1 7 GLY A 44 ? GLY A 200 . ? 1_555 ? 
5 AC1 7 HOH E .  ? HOH A 227 . ? 1_555 ? 
6 AC1 7 HOH G .  ? HOH C 56  . ? 6_555 ? 
7 AC1 7 ILE C 34 ? ILE C 624 . ? 6_555 ? 
# 
_pdbx_validate_torsion.id              1 
_pdbx_validate_torsion.PDB_model_num   1 
_pdbx_validate_torsion.auth_comp_id    SER 
_pdbx_validate_torsion.auth_asym_id    C 
_pdbx_validate_torsion.auth_seq_id     592 
_pdbx_validate_torsion.PDB_ins_code    ? 
_pdbx_validate_torsion.label_alt_id    ? 
_pdbx_validate_torsion.phi             -164.57 
_pdbx_validate_torsion.psi             -166.06 
# 
loop_
_pdbx_unobs_or_zero_occ_residues.id 
_pdbx_unobs_or_zero_occ_residues.PDB_model_num 
_pdbx_unobs_or_zero_occ_residues.polymer_flag 
_pdbx_unobs_or_zero_occ_residues.occupancy_flag 
_pdbx_unobs_or_zero_occ_residues.auth_asym_id 
_pdbx_unobs_or_zero_occ_residues.auth_comp_id 
_pdbx_unobs_or_zero_occ_residues.auth_seq_id 
_pdbx_unobs_or_zero_occ_residues.PDB_ins_code 
_pdbx_unobs_or_zero_occ_residues.label_asym_id 
_pdbx_unobs_or_zero_occ_residues.label_comp_id 
_pdbx_unobs_or_zero_occ_residues.label_seq_id 
1  1 Y 1 A GLY 157 ? A GLY 1  
2  1 Y 1 A ASN 214 ? A ASN 58 
3  1 Y 1 A ARG 215 ? A ARG 59 
4  1 Y 1 A ASN 216 ? A ASN 60 
5  1 Y 1 A VAL 217 ? A VAL 61 
6  1 Y 1 B GLY 157 ? B GLY 1  
7  1 Y 1 B SER 158 ? B SER 2  
8  1 Y 1 B ASN 216 ? B ASN 60 
9  1 Y 1 B VAL 217 ? B VAL 61 
10 1 Y 1 C HIS 660 ? C HIS 70 
# 
loop_
_chem_comp_atom.comp_id 
_chem_comp_atom.atom_id 
_chem_comp_atom.type_symbol 
_chem_comp_atom.pdbx_aromatic_flag 
_chem_comp_atom.pdbx_stereo_config 
_chem_comp_atom.pdbx_ordinal 
ALA N    N N N 1   
ALA CA   C N S 2   
ALA C    C N N 3   
ALA O    O N N 4   
ALA CB   C N N 5   
ALA OXT  O N N 6   
ALA H    H N N 7   
ALA H2   H N N 8   
ALA HA   H N N 9   
ALA HB1  H N N 10  
ALA HB2  H N N 11  
ALA HB3  H N N 12  
ALA HXT  H N N 13  
ARG N    N N N 14  
ARG CA   C N S 15  
ARG C    C N N 16  
ARG O    O N N 17  
ARG CB   C N N 18  
ARG CG   C N N 19  
ARG CD   C N N 20  
ARG NE   N N N 21  
ARG CZ   C N N 22  
ARG NH1  N N N 23  
ARG NH2  N N N 24  
ARG OXT  O N N 25  
ARG H    H N N 26  
ARG H2   H N N 27  
ARG HA   H N N 28  
ARG HB2  H N N 29  
ARG HB3  H N N 30  
ARG HG2  H N N 31  
ARG HG3  H N N 32  
ARG HD2  H N N 33  
ARG HD3  H N N 34  
ARG HE   H N N 35  
ARG HH11 H N N 36  
ARG HH12 H N N 37  
ARG HH21 H N N 38  
ARG HH22 H N N 39  
ARG HXT  H N N 40  
ASN N    N N N 41  
ASN CA   C N S 42  
ASN C    C N N 43  
ASN O    O N N 44  
ASN CB   C N N 45  
ASN CG   C N N 46  
ASN OD1  O N N 47  
ASN ND2  N N N 48  
ASN OXT  O N N 49  
ASN H    H N N 50  
ASN H2   H N N 51  
ASN HA   H N N 52  
ASN HB2  H N N 53  
ASN HB3  H N N 54  
ASN HD21 H N N 55  
ASN HD22 H N N 56  
ASN HXT  H N N 57  
ASP N    N N N 58  
ASP CA   C N S 59  
ASP C    C N N 60  
ASP O    O N N 61  
ASP CB   C N N 62  
ASP CG   C N N 63  
ASP OD1  O N N 64  
ASP OD2  O N N 65  
ASP OXT  O N N 66  
ASP H    H N N 67  
ASP H2   H N N 68  
ASP HA   H N N 69  
ASP HB2  H N N 70  
ASP HB3  H N N 71  
ASP HD2  H N N 72  
ASP HXT  H N N 73  
CYS N    N N N 74  
CYS CA   C N R 75  
CYS C    C N N 76  
CYS O    O N N 77  
CYS CB   C N N 78  
CYS SG   S N N 79  
CYS OXT  O N N 80  
CYS H    H N N 81  
CYS H2   H N N 82  
CYS HA   H N N 83  
CYS HB2  H N N 84  
CYS HB3  H N N 85  
CYS HG   H N N 86  
CYS HXT  H N N 87  
GLN N    N N N 88  
GLN CA   C N S 89  
GLN C    C N N 90  
GLN O    O N N 91  
GLN CB   C N N 92  
GLN CG   C N N 93  
GLN CD   C N N 94  
GLN OE1  O N N 95  
GLN NE2  N N N 96  
GLN OXT  O N N 97  
GLN H    H N N 98  
GLN H2   H N N 99  
GLN HA   H N N 100 
GLN HB2  H N N 101 
GLN HB3  H N N 102 
GLN HG2  H N N 103 
GLN HG3  H N N 104 
GLN HE21 H N N 105 
GLN HE22 H N N 106 
GLN HXT  H N N 107 
GLU N    N N N 108 
GLU CA   C N S 109 
GLU C    C N N 110 
GLU O    O N N 111 
GLU CB   C N N 112 
GLU CG   C N N 113 
GLU CD   C N N 114 
GLU OE1  O N N 115 
GLU OE2  O N N 116 
GLU OXT  O N N 117 
GLU H    H N N 118 
GLU H2   H N N 119 
GLU HA   H N N 120 
GLU HB2  H N N 121 
GLU HB3  H N N 122 
GLU HG2  H N N 123 
GLU HG3  H N N 124 
GLU HE2  H N N 125 
GLU HXT  H N N 126 
GLY N    N N N 127 
GLY CA   C N N 128 
GLY C    C N N 129 
GLY O    O N N 130 
GLY OXT  O N N 131 
GLY H    H N N 132 
GLY H2   H N N 133 
GLY HA2  H N N 134 
GLY HA3  H N N 135 
GLY HXT  H N N 136 
HIS N    N N N 137 
HIS CA   C N S 138 
HIS C    C N N 139 
HIS O    O N N 140 
HIS CB   C N N 141 
HIS CG   C Y N 142 
HIS ND1  N Y N 143 
HIS CD2  C Y N 144 
HIS CE1  C Y N 145 
HIS NE2  N Y N 146 
HIS OXT  O N N 147 
HIS H    H N N 148 
HIS H2   H N N 149 
HIS HA   H N N 150 
HIS HB2  H N N 151 
HIS HB3  H N N 152 
HIS HD1  H N N 153 
HIS HD2  H N N 154 
HIS HE1  H N N 155 
HIS HE2  H N N 156 
HIS HXT  H N N 157 
HOH O    O N N 158 
HOH H1   H N N 159 
HOH H2   H N N 160 
ILE N    N N N 161 
ILE CA   C N S 162 
ILE C    C N N 163 
ILE O    O N N 164 
ILE CB   C N S 165 
ILE CG1  C N N 166 
ILE CG2  C N N 167 
ILE CD1  C N N 168 
ILE OXT  O N N 169 
ILE H    H N N 170 
ILE H2   H N N 171 
ILE HA   H N N 172 
ILE HB   H N N 173 
ILE HG12 H N N 174 
ILE HG13 H N N 175 
ILE HG21 H N N 176 
ILE HG22 H N N 177 
ILE HG23 H N N 178 
ILE HD11 H N N 179 
ILE HD12 H N N 180 
ILE HD13 H N N 181 
ILE HXT  H N N 182 
LEU N    N N N 183 
LEU CA   C N S 184 
LEU C    C N N 185 
LEU O    O N N 186 
LEU CB   C N N 187 
LEU CG   C N N 188 
LEU CD1  C N N 189 
LEU CD2  C N N 190 
LEU OXT  O N N 191 
LEU H    H N N 192 
LEU H2   H N N 193 
LEU HA   H N N 194 
LEU HB2  H N N 195 
LEU HB3  H N N 196 
LEU HG   H N N 197 
LEU HD11 H N N 198 
LEU HD12 H N N 199 
LEU HD13 H N N 200 
LEU HD21 H N N 201 
LEU HD22 H N N 202 
LEU HD23 H N N 203 
LEU HXT  H N N 204 
LYS N    N N N 205 
LYS CA   C N S 206 
LYS C    C N N 207 
LYS O    O N N 208 
LYS CB   C N N 209 
LYS CG   C N N 210 
LYS CD   C N N 211 
LYS CE   C N N 212 
LYS NZ   N N N 213 
LYS OXT  O N N 214 
LYS H    H N N 215 
LYS H2   H N N 216 
LYS HA   H N N 217 
LYS HB2  H N N 218 
LYS HB3  H N N 219 
LYS HG2  H N N 220 
LYS HG3  H N N 221 
LYS HD2  H N N 222 
LYS HD3  H N N 223 
LYS HE2  H N N 224 
LYS HE3  H N N 225 
LYS HZ1  H N N 226 
LYS HZ2  H N N 227 
LYS HZ3  H N N 228 
LYS HXT  H N N 229 
MET N    N N N 230 
MET CA   C N S 231 
MET C    C N N 232 
MET O    O N N 233 
MET CB   C N N 234 
MET CG   C N N 235 
MET SD   S N N 236 
MET CE   C N N 237 
MET OXT  O N N 238 
MET H    H N N 239 
MET H2   H N N 240 
MET HA   H N N 241 
MET HB2  H N N 242 
MET HB3  H N N 243 
MET HG2  H N N 244 
MET HG3  H N N 245 
MET HE1  H N N 246 
MET HE2  H N N 247 
MET HE3  H N N 248 
MET HXT  H N N 249 
MRD C1   C N N 250 
MRD C2   C N N 251 
MRD O2   O N N 252 
MRD CM   C N N 253 
MRD C3   C N N 254 
MRD C4   C N R 255 
MRD O4   O N N 256 
MRD C5   C N N 257 
MRD H1C1 H N N 258 
MRD H1C2 H N N 259 
MRD H1C3 H N N 260 
MRD H2   H N N 261 
MRD HMC1 H N N 262 
MRD HMC2 H N N 263 
MRD HMC3 H N N 264 
MRD H3C1 H N N 265 
MRD H3C2 H N N 266 
MRD H4   H N N 267 
MRD HA   H N N 268 
MRD H5C1 H N N 269 
MRD H5C2 H N N 270 
MRD H5C3 H N N 271 
PHE N    N N N 272 
PHE CA   C N S 273 
PHE C    C N N 274 
PHE O    O N N 275 
PHE CB   C N N 276 
PHE CG   C Y N 277 
PHE CD1  C Y N 278 
PHE CD2  C Y N 279 
PHE CE1  C Y N 280 
PHE CE2  C Y N 281 
PHE CZ   C Y N 282 
PHE OXT  O N N 283 
PHE H    H N N 284 
PHE H2   H N N 285 
PHE HA   H N N 286 
PHE HB2  H N N 287 
PHE HB3  H N N 288 
PHE HD1  H N N 289 
PHE HD2  H N N 290 
PHE HE1  H N N 291 
PHE HE2  H N N 292 
PHE HZ   H N N 293 
PHE HXT  H N N 294 
PRO N    N N N 295 
PRO CA   C N S 296 
PRO C    C N N 297 
PRO O    O N N 298 
PRO CB   C N N 299 
PRO CG   C N N 300 
PRO CD   C N N 301 
PRO OXT  O N N 302 
PRO H    H N N 303 
PRO HA   H N N 304 
PRO HB2  H N N 305 
PRO HB3  H N N 306 
PRO HG2  H N N 307 
PRO HG3  H N N 308 
PRO HD2  H N N 309 
PRO HD3  H N N 310 
PRO HXT  H N N 311 
SER N    N N N 312 
SER CA   C N S 313 
SER C    C N N 314 
SER O    O N N 315 
SER CB   C N N 316 
SER OG   O N N 317 
SER OXT  O N N 318 
SER H    H N N 319 
SER H2   H N N 320 
SER HA   H N N 321 
SER HB2  H N N 322 
SER HB3  H N N 323 
SER HG   H N N 324 
SER HXT  H N N 325 
THR N    N N N 326 
THR CA   C N S 327 
THR C    C N N 328 
THR O    O N N 329 
THR CB   C N R 330 
THR OG1  O N N 331 
THR CG2  C N N 332 
THR OXT  O N N 333 
THR H    H N N 334 
THR H2   H N N 335 
THR HA   H N N 336 
THR HB   H N N 337 
THR HG1  H N N 338 
THR HG21 H N N 339 
THR HG22 H N N 340 
THR HG23 H N N 341 
THR HXT  H N N 342 
TRP N    N N N 343 
TRP CA   C N S 344 
TRP C    C N N 345 
TRP O    O N N 346 
TRP CB   C N N 347 
TRP CG   C Y N 348 
TRP CD1  C Y N 349 
TRP CD2  C Y N 350 
TRP NE1  N Y N 351 
TRP CE2  C Y N 352 
TRP CE3  C Y N 353 
TRP CZ2  C Y N 354 
TRP CZ3  C Y N 355 
TRP CH2  C Y N 356 
TRP OXT  O N N 357 
TRP H    H N N 358 
TRP H2   H N N 359 
TRP HA   H N N 360 
TRP HB2  H N N 361 
TRP HB3  H N N 362 
TRP HD1  H N N 363 
TRP HE1  H N N 364 
TRP HE3  H N N 365 
TRP HZ2  H N N 366 
TRP HZ3  H N N 367 
TRP HH2  H N N 368 
TRP HXT  H N N 369 
TYR N    N N N 370 
TYR CA   C N S 371 
TYR C    C N N 372 
TYR O    O N N 373 
TYR CB   C N N 374 
TYR CG   C Y N 375 
TYR CD1  C Y N 376 
TYR CD2  C Y N 377 
TYR CE1  C Y N 378 
TYR CE2  C Y N 379 
TYR CZ   C Y N 380 
TYR OH   O N N 381 
TYR OXT  O N N 382 
TYR H    H N N 383 
TYR H2   H N N 384 
TYR HA   H N N 385 
TYR HB2  H N N 386 
TYR HB3  H N N 387 
TYR HD1  H N N 388 
TYR HD2  H N N 389 
TYR HE1  H N N 390 
TYR HE2  H N N 391 
TYR HH   H N N 392 
TYR HXT  H N N 393 
VAL N    N N N 394 
VAL CA   C N S 395 
VAL C    C N N 396 
VAL O    O N N 397 
VAL CB   C N N 398 
VAL CG1  C N N 399 
VAL CG2  C N N 400 
VAL OXT  O N N 401 
VAL H    H N N 402 
VAL H2   H N N 403 
VAL HA   H N N 404 
VAL HB   H N N 405 
VAL HG11 H N N 406 
VAL HG12 H N N 407 
VAL HG13 H N N 408 
VAL HG21 H N N 409 
VAL HG22 H N N 410 
VAL HG23 H N N 411 
VAL HXT  H N N 412 
# 
loop_
_chem_comp_bond.comp_id 
_chem_comp_bond.atom_id_1 
_chem_comp_bond.atom_id_2 
_chem_comp_bond.value_order 
_chem_comp_bond.pdbx_aromatic_flag 
_chem_comp_bond.pdbx_stereo_config 
_chem_comp_bond.pdbx_ordinal 
ALA N   CA   sing N N 1   
ALA N   H    sing N N 2   
ALA N   H2   sing N N 3   
ALA CA  C    sing N N 4   
ALA CA  CB   sing N N 5   
ALA CA  HA   sing N N 6   
ALA C   O    doub N N 7   
ALA C   OXT  sing N N 8   
ALA CB  HB1  sing N N 9   
ALA CB  HB2  sing N N 10  
ALA CB  HB3  sing N N 11  
ALA OXT HXT  sing N N 12  
ARG N   CA   sing N N 13  
ARG N   H    sing N N 14  
ARG N   H2   sing N N 15  
ARG CA  C    sing N N 16  
ARG CA  CB   sing N N 17  
ARG CA  HA   sing N N 18  
ARG C   O    doub N N 19  
ARG C   OXT  sing N N 20  
ARG CB  CG   sing N N 21  
ARG CB  HB2  sing N N 22  
ARG CB  HB3  sing N N 23  
ARG CG  CD   sing N N 24  
ARG CG  HG2  sing N N 25  
ARG CG  HG3  sing N N 26  
ARG CD  NE   sing N N 27  
ARG CD  HD2  sing N N 28  
ARG CD  HD3  sing N N 29  
ARG NE  CZ   sing N N 30  
ARG NE  HE   sing N N 31  
ARG CZ  NH1  sing N N 32  
ARG CZ  NH2  doub N N 33  
ARG NH1 HH11 sing N N 34  
ARG NH1 HH12 sing N N 35  
ARG NH2 HH21 sing N N 36  
ARG NH2 HH22 sing N N 37  
ARG OXT HXT  sing N N 38  
ASN N   CA   sing N N 39  
ASN N   H    sing N N 40  
ASN N   H2   sing N N 41  
ASN CA  C    sing N N 42  
ASN CA  CB   sing N N 43  
ASN CA  HA   sing N N 44  
ASN C   O    doub N N 45  
ASN C   OXT  sing N N 46  
ASN CB  CG   sing N N 47  
ASN CB  HB2  sing N N 48  
ASN CB  HB3  sing N N 49  
ASN CG  OD1  doub N N 50  
ASN CG  ND2  sing N N 51  
ASN ND2 HD21 sing N N 52  
ASN ND2 HD22 sing N N 53  
ASN OXT HXT  sing N N 54  
ASP N   CA   sing N N 55  
ASP N   H    sing N N 56  
ASP N   H2   sing N N 57  
ASP CA  C    sing N N 58  
ASP CA  CB   sing N N 59  
ASP CA  HA   sing N N 60  
ASP C   O    doub N N 61  
ASP C   OXT  sing N N 62  
ASP CB  CG   sing N N 63  
ASP CB  HB2  sing N N 64  
ASP CB  HB3  sing N N 65  
ASP CG  OD1  doub N N 66  
ASP CG  OD2  sing N N 67  
ASP OD2 HD2  sing N N 68  
ASP OXT HXT  sing N N 69  
CYS N   CA   sing N N 70  
CYS N   H    sing N N 71  
CYS N   H2   sing N N 72  
CYS CA  C    sing N N 73  
CYS CA  CB   sing N N 74  
CYS CA  HA   sing N N 75  
CYS C   O    doub N N 76  
CYS C   OXT  sing N N 77  
CYS CB  SG   sing N N 78  
CYS CB  HB2  sing N N 79  
CYS CB  HB3  sing N N 80  
CYS SG  HG   sing N N 81  
CYS OXT HXT  sing N N 82  
GLN N   CA   sing N N 83  
GLN N   H    sing N N 84  
GLN N   H2   sing N N 85  
GLN CA  C    sing N N 86  
GLN CA  CB   sing N N 87  
GLN CA  HA   sing N N 88  
GLN C   O    doub N N 89  
GLN C   OXT  sing N N 90  
GLN CB  CG   sing N N 91  
GLN CB  HB2  sing N N 92  
GLN CB  HB3  sing N N 93  
GLN CG  CD   sing N N 94  
GLN CG  HG2  sing N N 95  
GLN CG  HG3  sing N N 96  
GLN CD  OE1  doub N N 97  
GLN CD  NE2  sing N N 98  
GLN NE2 HE21 sing N N 99  
GLN NE2 HE22 sing N N 100 
GLN OXT HXT  sing N N 101 
GLU N   CA   sing N N 102 
GLU N   H    sing N N 103 
GLU N   H2   sing N N 104 
GLU CA  C    sing N N 105 
GLU CA  CB   sing N N 106 
GLU CA  HA   sing N N 107 
GLU C   O    doub N N 108 
GLU C   OXT  sing N N 109 
GLU CB  CG   sing N N 110 
GLU CB  HB2  sing N N 111 
GLU CB  HB3  sing N N 112 
GLU CG  CD   sing N N 113 
GLU CG  HG2  sing N N 114 
GLU CG  HG3  sing N N 115 
GLU CD  OE1  doub N N 116 
GLU CD  OE2  sing N N 117 
GLU OE2 HE2  sing N N 118 
GLU OXT HXT  sing N N 119 
GLY N   CA   sing N N 120 
GLY N   H    sing N N 121 
GLY N   H2   sing N N 122 
GLY CA  C    sing N N 123 
GLY CA  HA2  sing N N 124 
GLY CA  HA3  sing N N 125 
GLY C   O    doub N N 126 
GLY C   OXT  sing N N 127 
GLY OXT HXT  sing N N 128 
HIS N   CA   sing N N 129 
HIS N   H    sing N N 130 
HIS N   H2   sing N N 131 
HIS CA  C    sing N N 132 
HIS CA  CB   sing N N 133 
HIS CA  HA   sing N N 134 
HIS C   O    doub N N 135 
HIS C   OXT  sing N N 136 
HIS CB  CG   sing N N 137 
HIS CB  HB2  sing N N 138 
HIS CB  HB3  sing N N 139 
HIS CG  ND1  sing Y N 140 
HIS CG  CD2  doub Y N 141 
HIS ND1 CE1  doub Y N 142 
HIS ND1 HD1  sing N N 143 
HIS CD2 NE2  sing Y N 144 
HIS CD2 HD2  sing N N 145 
HIS CE1 NE2  sing Y N 146 
HIS CE1 HE1  sing N N 147 
HIS NE2 HE2  sing N N 148 
HIS OXT HXT  sing N N 149 
HOH O   H1   sing N N 150 
HOH O   H2   sing N N 151 
ILE N   CA   sing N N 152 
ILE N   H    sing N N 153 
ILE N   H2   sing N N 154 
ILE CA  C    sing N N 155 
ILE CA  CB   sing N N 156 
ILE CA  HA   sing N N 157 
ILE C   O    doub N N 158 
ILE C   OXT  sing N N 159 
ILE CB  CG1  sing N N 160 
ILE CB  CG2  sing N N 161 
ILE CB  HB   sing N N 162 
ILE CG1 CD1  sing N N 163 
ILE CG1 HG12 sing N N 164 
ILE CG1 HG13 sing N N 165 
ILE CG2 HG21 sing N N 166 
ILE CG2 HG22 sing N N 167 
ILE CG2 HG23 sing N N 168 
ILE CD1 HD11 sing N N 169 
ILE CD1 HD12 sing N N 170 
ILE CD1 HD13 sing N N 171 
ILE OXT HXT  sing N N 172 
LEU N   CA   sing N N 173 
LEU N   H    sing N N 174 
LEU N   H2   sing N N 175 
LEU CA  C    sing N N 176 
LEU CA  CB   sing N N 177 
LEU CA  HA   sing N N 178 
LEU C   O    doub N N 179 
LEU C   OXT  sing N N 180 
LEU CB  CG   sing N N 181 
LEU CB  HB2  sing N N 182 
LEU CB  HB3  sing N N 183 
LEU CG  CD1  sing N N 184 
LEU CG  CD2  sing N N 185 
LEU CG  HG   sing N N 186 
LEU CD1 HD11 sing N N 187 
LEU CD1 HD12 sing N N 188 
LEU CD1 HD13 sing N N 189 
LEU CD2 HD21 sing N N 190 
LEU CD2 HD22 sing N N 191 
LEU CD2 HD23 sing N N 192 
LEU OXT HXT  sing N N 193 
LYS N   CA   sing N N 194 
LYS N   H    sing N N 195 
LYS N   H2   sing N N 196 
LYS CA  C    sing N N 197 
LYS CA  CB   sing N N 198 
LYS CA  HA   sing N N 199 
LYS C   O    doub N N 200 
LYS C   OXT  sing N N 201 
LYS CB  CG   sing N N 202 
LYS CB  HB2  sing N N 203 
LYS CB  HB3  sing N N 204 
LYS CG  CD   sing N N 205 
LYS CG  HG2  sing N N 206 
LYS CG  HG3  sing N N 207 
LYS CD  CE   sing N N 208 
LYS CD  HD2  sing N N 209 
LYS CD  HD3  sing N N 210 
LYS CE  NZ   sing N N 211 
LYS CE  HE2  sing N N 212 
LYS CE  HE3  sing N N 213 
LYS NZ  HZ1  sing N N 214 
LYS NZ  HZ2  sing N N 215 
LYS NZ  HZ3  sing N N 216 
LYS OXT HXT  sing N N 217 
MET N   CA   sing N N 218 
MET N   H    sing N N 219 
MET N   H2   sing N N 220 
MET CA  C    sing N N 221 
MET CA  CB   sing N N 222 
MET CA  HA   sing N N 223 
MET C   O    doub N N 224 
MET C   OXT  sing N N 225 
MET CB  CG   sing N N 226 
MET CB  HB2  sing N N 227 
MET CB  HB3  sing N N 228 
MET CG  SD   sing N N 229 
MET CG  HG2  sing N N 230 
MET CG  HG3  sing N N 231 
MET SD  CE   sing N N 232 
MET CE  HE1  sing N N 233 
MET CE  HE2  sing N N 234 
MET CE  HE3  sing N N 235 
MET OXT HXT  sing N N 236 
MRD C1  C2   sing N N 237 
MRD C1  H1C1 sing N N 238 
MRD C1  H1C2 sing N N 239 
MRD C1  H1C3 sing N N 240 
MRD C2  O2   sing N N 241 
MRD C2  CM   sing N N 242 
MRD C2  C3   sing N N 243 
MRD O2  H2   sing N N 244 
MRD CM  HMC1 sing N N 245 
MRD CM  HMC2 sing N N 246 
MRD CM  HMC3 sing N N 247 
MRD C3  C4   sing N N 248 
MRD C3  H3C1 sing N N 249 
MRD C3  H3C2 sing N N 250 
MRD C4  O4   sing N N 251 
MRD C4  C5   sing N N 252 
MRD C4  H4   sing N N 253 
MRD O4  HA   sing N N 254 
MRD C5  H5C1 sing N N 255 
MRD C5  H5C2 sing N N 256 
MRD C5  H5C3 sing N N 257 
PHE N   CA   sing N N 258 
PHE N   H    sing N N 259 
PHE N   H2   sing N N 260 
PHE CA  C    sing N N 261 
PHE CA  CB   sing N N 262 
PHE CA  HA   sing N N 263 
PHE C   O    doub N N 264 
PHE C   OXT  sing N N 265 
PHE CB  CG   sing N N 266 
PHE CB  HB2  sing N N 267 
PHE CB  HB3  sing N N 268 
PHE CG  CD1  doub Y N 269 
PHE CG  CD2  sing Y N 270 
PHE CD1 CE1  sing Y N 271 
PHE CD1 HD1  sing N N 272 
PHE CD2 CE2  doub Y N 273 
PHE CD2 HD2  sing N N 274 
PHE CE1 CZ   doub Y N 275 
PHE CE1 HE1  sing N N 276 
PHE CE2 CZ   sing Y N 277 
PHE CE2 HE2  sing N N 278 
PHE CZ  HZ   sing N N 279 
PHE OXT HXT  sing N N 280 
PRO N   CA   sing N N 281 
PRO N   CD   sing N N 282 
PRO N   H    sing N N 283 
PRO CA  C    sing N N 284 
PRO CA  CB   sing N N 285 
PRO CA  HA   sing N N 286 
PRO C   O    doub N N 287 
PRO C   OXT  sing N N 288 
PRO CB  CG   sing N N 289 
PRO CB  HB2  sing N N 290 
PRO CB  HB3  sing N N 291 
PRO CG  CD   sing N N 292 
PRO CG  HG2  sing N N 293 
PRO CG  HG3  sing N N 294 
PRO CD  HD2  sing N N 295 
PRO CD  HD3  sing N N 296 
PRO OXT HXT  sing N N 297 
SER N   CA   sing N N 298 
SER N   H    sing N N 299 
SER N   H2   sing N N 300 
SER CA  C    sing N N 301 
SER CA  CB   sing N N 302 
SER CA  HA   sing N N 303 
SER C   O    doub N N 304 
SER C   OXT  sing N N 305 
SER CB  OG   sing N N 306 
SER CB  HB2  sing N N 307 
SER CB  HB3  sing N N 308 
SER OG  HG   sing N N 309 
SER OXT HXT  sing N N 310 
THR N   CA   sing N N 311 
THR N   H    sing N N 312 
THR N   H2   sing N N 313 
THR CA  C    sing N N 314 
THR CA  CB   sing N N 315 
THR CA  HA   sing N N 316 
THR C   O    doub N N 317 
THR C   OXT  sing N N 318 
THR CB  OG1  sing N N 319 
THR CB  CG2  sing N N 320 
THR CB  HB   sing N N 321 
THR OG1 HG1  sing N N 322 
THR CG2 HG21 sing N N 323 
THR CG2 HG22 sing N N 324 
THR CG2 HG23 sing N N 325 
THR OXT HXT  sing N N 326 
TRP N   CA   sing N N 327 
TRP N   H    sing N N 328 
TRP N   H2   sing N N 329 
TRP CA  C    sing N N 330 
TRP CA  CB   sing N N 331 
TRP CA  HA   sing N N 332 
TRP C   O    doub N N 333 
TRP C   OXT  sing N N 334 
TRP CB  CG   sing N N 335 
TRP CB  HB2  sing N N 336 
TRP CB  HB3  sing N N 337 
TRP CG  CD1  doub Y N 338 
TRP CG  CD2  sing Y N 339 
TRP CD1 NE1  sing Y N 340 
TRP CD1 HD1  sing N N 341 
TRP CD2 CE2  doub Y N 342 
TRP CD2 CE3  sing Y N 343 
TRP NE1 CE2  sing Y N 344 
TRP NE1 HE1  sing N N 345 
TRP CE2 CZ2  sing Y N 346 
TRP CE3 CZ3  doub Y N 347 
TRP CE3 HE3  sing N N 348 
TRP CZ2 CH2  doub Y N 349 
TRP CZ2 HZ2  sing N N 350 
TRP CZ3 CH2  sing Y N 351 
TRP CZ3 HZ3  sing N N 352 
TRP CH2 HH2  sing N N 353 
TRP OXT HXT  sing N N 354 
TYR N   CA   sing N N 355 
TYR N   H    sing N N 356 
TYR N   H2   sing N N 357 
TYR CA  C    sing N N 358 
TYR CA  CB   sing N N 359 
TYR CA  HA   sing N N 360 
TYR C   O    doub N N 361 
TYR C   OXT  sing N N 362 
TYR CB  CG   sing N N 363 
TYR CB  HB2  sing N N 364 
TYR CB  HB3  sing N N 365 
TYR CG  CD1  doub Y N 366 
TYR CG  CD2  sing Y N 367 
TYR CD1 CE1  sing Y N 368 
TYR CD1 HD1  sing N N 369 
TYR CD2 CE2  doub Y N 370 
TYR CD2 HD2  sing N N 371 
TYR CE1 CZ   doub Y N 372 
TYR CE1 HE1  sing N N 373 
TYR CE2 CZ   sing Y N 374 
TYR CE2 HE2  sing N N 375 
TYR CZ  OH   sing N N 376 
TYR OH  HH   sing N N 377 
TYR OXT HXT  sing N N 378 
VAL N   CA   sing N N 379 
VAL N   H    sing N N 380 
VAL N   H2   sing N N 381 
VAL CA  C    sing N N 382 
VAL CA  CB   sing N N 383 
VAL CA  HA   sing N N 384 
VAL C   O    doub N N 385 
VAL C   OXT  sing N N 386 
VAL CB  CG1  sing N N 387 
VAL CB  CG2  sing N N 388 
VAL CB  HB   sing N N 389 
VAL CG1 HG11 sing N N 390 
VAL CG1 HG12 sing N N 391 
VAL CG1 HG13 sing N N 392 
VAL CG2 HG21 sing N N 393 
VAL CG2 HG22 sing N N 394 
VAL CG2 HG23 sing N N 395 
VAL OXT HXT  sing N N 396 
# 
_atom_sites.entry_id                    1GCQ 
_atom_sites.fract_transf_matrix[1][1]   -0.01702111 
_atom_sites.fract_transf_matrix[1][2]   0.00700586 
_atom_sites.fract_transf_matrix[1][3]   0.00970855 
_atom_sites.fract_transf_matrix[2][1]   0.00095149 
_atom_sites.fract_transf_matrix[2][2]   0.00704753 
_atom_sites.fract_transf_matrix[2][3]   -0.00341746 
_atom_sites.fract_transf_matrix[3][1]   -0.00674483 
_atom_sites.fract_transf_matrix[3][2]   -0.00357319 
_atom_sites.fract_transf_matrix[3][3]   -0.00924661 
_atom_sites.fract_transf_vector[1]      0.278722 
_atom_sites.fract_transf_vector[2]      0.210290 
_atom_sites.fract_transf_vector[3]      0.484244 
# 
loop_
_atom_type.symbol 
C 
N 
O 
S 
# 
loop_
_atom_site.group_PDB 
_atom_site.id 
_atom_site.type_symbol 
_atom_site.label_atom_id 
_atom_site.label_alt_id 
_atom_site.label_comp_id 
_atom_site.label_asym_id 
_atom_site.label_entity_id 
_atom_site.label_seq_id 
_atom_site.pdbx_PDB_ins_code 
_atom_site.Cartn_x 
_atom_site.Cartn_y 
_atom_site.Cartn_z 
_atom_site.occupancy 
_atom_site.B_iso_or_equiv 
_atom_site.pdbx_formal_charge 
_atom_site.auth_seq_id 
_atom_site.auth_comp_id 
_atom_site.auth_asym_id 
_atom_site.auth_atom_id 
_atom_site.pdbx_PDB_model_num 
ATOM   1    N N   . SER A 1 2  ? -10.866 17.771  -26.568 1.00 51.00 ? 158 SER A N   1 
ATOM   2    C CA  . SER A 1 2  ? -9.521  17.359  -27.060 1.00 50.84 ? 158 SER A CA  1 
ATOM   3    C C   . SER A 1 2  ? -8.392  17.989  -26.231 1.00 48.69 ? 158 SER A C   1 
ATOM   4    O O   . SER A 1 2  ? -7.435  18.555  -26.783 1.00 50.11 ? 158 SER A O   1 
ATOM   5    C CB  . SER A 1 2  ? -9.385  17.744  -28.537 1.00 52.08 ? 158 SER A CB  1 
ATOM   6    O OG  . SER A 1 2  ? -9.918  19.040  -28.754 1.00 55.40 ? 158 SER A OG  1 
ATOM   7    N N   . THR A 1 3  ? -8.524  17.898  -24.907 1.00 43.08 ? 159 THR A N   1 
ATOM   8    C CA  . THR A 1 3  ? -7.536  18.440  -23.983 1.00 36.36 ? 159 THR A CA  1 
ATOM   9    C C   . THR A 1 3  ? -6.602  17.328  -23.528 1.00 29.66 ? 159 THR A C   1 
ATOM   10   O O   . THR A 1 3  ? -7.006  16.172  -23.412 1.00 26.02 ? 159 THR A O   1 
ATOM   11   C CB  . THR A 1 3  ? -8.210  19.056  -22.735 1.00 38.18 ? 159 THR A CB  1 
ATOM   12   O OG1 . THR A 1 3  ? -9.336  18.249  -22.344 1.00 43.44 ? 159 THR A OG1 1 
ATOM   13   C CG2 . THR A 1 3  ? -8.659  20.481  -23.006 1.00 39.81 ? 159 THR A CG2 1 
ATOM   14   N N   . TYR A 1 4  ? -5.349  17.693  -23.297 1.00 24.61 ? 160 TYR A N   1 
ATOM   15   C CA  . TYR A 1 4  ? -4.332  16.762  -22.851 1.00 21.29 ? 160 TYR A CA  1 
ATOM   16   C C   . TYR A 1 4  ? -3.736  17.222  -21.539 1.00 16.77 ? 160 TYR A C   1 
ATOM   17   O O   . TYR A 1 4  ? -3.690  18.418  -21.255 1.00 14.81 ? 160 TYR A O   1 
ATOM   18   C CB  . TYR A 1 4  ? -3.215  16.656  -23.894 1.00 24.14 ? 160 TYR A CB  1 
ATOM   19   C CG  . TYR A 1 4  ? -3.631  15.860  -25.091 1.00 30.82 ? 160 TYR A CG  1 
ATOM   20   C CD1 . TYR A 1 4  ? -3.361  14.498  -25.162 1.00 33.04 ? 160 TYR A CD1 1 
ATOM   21   C CD2 . TYR A 1 4  ? -4.402  16.438  -26.101 1.00 34.19 ? 160 TYR A CD2 1 
ATOM   22   C CE1 . TYR A 1 4  ? -3.863  13.717  -26.207 1.00 37.27 ? 160 TYR A CE1 1 
ATOM   23   C CE2 . TYR A 1 4  ? -4.909  15.672  -27.149 1.00 36.56 ? 160 TYR A CE2 1 
ATOM   24   C CZ  . TYR A 1 4  ? -4.639  14.308  -27.193 1.00 37.75 ? 160 TYR A CZ  1 
ATOM   25   O OH  . TYR A 1 4  ? -5.179  13.528  -28.200 1.00 42.66 ? 160 TYR A OH  1 
ATOM   26   N N   . VAL A 1 5  ? -3.368  16.258  -20.712 1.00 14.52 ? 161 VAL A N   1 
ATOM   27   C CA  . VAL A 1 5  ? -2.701  16.543  -19.450 1.00 12.86 ? 161 VAL A CA  1 
ATOM   28   C C   . VAL A 1 5  ? -1.481  15.626  -19.430 1.00 12.39 ? 161 VAL A C   1 
ATOM   29   O O   . VAL A 1 5  ? -1.412  14.667  -20.207 1.00 11.16 ? 161 VAL A O   1 
ATOM   30   C CB  . VAL A 1 5  ? -3.594  16.291  -18.189 1.00 11.85 ? 161 VAL A CB  1 
ATOM   31   C CG1 . VAL A 1 5  ? -4.747  17.315  -18.135 1.00 11.82 ? 161 VAL A CG1 1 
ATOM   32   C CG2 . VAL A 1 5  ? -4.095  14.846  -18.132 1.00 9.92  ? 161 VAL A CG2 1 
ATOM   33   N N   . GLN A 1 6  ? -0.489  15.963  -18.611 1.00 10.25 ? 162 GLN A N   1 
ATOM   34   C CA  . GLN A 1 6  ? 0.704   15.144  -18.498 1.00 10.13 ? 162 GLN A CA  1 
ATOM   35   C C   . GLN A 1 6  ? 0.859   14.679  -17.065 1.00 10.53 ? 162 GLN A C   1 
ATOM   36   O O   . GLN A 1 6  ? 0.663   15.470  -16.132 1.00 11.86 ? 162 GLN A O   1 
ATOM   37   C CB  . GLN A 1 6  ? 1.948   15.913  -18.917 1.00 11.71 ? 162 GLN A CB  1 
ATOM   38   C CG  . GLN A 1 6  ? 3.153   14.994  -19.017 1.00 12.25 ? 162 GLN A CG  1 
ATOM   39   C CD  . GLN A 1 6  ? 4.325   15.656  -19.683 1.00 16.53 ? 162 GLN A CD  1 
ATOM   40   O OE1 . GLN A 1 6  ? 4.456   16.882  -19.642 1.00 17.20 ? 162 GLN A OE1 1 
ATOM   41   N NE2 . GLN A 1 6  ? 5.187   14.858  -20.316 1.00 15.40 ? 162 GLN A NE2 1 
ATOM   42   N N   . ALA A 1 7  ? 1.185   13.402  -16.891 1.00 9.27  ? 163 ALA A N   1 
ATOM   43   C CA  . ALA A 1 7  ? 1.351   12.808  -15.563 1.00 9.42  ? 163 ALA A CA  1 
ATOM   44   C C   . ALA A 1 7  ? 2.590   13.318  -14.831 1.00 10.89 ? 163 ALA A C   1 
ATOM   45   O O   . ALA A 1 7  ? 3.702   13.341  -15.380 1.00 10.05 ? 163 ALA A O   1 
ATOM   46   C CB  . ALA A 1 7  ? 1.402   11.296  -15.660 1.00 7.82  ? 163 ALA A CB  1 
ATOM   47   N N   . LEU A 1 8  ? 2.361   13.787  -13.609 1.00 11.23 ? 164 LEU A N   1 
ATOM   48   C CA  . LEU A 1 8  ? 3.421   14.270  -12.740 1.00 10.81 ? 164 LEU A CA  1 
ATOM   49   C C   . LEU A 1 8  ? 4.049   13.090  -11.988 1.00 10.19 ? 164 LEU A C   1 
ATOM   50   O O   . LEU A 1 8  ? 5.223   13.141  -11.608 1.00 10.47 ? 164 LEU A O   1 
ATOM   51   C CB  . LEU A 1 8  ? 2.839   15.259  -11.715 1.00 10.63 ? 164 LEU A CB  1 
ATOM   52   C CG  . LEU A 1 8  ? 2.268   16.581  -12.220 1.00 10.30 ? 164 LEU A CG  1 
ATOM   53   C CD1 . LEU A 1 8  ? 1.526   17.282  -11.102 1.00 13.66 ? 164 LEU A CD1 1 
ATOM   54   C CD2 . LEU A 1 8  ? 3.364   17.469  -12.756 1.00 14.27 ? 164 LEU A CD2 1 
ATOM   55   N N   . PHE A 1 9  ? 3.266   12.038  -11.746 1.00 8.93  ? 165 PHE A N   1 
ATOM   56   C CA  . PHE A 1 9  ? 3.722   10.877  -10.986 1.00 9.40  ? 165 PHE A CA  1 
ATOM   57   C C   . PHE A 1 9  ? 3.178   9.602   -11.595 1.00 9.98  ? 165 PHE A C   1 
ATOM   58   O O   . PHE A 1 9  ? 2.242   9.644   -12.387 1.00 11.90 ? 165 PHE A O   1 
ATOM   59   C CB  . PHE A 1 9  ? 3.183   10.927  -9.529  1.00 9.56  ? 165 PHE A CB  1 
ATOM   60   C CG  . PHE A 1 9  ? 3.117   12.313  -8.921  1.00 10.50 ? 165 PHE A CG  1 
ATOM   61   C CD1 . PHE A 1 9  ? 1.885   12.977  -8.790  1.00 11.47 ? 165 PHE A CD1 1 
ATOM   62   C CD2 . PHE A 1 9  ? 4.270   12.949  -8.466  1.00 11.31 ? 165 PHE A CD2 1 
ATOM   63   C CE1 . PHE A 1 9  ? 1.810   14.250  -8.218  1.00 11.42 ? 165 PHE A CE1 1 
ATOM   64   C CE2 . PHE A 1 9  ? 4.205   14.228  -7.890  1.00 9.97  ? 165 PHE A CE2 1 
ATOM   65   C CZ  . PHE A 1 9  ? 2.974   14.875  -7.766  1.00 12.85 ? 165 PHE A CZ  1 
ATOM   66   N N   . ASP A 1 10 ? 3.734   8.468   -11.185 1.00 10.02 ? 166 ASP A N   1 
ATOM   67   C CA  . ASP A 1 10 ? 3.257   7.172   -11.643 1.00 10.52 ? 166 ASP A CA  1 
ATOM   68   C C   . ASP A 1 10 ? 1.946   6.929   -10.903 1.00 12.00 ? 166 ASP A C   1 
ATOM   69   O O   . ASP A 1 10 ? 1.722   7.480   -9.823  1.00 10.56 ? 166 ASP A O   1 
ATOM   70   C CB  . ASP A 1 10 ? 4.191   6.041   -11.205 1.00 10.76 ? 166 ASP A CB  1 
ATOM   71   C CG  . ASP A 1 10 ? 5.539   6.079   -11.869 1.00 10.68 ? 166 ASP A CG  1 
ATOM   72   O OD1 . ASP A 1 10 ? 5.709   6.761   -12.887 1.00 10.54 ? 166 ASP A OD1 1 
ATOM   73   O OD2 . ASP A 1 10 ? 6.447   5.405   -11.341 1.00 11.85 ? 166 ASP A OD2 1 
ATOM   74   N N   . PHE A 1 11 ? 1.103   6.076   -11.461 1.00 11.09 ? 167 PHE A N   1 
ATOM   75   C CA  . PHE A 1 11 ? -0.154  5.709   -10.823 1.00 11.23 ? 167 PHE A CA  1 
ATOM   76   C C   . PHE A 1 11 ? -0.511  4.305   -11.272 1.00 11.50 ? 167 PHE A C   1 
ATOM   77   O O   . PHE A 1 11 ? -0.506  4.012   -12.463 1.00 12.44 ? 167 PHE A O   1 
ATOM   78   C CB  . PHE A 1 11 ? -1.301  6.680   -11.190 1.00 9.50  ? 167 PHE A CB  1 
ATOM   79   C CG  . PHE A 1 11 ? -2.656  6.253   -10.647 1.00 11.42 ? 167 PHE A CG  1 
ATOM   80   C CD1 . PHE A 1 11 ? -2.865  6.137   -9.272  1.00 9.11  ? 167 PHE A CD1 1 
ATOM   81   C CD2 . PHE A 1 11 ? -3.704  5.917   -11.515 1.00 11.35 ? 167 PHE A CD2 1 
ATOM   82   C CE1 . PHE A 1 11 ? -4.083  5.684   -8.766  1.00 11.54 ? 167 PHE A CE1 1 
ATOM   83   C CE2 . PHE A 1 11 ? -4.929  5.462   -11.019 1.00 10.95 ? 167 PHE A CE2 1 
ATOM   84   C CZ  . PHE A 1 11 ? -5.122  5.345   -9.645  1.00 11.61 ? 167 PHE A CZ  1 
ATOM   85   N N   . ASP A 1 12 ? -0.730  3.417   -10.316 1.00 12.98 ? 168 ASP A N   1 
ATOM   86   C CA  . ASP A 1 12 ? -1.135  2.047   -10.610 1.00 15.64 ? 168 ASP A CA  1 
ATOM   87   C C   . ASP A 1 12 ? -2.605  1.943   -10.204 1.00 17.45 ? 168 ASP A C   1 
ATOM   88   O O   . ASP A 1 12 ? -2.980  2.296   -9.082  1.00 16.12 ? 168 ASP A O   1 
ATOM   89   C CB  . ASP A 1 12 ? -0.326  1.027   -9.808  1.00 18.42 ? 168 ASP A CB  1 
ATOM   90   C CG  . ASP A 1 12 ? 1.146   1.042   -10.153 1.00 21.64 ? 168 ASP A CG  1 
ATOM   91   O OD1 . ASP A 1 12 ? 1.962   0.966   -9.215  1.00 24.79 ? 168 ASP A OD1 1 
ATOM   92   O OD2 . ASP A 1 12 ? 1.496   1.117   -11.343 1.00 22.08 ? 168 ASP A OD2 1 
ATOM   93   N N   . PRO A 1 13 ? -3.467  1.496   -11.126 1.00 19.63 ? 169 PRO A N   1 
ATOM   94   C CA  . PRO A 1 13 ? -4.892  1.373   -10.802 1.00 19.47 ? 169 PRO A CA  1 
ATOM   95   C C   . PRO A 1 13 ? -5.077  0.451   -9.598  1.00 21.96 ? 169 PRO A C   1 
ATOM   96   O O   . PRO A 1 13 ? -4.446  -0.603  -9.508  1.00 21.92 ? 169 PRO A O   1 
ATOM   97   C CB  . PRO A 1 13 ? -5.474  0.754   -12.067 1.00 19.22 ? 169 PRO A CB  1 
ATOM   98   C CG  . PRO A 1 13 ? -4.527  1.180   -13.134 1.00 19.67 ? 169 PRO A CG  1 
ATOM   99   C CD  . PRO A 1 13 ? -3.187  1.038   -12.496 1.00 18.75 ? 169 PRO A CD  1 
ATOM   100  N N   . GLN A 1 14 ? -5.886  0.892   -8.645  1.00 24.63 ? 170 GLN A N   1 
ATOM   101  C CA  . GLN A 1 14 ? -6.167  0.120   -7.438  1.00 27.57 ? 170 GLN A CA  1 
ATOM   102  C C   . GLN A 1 14 ? -7.510  -0.601  -7.532  1.00 27.55 ? 170 GLN A C   1 
ATOM   103  O O   . GLN A 1 14 ? -7.699  -1.638  -6.893  1.00 30.61 ? 170 GLN A O   1 
ATOM   104  C CB  . GLN A 1 14 ? -6.197  1.049   -6.224  1.00 31.01 ? 170 GLN A CB  1 
ATOM   105  C CG  . GLN A 1 14 ? -4.953  1.905   -6.027  1.00 34.69 ? 170 GLN A CG  1 
ATOM   106  C CD  . GLN A 1 14 ? -3.822  1.173   -5.307  1.00 36.74 ? 170 GLN A CD  1 
ATOM   107  O OE1 . GLN A 1 14 ? -3.518  1.462   -4.133  1.00 32.69 ? 170 GLN A OE1 1 
ATOM   108  N NE2 . GLN A 1 14 ? -3.183  0.235   -6.009  1.00 36.74 ? 170 GLN A NE2 1 
ATOM   109  N N   . GLU A 1 15 ? -8.452  -0.010  -8.272  1.00 26.74 ? 171 GLU A N   1 
ATOM   110  C CA  . GLU A 1 15 ? -9.801  -0.559  -8.466  1.00 25.48 ? 171 GLU A CA  1 
ATOM   111  C C   . GLU A 1 15 ? -10.111 -0.634  -9.952  1.00 25.60 ? 171 GLU A C   1 
ATOM   112  O O   . GLU A 1 15 ? -9.611  0.179   -10.726 1.00 25.63 ? 171 GLU A O   1 
ATOM   113  C CB  . GLU A 1 15 ? -10.847 0.330   -7.785  1.00 25.60 ? 171 GLU A CB  1 
ATOM   114  C CG  . GLU A 1 15 ? -10.616 0.560   -6.292  1.00 27.24 ? 171 GLU A CG  1 
ATOM   115  C CD  . GLU A 1 15 ? -10.551 -0.732  -5.481  1.00 29.90 ? 171 GLU A CD  1 
ATOM   116  O OE1 . GLU A 1 15 ? -9.739  -0.800  -4.537  1.00 30.06 ? 171 GLU A OE1 1 
ATOM   117  O OE2 . GLU A 1 15 ? -11.305 -1.684  -5.785  1.00 31.52 ? 171 GLU A OE2 1 
ATOM   118  N N   . ASP A 1 16 ? -10.962 -1.573  -10.355 1.00 26.55 ? 172 ASP A N   1 
ATOM   119  C CA  . ASP A 1 16 ? -11.302 -1.720  -11.770 1.00 27.80 ? 172 ASP A CA  1 
ATOM   120  C C   . ASP A 1 16 ? -11.958 -0.452  -12.310 1.00 24.59 ? 172 ASP A C   1 
ATOM   121  O O   . ASP A 1 16 ? -12.738 0.205   -11.614 1.00 26.23 ? 172 ASP A O   1 
ATOM   122  C CB  . ASP A 1 16 ? -12.217 -2.926  -11.985 1.00 35.67 ? 172 ASP A CB  1 
ATOM   123  C CG  . ASP A 1 16 ? -12.431 -3.245  -13.463 1.00 42.25 ? 172 ASP A CG  1 
ATOM   124  O OD1 . ASP A 1 16 ? -13.607 -3.411  -13.864 1.00 47.54 ? 172 ASP A OD1 1 
ATOM   125  O OD2 . ASP A 1 16 ? -11.432 -3.328  -14.222 1.00 46.00 ? 172 ASP A OD2 1 
ATOM   126  N N   . GLY A 1 17 ? -11.621 -0.091  -13.541 1.00 20.79 ? 173 GLY A N   1 
ATOM   127  C CA  . GLY A 1 17 ? -12.175 1.114   -14.127 1.00 16.52 ? 173 GLY A CA  1 
ATOM   128  C C   . GLY A 1 17 ? -11.187 2.266   -14.013 1.00 14.77 ? 173 GLY A C   1 
ATOM   129  O O   . GLY A 1 17 ? -11.364 3.317   -14.617 1.00 14.26 ? 173 GLY A O   1 
ATOM   130  N N   . GLU A 1 18 ? -10.162 2.097   -13.189 1.00 13.84 ? 174 GLU A N   1 
ATOM   131  C CA  . GLU A 1 18 ? -9.156  3.144   -13.046 1.00 13.59 ? 174 GLU A CA  1 
ATOM   132  C C   . GLU A 1 18 ? -8.124  3.003   -14.168 1.00 12.24 ? 174 GLU A C   1 
ATOM   133  O O   . GLU A 1 18 ? -7.892  1.906   -14.680 1.00 13.67 ? 174 GLU A O   1 
ATOM   134  C CB  . GLU A 1 18 ? -8.489  3.078   -11.661 1.00 13.50 ? 174 GLU A CB  1 
ATOM   135  C CG  . GLU A 1 18 ? -9.420  3.444   -10.499 1.00 13.90 ? 174 GLU A CG  1 
ATOM   136  C CD  . GLU A 1 18 ? -8.753  3.378   -9.129  1.00 15.95 ? 174 GLU A CD  1 
ATOM   137  O OE1 . GLU A 1 18 ? -7.556  3.052   -9.055  1.00 16.16 ? 174 GLU A OE1 1 
ATOM   138  O OE2 . GLU A 1 18 ? -9.432  3.651   -8.117  1.00 14.46 ? 174 GLU A OE2 1 
ATOM   139  N N   . LEU A 1 19 ? -7.539  4.124   -14.566 1.00 12.08 ? 175 LEU A N   1 
ATOM   140  C CA  . LEU A 1 19 ? -6.540  4.173   -15.620 1.00 11.65 ? 175 LEU A CA  1 
ATOM   141  C C   . LEU A 1 19 ? -5.162  4.472   -15.026 1.00 11.76 ? 175 LEU A C   1 
ATOM   142  O O   . LEU A 1 19 ? -4.984  5.495   -14.364 1.00 11.63 ? 175 LEU A O   1 
ATOM   143  C CB  . LEU A 1 19 ? -6.884  5.283   -16.596 1.00 9.63  ? 175 LEU A CB  1 
ATOM   144  C CG  . LEU A 1 19 ? -5.860  5.477   -17.707 1.00 9.74  ? 175 LEU A CG  1 
ATOM   145  C CD1 . LEU A 1 19 ? -5.971  4.335   -18.729 1.00 9.61  ? 175 LEU A CD1 1 
ATOM   146  C CD2 . LEU A 1 19 ? -6.066  6.830   -18.351 1.00 11.15 ? 175 LEU A CD2 1 
ATOM   147  N N   . GLY A 1 20 ? -4.194  3.609   -15.317 1.00 11.45 ? 176 GLY A N   1 
ATOM   148  C CA  . GLY A 1 20 ? -2.846  3.811   -14.818 1.00 11.47 ? 176 GLY A CA  1 
ATOM   149  C C   . GLY A 1 20 ? -1.987  4.589   -15.794 1.00 10.46 ? 176 GLY A C   1 
ATOM   150  O O   . GLY A 1 20 ? -2.372  4.816   -16.946 1.00 10.62 ? 176 GLY A O   1 
ATOM   151  N N   . PHE A 1 21 ? -0.814  5.009   -15.334 1.00 9.31  ? 177 PHE A N   1 
ATOM   152  C CA  . PHE A 1 21 ? 0.114   5.753   -16.166 1.00 8.03  ? 177 PHE A CA  1 
ATOM   153  C C   . PHE A 1 21 ? 1.442   5.930   -15.440 1.00 9.74  ? 177 PHE A C   1 
ATOM   154  O O   . PHE A 1 21 ? 1.552   5.613   -14.254 1.00 10.04 ? 177 PHE A O   1 
ATOM   155  C CB  . PHE A 1 21 ? -0.452  7.113   -16.593 1.00 8.44  ? 177 PHE A CB  1 
ATOM   156  C CG  . PHE A 1 21 ? -1.042  7.912   -15.462 1.00 13.08 ? 177 PHE A CG  1 
ATOM   157  C CD1 . PHE A 1 21 ? -2.420  7.941   -15.265 1.00 15.18 ? 177 PHE A CD1 1 
ATOM   158  C CD2 . PHE A 1 21 ? -0.220  8.640   -14.593 1.00 10.86 ? 177 PHE A CD2 1 
ATOM   159  C CE1 . PHE A 1 21 ? -2.983  8.689   -14.217 1.00 16.75 ? 177 PHE A CE1 1 
ATOM   160  C CE2 . PHE A 1 21 ? -0.767  9.392   -13.543 1.00 13.21 ? 177 PHE A CE2 1 
ATOM   161  C CZ  . PHE A 1 21 ? -2.154  9.416   -13.353 1.00 15.57 ? 177 PHE A CZ  1 
ATOM   162  N N   . ARG A 1 22 ? 2.456   6.327   -16.198 1.00 9.98  ? 178 ARG A N   1 
ATOM   163  C CA  . ARG A 1 22 ? 3.796   6.589   -15.678 1.00 9.99  ? 178 ARG A CA  1 
ATOM   164  C C   . ARG A 1 22 ? 4.005   8.086   -15.715 1.00 10.13 ? 178 ARG A C   1 
ATOM   165  O O   . ARG A 1 22 ? 3.415   8.788   -16.544 1.00 9.63  ? 178 ARG A O   1 
ATOM   166  C CB  . ARG A 1 22 ? 4.875   5.941   -16.564 1.00 9.20  ? 178 ARG A CB  1 
ATOM   167  C CG  . ARG A 1 22 ? 4.907   4.423   -16.576 1.00 10.75 ? 178 ARG A CG  1 
ATOM   168  C CD  . ARG A 1 22 ? 3.889   3.804   -15.640 1.00 20.45 ? 178 ARG A CD  1 
ATOM   169  N NE  . ARG A 1 22 ? 4.510   3.197   -14.484 1.00 22.40 ? 178 ARG A NE  1 
ATOM   170  C CZ  . ARG A 1 22 ? 3.876   2.841   -13.373 1.00 21.22 ? 178 ARG A CZ  1 
ATOM   171  N NH1 . ARG A 1 22 ? 2.570   3.027   -13.214 1.00 18.50 ? 178 ARG A NH1 1 
ATOM   172  N NH2 . ARG A 1 22 ? 4.557   2.231   -12.431 1.00 23.19 ? 178 ARG A NH2 1 
ATOM   173  N N   . ARG A 1 23 ? 4.857   8.586   -14.823 1.00 10.95 ? 179 ARG A N   1 
ATOM   174  C CA  . ARG A 1 23 ? 5.192   9.999   -14.797 1.00 10.30 ? 179 ARG A CA  1 
ATOM   175  C C   . ARG A 1 23 ? 5.662   10.353  -16.214 1.00 11.04 ? 179 ARG A C   1 
ATOM   176  O O   . ARG A 1 23 ? 6.414   9.585   -16.833 1.00 11.93 ? 179 ARG A O   1 
ATOM   177  C CB  . ARG A 1 23 ? 6.323   10.235  -13.780 1.00 12.16 ? 179 ARG A CB  1 
ATOM   178  C CG  . ARG A 1 23 ? 6.919   11.616  -13.841 1.00 15.26 ? 179 ARG A CG  1 
ATOM   179  C CD  . ARG A 1 23 ? 7.986   11.858  -12.771 1.00 21.69 ? 179 ARG A CD  1 
ATOM   180  N NE  . ARG A 1 23 ? 8.733   13.076  -13.092 1.00 30.42 ? 179 ARG A NE  1 
ATOM   181  C CZ  . ARG A 1 23 ? 8.444   14.304  -12.646 1.00 36.44 ? 179 ARG A CZ  1 
ATOM   182  N NH1 . ARG A 1 23 ? 7.419   14.531  -11.818 1.00 38.15 ? 179 ARG A NH1 1 
ATOM   183  N NH2 . ARG A 1 23 ? 9.155   15.335  -13.087 1.00 39.95 ? 179 ARG A NH2 1 
ATOM   184  N N   . GLY A 1 24 ? 5.175   11.468  -16.752 1.00 9.01  ? 180 GLY A N   1 
ATOM   185  C CA  . GLY A 1 24 ? 5.558   11.882  -18.095 1.00 10.59 ? 180 GLY A CA  1 
ATOM   186  C C   . GLY A 1 24 ? 4.549   11.531  -19.188 1.00 8.84  ? 180 GLY A C   1 
ATOM   187  O O   . GLY A 1 24 ? 4.544   12.164  -20.241 1.00 10.47 ? 180 GLY A O   1 
ATOM   188  N N   . ASP A 1 25 ? 3.717   10.518  -18.956 1.00 9.46  ? 181 ASP A N   1 
ATOM   189  C CA  . ASP A 1 25 ? 2.700   10.117  -19.945 1.00 9.99  ? 181 ASP A CA  1 
ATOM   190  C C   . ASP A 1 25 ? 1.709   11.235  -20.248 1.00 10.53 ? 181 ASP A C   1 
ATOM   191  O O   . ASP A 1 25 ? 1.325   12.010  -19.369 1.00 10.04 ? 181 ASP A O   1 
ATOM   192  C CB  . ASP A 1 25 ? 1.874   8.915   -19.457 1.00 8.28  ? 181 ASP A CB  1 
ATOM   193  C CG  . ASP A 1 25 ? 2.508   7.577   -19.770 1.00 8.30  ? 181 ASP A CG  1 
ATOM   194  O OD1 . ASP A 1 25 ? 2.249   6.625   -19.031 1.00 8.01  ? 181 ASP A OD1 1 
ATOM   195  O OD2 . ASP A 1 25 ? 3.228   7.456   -20.775 1.00 13.48 ? 181 ASP A OD2 1 
ATOM   196  N N   . PHE A 1 26 ? 1.307   11.319  -21.506 1.00 9.40  ? 182 PHE A N   1 
ATOM   197  C CA  . PHE A 1 26 ? 0.300   12.278  -21.919 1.00 11.28 ? 182 PHE A CA  1 
ATOM   198  C C   . PHE A 1 26 ? -1.034  11.516  -21.872 1.00 10.60 ? 182 PHE A C   1 
ATOM   199  O O   . PHE A 1 26 ? -1.117  10.347  -22.272 1.00 9.94  ? 182 PHE A O   1 
ATOM   200  C CB  . PHE A 1 26 ? 0.584   12.794  -23.326 1.00 10.89 ? 182 PHE A CB  1 
ATOM   201  C CG  . PHE A 1 26 ? 1.759   13.721  -23.397 1.00 15.70 ? 182 PHE A CG  1 
ATOM   202  C CD1 . PHE A 1 26 ? 1.661   15.024  -22.913 1.00 15.97 ? 182 PHE A CD1 1 
ATOM   203  C CD2 . PHE A 1 26 ? 2.975   13.290  -23.917 1.00 16.81 ? 182 PHE A CD2 1 
ATOM   204  C CE1 . PHE A 1 26 ? 2.761   15.881  -22.947 1.00 16.95 ? 182 PHE A CE1 1 
ATOM   205  C CE2 . PHE A 1 26 ? 4.078   14.141  -23.955 1.00 16.93 ? 182 PHE A CE2 1 
ATOM   206  C CZ  . PHE A 1 26 ? 3.973   15.434  -23.471 1.00 16.53 ? 182 PHE A CZ  1 
ATOM   207  N N   . ILE A 1 27 ? -2.050  12.167  -21.323 1.00 12.19 ? 183 ILE A N   1 
ATOM   208  C CA  . ILE A 1 27 ? -3.378  11.584  -21.179 1.00 11.53 ? 183 ILE A CA  1 
ATOM   209  C C   . ILE A 1 27 ? -4.387  12.491  -21.870 1.00 11.08 ? 183 ILE A C   1 
ATOM   210  O O   . ILE A 1 27 ? -4.306  13.720  -21.764 1.00 11.00 ? 183 ILE A O   1 
ATOM   211  C CB  . ILE A 1 27 ? -3.753  11.475  -19.672 1.00 12.39 ? 183 ILE A CB  1 
ATOM   212  C CG1 . ILE A 1 27 ? -2.715  10.612  -18.947 1.00 13.55 ? 183 ILE A CG1 1 
ATOM   213  C CG2 . ILE A 1 27 ? -5.180  10.916  -19.489 1.00 10.07 ? 183 ILE A CG2 1 
ATOM   214  C CD1 . ILE A 1 27 ? -2.533  10.974  -17.497 1.00 18.20 ? 183 ILE A CD1 1 
ATOM   215  N N   . HIS A 1 28 ? -5.283  11.884  -22.649 1.00 11.19 ? 184 HIS A N   1 
ATOM   216  C CA  . HIS A 1 28 ? -6.331  12.635  -23.313 1.00 12.58 ? 184 HIS A CA  1 
ATOM   217  C C   . HIS A 1 28 ? -7.487  12.718  -22.312 1.00 10.70 ? 184 HIS A C   1 
ATOM   218  O O   . HIS A 1 28 ? -7.930  11.697  -21.792 1.00 12.58 ? 184 HIS A O   1 
ATOM   219  C CB  . HIS A 1 28 ? -6.806  11.911  -24.580 1.00 16.66 ? 184 HIS A CB  1 
ATOM   220  C CG  . HIS A 1 28 ? -8.050  12.501  -25.171 1.00 23.23 ? 184 HIS A CG  1 
ATOM   221  N ND1 . HIS A 1 28 ? -9.148  11.738  -25.521 1.00 26.18 ? 184 HIS A ND1 1 
ATOM   222  C CD2 . HIS A 1 28 ? -8.384  13.787  -25.445 1.00 24.29 ? 184 HIS A CD2 1 
ATOM   223  C CE1 . HIS A 1 28 ? -10.104 12.527  -25.981 1.00 25.26 ? 184 HIS A CE1 1 
ATOM   224  N NE2 . HIS A 1 28 ? -9.665  13.773  -25.946 1.00 28.29 ? 184 HIS A NE2 1 
ATOM   225  N N   . VAL A 1 29 ? -7.941  13.925  -22.007 1.00 11.41 ? 185 VAL A N   1 
ATOM   226  C CA  . VAL A 1 29 ? -9.059  14.086  -21.076 1.00 12.13 ? 185 VAL A CA  1 
ATOM   227  C C   . VAL A 1 29 ? -10.371 13.854  -21.822 1.00 12.12 ? 185 VAL A C   1 
ATOM   228  O O   . VAL A 1 29 ? -10.645 14.504  -22.837 1.00 13.97 ? 185 VAL A O   1 
ATOM   229  C CB  . VAL A 1 29 ? -9.102  15.495  -20.445 1.00 13.88 ? 185 VAL A CB  1 
ATOM   230  C CG1 . VAL A 1 29 ? -10.278 15.588  -19.457 1.00 13.55 ? 185 VAL A CG1 1 
ATOM   231  C CG2 . VAL A 1 29 ? -7.790  15.800  -19.746 1.00 13.08 ? 185 VAL A CG2 1 
ATOM   232  N N   . MET A 1 30 ? -11.185 12.958  -21.286 1.00 12.34 ? 186 MET A N   1 
ATOM   233  C CA  . MET A 1 30 ? -12.464 12.616  -21.883 1.00 11.51 ? 186 MET A CA  1 
ATOM   234  C C   . MET A 1 30 ? -13.639 13.172  -21.089 1.00 14.41 ? 186 MET A C   1 
ATOM   235  O O   . MET A 1 30 ? -14.624 13.612  -21.672 1.00 15.23 ? 186 MET A O   1 
ATOM   236  C CB  . MET A 1 30 ? -12.591 11.095  -21.998 1.00 10.45 ? 186 MET A CB  1 
ATOM   237  C CG  . MET A 1 30 ? -11.591 10.442  -22.966 1.00 9.75  ? 186 MET A CG  1 
ATOM   238  S SD  . MET A 1 30 ? -11.735 8.673   -22.952 1.00 13.73 ? 186 MET A SD  1 
ATOM   239  C CE  . MET A 1 30 ? -13.217 8.468   -23.967 1.00 15.73 ? 186 MET A CE  1 
ATOM   240  N N   . ASP A 1 31 ? -13.545 13.157  -19.765 1.00 14.78 ? 187 ASP A N   1 
ATOM   241  C CA  . ASP A 1 31 ? -14.646 13.640  -18.923 1.00 17.38 ? 187 ASP A CA  1 
ATOM   242  C C   . ASP A 1 31 ? -14.071 14.201  -17.631 1.00 17.19 ? 187 ASP A C   1 
ATOM   243  O O   . ASP A 1 31 ? -13.494 13.465  -16.832 1.00 18.30 ? 187 ASP A O   1 
ATOM   244  C CB  . ASP A 1 31 ? -15.604 12.476  -18.613 1.00 19.01 ? 187 ASP A CB  1 
ATOM   245  C CG  . ASP A 1 31 ? -16.826 12.895  -17.799 1.00 23.40 ? 187 ASP A CG  1 
ATOM   246  O OD1 . ASP A 1 31 ? -17.621 12.004  -17.456 1.00 27.20 ? 187 ASP A OD1 1 
ATOM   247  O OD2 . ASP A 1 31 ? -17.013 14.091  -17.512 1.00 24.09 ? 187 ASP A OD2 1 
ATOM   248  N N   . ASN A 1 32 ? -14.248 15.495  -17.426 1.00 16.67 ? 188 ASN A N   1 
ATOM   249  C CA  . ASN A 1 32 ? -13.730 16.151  -16.232 1.00 20.94 ? 188 ASN A CA  1 
ATOM   250  C C   . ASN A 1 32 ? -14.843 16.616  -15.287 1.00 21.49 ? 188 ASN A C   1 
ATOM   251  O O   . ASN A 1 32 ? -14.680 17.591  -14.543 1.00 23.85 ? 188 ASN A O   1 
ATOM   252  C CB  . ASN A 1 32 ? -12.818 17.328  -16.635 1.00 22.42 ? 188 ASN A CB  1 
ATOM   253  C CG  . ASN A 1 32 ? -13.513 18.346  -17.527 1.00 26.83 ? 188 ASN A CG  1 
ATOM   254  O OD1 . ASN A 1 32 ? -14.740 18.387  -17.616 1.00 29.44 ? 188 ASN A OD1 1 
ATOM   255  N ND2 . ASN A 1 32 ? -12.724 19.160  -18.211 1.00 30.44 ? 188 ASN A ND2 1 
ATOM   256  N N   . SER A 1 33 ? -15.940 15.868  -15.260 1.00 20.83 ? 189 SER A N   1 
ATOM   257  C CA  . SER A 1 33 ? -17.084 16.231  -14.430 1.00 22.66 ? 189 SER A CA  1 
ATOM   258  C C   . SER A 1 33 ? -16.888 16.088  -12.907 1.00 21.83 ? 189 SER A C   1 
ATOM   259  O O   . SER A 1 33 ? -17.317 16.976  -12.159 1.00 22.47 ? 189 SER A O   1 
ATOM   260  C CB  . SER A 1 33 ? -18.346 15.487  -14.900 1.00 22.36 ? 189 SER A CB  1 
ATOM   261  O OG  . SER A 1 33 ? -18.240 14.089  -14.689 1.00 29.27 ? 189 SER A OG  1 
ATOM   262  N N   . ASP A 1 34 ? -16.271 14.987  -12.452 1.00 19.81 ? 190 ASP A N   1 
ATOM   263  C CA  . ASP A 1 34 ? -16.024 14.760  -11.018 1.00 16.41 ? 190 ASP A CA  1 
ATOM   264  C C   . ASP A 1 34 ? -14.861 15.660  -10.601 1.00 15.76 ? 190 ASP A C   1 
ATOM   265  O O   . ASP A 1 34 ? -13.942 15.905  -11.386 1.00 15.21 ? 190 ASP A O   1 
ATOM   266  C CB  . ASP A 1 34 ? -15.711 13.276  -10.730 1.00 15.68 ? 190 ASP A CB  1 
ATOM   267  C CG  . ASP A 1 34 ? -15.452 12.982  -9.225  1.00 18.78 ? 190 ASP A CG  1 
ATOM   268  O OD1 . ASP A 1 34 ? -16.410 12.667  -8.484  1.00 16.22 ? 190 ASP A OD1 1 
ATOM   269  O OD2 . ASP A 1 34 ? -14.287 13.037  -8.772  1.00 13.91 ? 190 ASP A OD2 1 
ATOM   270  N N   . PRO A 1 35 ? -14.894 16.188  -9.362  1.00 12.74 ? 191 PRO A N   1 
ATOM   271  C CA  . PRO A 1 35 ? -13.821 17.065  -8.891  1.00 11.93 ? 191 PRO A CA  1 
ATOM   272  C C   . PRO A 1 35 ? -12.433 16.416  -8.794  1.00 10.83 ? 191 PRO A C   1 
ATOM   273  O O   . PRO A 1 35 ? -11.424 17.078  -8.997  1.00 12.67 ? 191 PRO A O   1 
ATOM   274  C CB  . PRO A 1 35 ? -14.297 17.453  -7.486  1.00 10.73 ? 191 PRO A CB  1 
ATOM   275  C CG  . PRO A 1 35 ? -15.778 17.359  -7.571  1.00 11.64 ? 191 PRO A CG  1 
ATOM   276  C CD  . PRO A 1 35 ? -15.972 16.092  -8.360  1.00 11.70 ? 191 PRO A CD  1 
ATOM   277  N N   . ASN A 1 36 ? -12.390 15.132  -8.460  1.00 11.36 ? 192 ASN A N   1 
ATOM   278  C CA  . ASN A 1 36 ? -11.112 14.444  -8.232  1.00 14.09 ? 192 ASN A CA  1 
ATOM   279  C C   . ASN A 1 36 ? -10.667 13.357  -9.197  1.00 13.74 ? 192 ASN A C   1 
ATOM   280  O O   . ASN A 1 36 ? -9.463  13.079  -9.296  1.00 13.94 ? 192 ASN A O   1 
ATOM   281  C CB  . ASN A 1 36 ? -11.105 13.846  -6.822  1.00 16.40 ? 192 ASN A CB  1 
ATOM   282  C CG  . ASN A 1 36 ? -11.398 14.880  -5.742  1.00 19.89 ? 192 ASN A CG  1 
ATOM   283  O OD1 . ASN A 1 36 ? -12.439 14.813  -5.086  1.00 23.83 ? 192 ASN A OD1 1 
ATOM   284  N ND2 . ASN A 1 36 ? -10.493 15.841  -5.565  1.00 20.71 ? 192 ASN A ND2 1 
ATOM   285  N N   . TRP A 1 37 ? -11.622 12.702  -9.851  1.00 11.18 ? 193 TRP A N   1 
ATOM   286  C CA  . TRP A 1 37 ? -11.316 11.627  -10.786 1.00 11.03 ? 193 TRP A CA  1 
ATOM   287  C C   . TRP A 1 37 ? -11.886 11.987  -12.145 1.00 12.29 ? 193 TRP A C   1 
ATOM   288  O O   . TRP A 1 37 ? -13.065 12.323  -12.257 1.00 12.95 ? 193 TRP A O   1 
ATOM   289  C CB  . TRP A 1 37 ? -11.906 10.311  -10.283 1.00 11.63 ? 193 TRP A CB  1 
ATOM   290  C CG  . TRP A 1 37 ? -11.232 9.840   -9.033  1.00 13.43 ? 193 TRP A CG  1 
ATOM   291  C CD1 . TRP A 1 37 ? -11.499 10.240  -7.744  1.00 12.84 ? 193 TRP A CD1 1 
ATOM   292  C CD2 . TRP A 1 37 ? -10.123 8.945   -8.955  1.00 12.81 ? 193 TRP A CD2 1 
ATOM   293  N NE1 . TRP A 1 37 ? -10.610 9.655   -6.875  1.00 12.38 ? 193 TRP A NE1 1 
ATOM   294  C CE2 . TRP A 1 37 ? -9.750  8.857   -7.588  1.00 14.00 ? 193 TRP A CE2 1 
ATOM   295  C CE3 . TRP A 1 37 ? -9.401  8.208   -9.903  1.00 10.82 ? 193 TRP A CE3 1 
ATOM   296  C CZ2 . TRP A 1 37 ? -8.675  8.056   -7.155  1.00 13.25 ? 193 TRP A CZ2 1 
ATOM   297  C CZ3 . TRP A 1 37 ? -8.339  7.415   -9.476  1.00 12.94 ? 193 TRP A CZ3 1 
ATOM   298  C CH2 . TRP A 1 37 ? -7.985  7.345   -8.106  1.00 12.01 ? 193 TRP A CH2 1 
ATOM   299  N N   . TRP A 1 38 ? -11.034 11.995  -13.161 1.00 9.56  ? 194 TRP A N   1 
ATOM   300  C CA  . TRP A 1 38 ? -11.481 12.341  -14.499 1.00 9.15  ? 194 TRP A CA  1 
ATOM   301  C C   . TRP A 1 38 ? -11.362 11.127  -15.392 1.00 10.79 ? 194 TRP A C   1 
ATOM   302  O O   . TRP A 1 38 ? -10.608 10.204  -15.090 1.00 9.53  ? 194 TRP A O   1 
ATOM   303  C CB  . TRP A 1 38 ? -10.631 13.476  -15.070 1.00 9.47  ? 194 TRP A CB  1 
ATOM   304  C CG  . TRP A 1 38 ? -10.859 14.820  -14.425 1.00 10.74 ? 194 TRP A CG  1 
ATOM   305  C CD1 . TRP A 1 38 ? -11.662 15.099  -13.348 1.00 9.22  ? 194 TRP A CD1 1 
ATOM   306  C CD2 . TRP A 1 38 ? -10.299 16.070  -14.839 1.00 10.30 ? 194 TRP A CD2 1 
ATOM   307  N NE1 . TRP A 1 38 ? -11.637 16.442  -13.075 1.00 11.68 ? 194 TRP A NE1 1 
ATOM   308  C CE2 . TRP A 1 38 ? -10.813 17.064  -13.971 1.00 10.74 ? 194 TRP A CE2 1 
ATOM   309  C CE3 . TRP A 1 38 ? -9.428  16.449  -15.863 1.00 10.56 ? 194 TRP A CE3 1 
ATOM   310  C CZ2 . TRP A 1 38 ? -10.477 18.411  -14.098 1.00 11.95 ? 194 TRP A CZ2 1 
ATOM   311  C CZ3 . TRP A 1 38 ? -9.094  17.784  -15.993 1.00 12.74 ? 194 TRP A CZ3 1 
ATOM   312  C CH2 . TRP A 1 38 ? -9.622  18.756  -15.112 1.00 14.60 ? 194 TRP A CH2 1 
ATOM   313  N N   . LYS A 1 39 ? -12.177 11.062  -16.439 1.00 11.00 ? 195 LYS A N   1 
ATOM   314  C CA  . LYS A 1 39 ? -12.049 9.935   -17.348 1.00 9.69  ? 195 LYS A CA  1 
ATOM   315  C C   . LYS A 1 39 ? -11.057 10.395  -18.394 1.00 7.42  ? 195 LYS A C   1 
ATOM   316  O O   . LYS A 1 39 ? -11.134 11.533  -18.878 1.00 8.88  ? 195 LYS A O   1 
ATOM   317  C CB  . LYS A 1 39 ? -13.370 9.591   -18.026 1.00 11.21 ? 195 LYS A CB  1 
ATOM   318  C CG  . LYS A 1 39 ? -13.242 8.344   -18.884 1.00 12.22 ? 195 LYS A CG  1 
ATOM   319  C CD  . LYS A 1 39 ? -14.470 8.125   -19.730 1.00 14.79 ? 195 LYS A CD  1 
ATOM   320  C CE  . LYS A 1 39 ? -14.383 6.789   -20.454 1.00 18.10 ? 195 LYS A CE  1 
ATOM   321  N NZ  . LYS A 1 39 ? -15.570 6.579   -21.336 1.00 15.91 ? 195 LYS A NZ  1 
ATOM   322  N N   . GLY A 1 40 ? -10.104 9.534   -18.719 1.00 8.98  ? 196 GLY A N   1 
ATOM   323  C CA  . GLY A 1 40 ? -9.117  9.891   -19.716 1.00 8.97  ? 196 GLY A CA  1 
ATOM   324  C C   . GLY A 1 40 ? -8.697  8.675   -20.508 1.00 8.57  ? 196 GLY A C   1 
ATOM   325  O O   . GLY A 1 40 ? -9.146  7.556   -20.238 1.00 8.58  ? 196 GLY A O   1 
ATOM   326  N N   . ALA A 1 41 ? -7.817  8.892   -21.468 1.00 8.59  ? 197 ALA A N   1 
ATOM   327  C CA  . ALA A 1 41 ? -7.330  7.801   -22.292 1.00 9.75  ? 197 ALA A CA  1 
ATOM   328  C C   . ALA A 1 41 ? -5.811  7.871   -22.354 1.00 9.38  ? 197 ALA A C   1 
ATOM   329  O O   . ALA A 1 41 ? -5.233  8.953   -22.477 1.00 10.25 ? 197 ALA A O   1 
ATOM   330  C CB  . ALA A 1 41 ? -7.919  7.888   -23.702 1.00 10.12 ? 197 ALA A CB  1 
ATOM   331  N N   . CYS A 1 42 ? -5.177  6.715   -22.266 1.00 9.86  ? 198 CYS A N   1 
ATOM   332  C CA  . CYS A 1 42 ? -3.730  6.638   -22.346 1.00 10.25 ? 198 CYS A CA  1 
ATOM   333  C C   . CYS A 1 42 ? -3.415  5.199   -22.679 1.00 7.93  ? 198 CYS A C   1 
ATOM   334  O O   . CYS A 1 42 ? -4.130  4.293   -22.255 1.00 9.37  ? 198 CYS A O   1 
ATOM   335  C CB  . CYS A 1 42 ? -3.093  7.012   -21.000 1.00 11.26 ? 198 CYS A CB  1 
ATOM   336  S SG  . CYS A 1 42 ? -1.283  7.237   -21.066 1.00 12.73 ? 198 CYS A SG  1 
ATOM   337  N N   . HIS A 1 43 ? -2.350  4.991   -23.451 1.00 10.00 ? 199 HIS A N   1 
ATOM   338  C CA  . HIS A 1 43 ? -1.911  3.660   -23.843 1.00 9.12  ? 199 HIS A CA  1 
ATOM   339  C C   . HIS A 1 43 ? -3.057  2.706   -24.221 1.00 8.31  ? 199 HIS A C   1 
ATOM   340  O O   . HIS A 1 43 ? -3.230  1.639   -23.626 1.00 9.32  ? 199 HIS A O   1 
ATOM   341  C CB  . HIS A 1 43 ? -0.968  3.037   -22.786 1.00 10.61 ? 199 HIS A CB  1 
ATOM   342  C CG  . HIS A 1 43 ? -1.501  3.074   -21.381 1.00 11.34 ? 199 HIS A CG  1 
ATOM   343  N ND1 . HIS A 1 43 ? -2.378  2.132   -20.893 1.00 9.89  ? 199 HIS A ND1 1 
ATOM   344  C CD2 . HIS A 1 43 ? -1.283  3.947   -20.362 1.00 10.31 ? 199 HIS A CD2 1 
ATOM   345  C CE1 . HIS A 1 43 ? -2.687  2.425   -19.639 1.00 13.28 ? 199 HIS A CE1 1 
ATOM   346  N NE2 . HIS A 1 43 ? -2.033  3.522   -19.299 1.00 10.75 ? 199 HIS A NE2 1 
ATOM   347  N N   . GLY A 1 44 ? -3.880  3.160   -25.166 1.00 10.79 ? 200 GLY A N   1 
ATOM   348  C CA  . GLY A 1 44 ? -4.984  2.364   -25.684 1.00 10.20 ? 200 GLY A CA  1 
ATOM   349  C C   . GLY A 1 44 ? -6.093  1.936   -24.754 1.00 11.59 ? 200 GLY A C   1 
ATOM   350  O O   . GLY A 1 44 ? -6.824  0.998   -25.079 1.00 10.04 ? 200 GLY A O   1 
ATOM   351  N N   . GLN A 1 45 ? -6.266  2.640   -23.638 1.00 10.00 ? 201 GLN A N   1 
ATOM   352  C CA  . GLN A 1 45 ? -7.295  2.292   -22.674 1.00 10.33 ? 201 GLN A CA  1 
ATOM   353  C C   . GLN A 1 45 ? -7.889  3.542   -22.077 1.00 10.27 ? 201 GLN A C   1 
ATOM   354  O O   . GLN A 1 45 ? -7.235  4.584   -22.069 1.00 10.25 ? 201 GLN A O   1 
ATOM   355  C CB  . GLN A 1 45 ? -6.691  1.460   -21.537 1.00 11.55 ? 201 GLN A CB  1 
ATOM   356  C CG  . GLN A 1 45 ? -6.329  0.054   -21.935 1.00 13.09 ? 201 GLN A CG  1 
ATOM   357  C CD  . GLN A 1 45 ? -5.442  -0.625  -20.925 1.00 14.32 ? 201 GLN A CD  1 
ATOM   358  O OE1 . GLN A 1 45 ? -5.853  -1.561  -20.249 1.00 18.80 ? 201 GLN A OE1 1 
ATOM   359  N NE2 . GLN A 1 45 ? -4.203  -0.185  -20.848 1.00 11.17 ? 201 GLN A NE2 1 
ATOM   360  N N   . THR A 1 46 ? -9.142  3.447   -21.629 1.00 10.51 ? 202 THR A N   1 
ATOM   361  C CA  . THR A 1 46 ? -9.819  4.567   -20.971 1.00 9.42  ? 202 THR A CA  1 
ATOM   362  C C   . THR A 1 46 ? -10.145 4.154   -19.532 1.00 7.91  ? 202 THR A C   1 
ATOM   363  O O   . THR A 1 46 ? -10.289 2.966   -19.219 1.00 9.55  ? 202 THR A O   1 
ATOM   364  C CB  . THR A 1 46 ? -11.144 4.981   -21.663 1.00 8.21  ? 202 THR A CB  1 
ATOM   365  O OG1 . THR A 1 46 ? -12.107 3.944   -21.491 1.00 9.74  ? 202 THR A OG1 1 
ATOM   366  C CG2 . THR A 1 46 ? -10.933 5.256   -23.148 1.00 9.94  ? 202 THR A CG2 1 
ATOM   367  N N   . GLY A 1 47 ? -10.281 5.139   -18.652 1.00 9.48  ? 203 GLY A N   1 
ATOM   368  C CA  . GLY A 1 47 ? -10.584 4.828   -17.272 1.00 7.63  ? 203 GLY A CA  1 
ATOM   369  C C   . GLY A 1 47 ? -10.466 6.074   -16.433 1.00 8.06  ? 203 GLY A C   1 
ATOM   370  O O   . GLY A 1 47 ? -10.116 7.139   -16.939 1.00 9.50  ? 203 GLY A O   1 
ATOM   371  N N   . MET A 1 48 ? -10.751 5.937   -15.150 1.00 9.99  ? 204 MET A N   1 
ATOM   372  C CA  . MET A 1 48 ? -10.712 7.067   -14.244 1.00 9.59  ? 204 MET A CA  1 
ATOM   373  C C   . MET A 1 48 ? -9.311  7.270   -13.681 1.00 7.73  ? 204 MET A C   1 
ATOM   374  O O   . MET A 1 48 ? -8.689  6.322   -13.216 1.00 9.62  ? 204 MET A O   1 
ATOM   375  C CB  . MET A 1 48 ? -11.718 6.851   -13.112 1.00 10.82 ? 204 MET A CB  1 
ATOM   376  C CG  . MET A 1 48 ? -13.155 6.597   -13.585 1.00 11.39 ? 204 MET A CG  1 
ATOM   377  S SD  . MET A 1 48 ? -13.786 7.848   -14.695 1.00 15.23 ? 204 MET A SD  1 
ATOM   378  C CE  . MET A 1 48 ? -13.810 9.283   -13.642 1.00 13.88 ? 204 MET A CE  1 
ATOM   379  N N   . PHE A 1 49 ? -8.824  8.501   -13.755 1.00 10.34 ? 205 PHE A N   1 
ATOM   380  C CA  . PHE A 1 49 ? -7.503  8.839   -13.239 1.00 11.35 ? 205 PHE A CA  1 
ATOM   381  C C   . PHE A 1 49 ? -7.585  10.003  -12.230 1.00 11.96 ? 205 PHE A C   1 
ATOM   382  O O   . PHE A 1 49 ? -8.479  10.859  -12.298 1.00 11.71 ? 205 PHE A O   1 
ATOM   383  C CB  . PHE A 1 49 ? -6.518  9.167   -14.390 1.00 9.77  ? 205 PHE A CB  1 
ATOM   384  C CG  . PHE A 1 49 ? -6.788  10.471  -15.096 1.00 11.74 ? 205 PHE A CG  1 
ATOM   385  C CD1 . PHE A 1 49 ? -7.638  10.517  -16.215 1.00 8.85  ? 205 PHE A CD1 1 
ATOM   386  C CD2 . PHE A 1 49 ? -6.182  11.660  -14.665 1.00 9.40  ? 205 PHE A CD2 1 
ATOM   387  C CE1 . PHE A 1 49 ? -7.881  11.708  -16.883 1.00 8.34  ? 205 PHE A CE1 1 
ATOM   388  C CE2 . PHE A 1 49 ? -6.421  12.861  -15.333 1.00 11.07 ? 205 PHE A CE2 1 
ATOM   389  C CZ  . PHE A 1 49 ? -7.280  12.883  -16.454 1.00 11.07 ? 205 PHE A CZ  1 
ATOM   390  N N   . PRO A 1 50 ? -6.650  10.037  -11.270 1.00 10.50 ? 206 PRO A N   1 
ATOM   391  C CA  . PRO A 1 50 ? -6.649  11.115  -10.263 1.00 9.57  ? 206 PRO A CA  1 
ATOM   392  C C   . PRO A 1 50 ? -6.188  12.445  -10.852 1.00 7.32  ? 206 PRO A C   1 
ATOM   393  O O   . PRO A 1 50 ? -5.066  12.557  -11.360 1.00 7.51  ? 206 PRO A O   1 
ATOM   394  C CB  . PRO A 1 50 ? -5.684  10.579  -9.201  1.00 9.90  ? 206 PRO A CB  1 
ATOM   395  C CG  . PRO A 1 50 ? -4.701  9.742   -10.023 1.00 10.07 ? 206 PRO A CG  1 
ATOM   396  C CD  . PRO A 1 50 ? -5.604  9.028   -11.008 1.00 9.02  ? 206 PRO A CD  1 
ATOM   397  N N   . ARG A 1 51 ? -7.059  13.455  -10.828 1.00 6.94  ? 207 ARG A N   1 
ATOM   398  C CA  . ARG A 1 51 ? -6.711  14.766  -11.366 1.00 7.73  ? 207 ARG A CA  1 
ATOM   399  C C   . ARG A 1 51 ? -5.479  15.392  -10.665 1.00 8.28  ? 207 ARG A C   1 
ATOM   400  O O   . ARG A 1 51 ? -4.693  16.112  -11.290 1.00 9.22  ? 207 ARG A O   1 
ATOM   401  C CB  . ARG A 1 51 ? -7.920  15.715  -11.299 1.00 10.45 ? 207 ARG A CB  1 
ATOM   402  C CG  . ARG A 1 51 ? -7.628  17.186  -11.624 1.00 11.32 ? 207 ARG A CG  1 
ATOM   403  C CD  . ARG A 1 51 ? -7.096  17.351  -13.058 1.00 14.71 ? 207 ARG A CD  1 
ATOM   404  N NE  . ARG A 1 51 ? -6.859  18.746  -13.457 1.00 16.53 ? 207 ARG A NE  1 
ATOM   405  C CZ  . ARG A 1 51 ? -5.712  19.401  -13.277 1.00 16.47 ? 207 ARG A CZ  1 
ATOM   406  N NH1 . ARG A 1 51 ? -4.691  18.791  -12.693 1.00 16.33 ? 207 ARG A NH1 1 
ATOM   407  N NH2 . ARG A 1 51 ? -5.581  20.656  -13.692 1.00 14.96 ? 207 ARG A NH2 1 
ATOM   408  N N   . ASN A 1 52 ? -5.289  15.098  -9.384  1.00 9.75  ? 208 ASN A N   1 
ATOM   409  C CA  . ASN A 1 52 ? -4.146  15.671  -8.674  1.00 10.50 ? 208 ASN A CA  1 
ATOM   410  C C   . ASN A 1 52 ? -2.787  15.052  -9.049  1.00 10.55 ? 208 ASN A C   1 
ATOM   411  O O   . ASN A 1 52 ? -1.759  15.398  -8.482  1.00 10.37 ? 208 ASN A O   1 
ATOM   412  C CB  . ASN A 1 52 ? -4.377  15.651  -7.161  1.00 8.54  ? 208 ASN A CB  1 
ATOM   413  C CG  . ASN A 1 52 ? -4.436  14.264  -6.580  1.00 9.71  ? 208 ASN A CG  1 
ATOM   414  O OD1 . ASN A 1 52 ? -4.579  13.260  -7.287  1.00 11.15 ? 208 ASN A OD1 1 
ATOM   415  N ND2 . ASN A 1 52 ? -4.337  14.195  -5.268  1.00 9.59  ? 208 ASN A ND2 1 
ATOM   416  N N   . TYR A 1 53 ? -2.796  14.130  -10.007 1.00 10.44 ? 209 TYR A N   1 
ATOM   417  C CA  . TYR A 1 53 ? -1.569  13.490  -10.478 1.00 8.38  ? 209 TYR A CA  1 
ATOM   418  C C   . TYR A 1 53 ? -1.118  14.045  -11.825 1.00 10.11 ? 209 TYR A C   1 
ATOM   419  O O   . TYR A 1 53 ? -0.092  13.616  -12.362 1.00 11.31 ? 209 TYR A O   1 
ATOM   420  C CB  . TYR A 1 53 ? -1.773  11.978  -10.599 1.00 8.58  ? 209 TYR A CB  1 
ATOM   421  C CG  . TYR A 1 53 ? -1.465  11.212  -9.341  1.00 8.92  ? 209 TYR A CG  1 
ATOM   422  C CD1 . TYR A 1 53 ? -0.646  10.092  -9.374  1.00 7.74  ? 209 TYR A CD1 1 
ATOM   423  C CD2 . TYR A 1 53 ? -1.943  11.645  -8.102  1.00 8.33  ? 209 TYR A CD2 1 
ATOM   424  C CE1 . TYR A 1 53 ? -0.294  9.422   -8.207  1.00 10.41 ? 209 TYR A CE1 1 
ATOM   425  C CE2 . TYR A 1 53 ? -1.601  10.982  -6.935  1.00 9.44  ? 209 TYR A CE2 1 
ATOM   426  C CZ  . TYR A 1 53 ? -0.775  9.876   -6.984  1.00 10.47 ? 209 TYR A CZ  1 
ATOM   427  O OH  . TYR A 1 53 ? -0.401  9.240   -5.821  1.00 10.15 ? 209 TYR A OH  1 
ATOM   428  N N   . VAL A 1 54 ? -1.843  15.029  -12.350 1.00 9.80  ? 210 VAL A N   1 
ATOM   429  C CA  . VAL A 1 54 ? -1.529  15.568  -13.668 1.00 10.07 ? 210 VAL A CA  1 
ATOM   430  C C   . VAL A 1 54 ? -1.484  17.083  -13.744 1.00 11.39 ? 210 VAL A C   1 
ATOM   431  O O   . VAL A 1 54 ? -1.858  17.785  -12.805 1.00 11.96 ? 210 VAL A O   1 
ATOM   432  C CB  . VAL A 1 54 ? -2.558  15.030  -14.742 1.00 8.20  ? 210 VAL A CB  1 
ATOM   433  C CG1 . VAL A 1 54 ? -2.708  13.513  -14.630 1.00 6.31  ? 210 VAL A CG1 1 
ATOM   434  C CG2 . VAL A 1 54 ? -3.924  15.707  -14.579 1.00 9.27  ? 210 VAL A CG2 1 
ATOM   435  N N   . THR A 1 55 ? -0.964  17.587  -14.854 1.00 12.38 ? 211 THR A N   1 
ATOM   436  C CA  . THR A 1 55 ? -0.909  19.011  -15.096 1.00 15.28 ? 211 THR A CA  1 
ATOM   437  C C   . THR A 1 55 ? -1.316  19.253  -16.552 1.00 16.51 ? 211 THR A C   1 
ATOM   438  O O   . THR A 1 55 ? -1.002  18.444  -17.425 1.00 14.53 ? 211 THR A O   1 
ATOM   439  C CB  . THR A 1 55 ? 0.496   19.582  -14.823 1.00 16.56 ? 211 THR A CB  1 
ATOM   440  O OG1 . THR A 1 55 ? 0.436   21.014  -14.863 1.00 20.28 ? 211 THR A OG1 1 
ATOM   441  C CG2 . THR A 1 55 ? 1.514   19.073  -15.848 1.00 16.64 ? 211 THR A CG2 1 
ATOM   442  N N   . PRO A 1 56 ? -2.108  20.309  -16.813 1.00 19.41 ? 212 PRO A N   1 
ATOM   443  C CA  . PRO A 1 56 ? -2.551  20.630  -18.177 1.00 20.51 ? 212 PRO A CA  1 
ATOM   444  C C   . PRO A 1 56 ? -1.383  20.910  -19.117 1.00 23.80 ? 212 PRO A C   1 
ATOM   445  O O   . PRO A 1 56 ? -0.371  21.500  -18.728 1.00 23.60 ? 212 PRO A O   1 
ATOM   446  C CB  . PRO A 1 56 ? -3.394  21.889  -17.976 1.00 20.03 ? 212 PRO A CB  1 
ATOM   447  C CG  . PRO A 1 56 ? -3.986  21.675  -16.619 1.00 21.56 ? 212 PRO A CG  1 
ATOM   448  C CD  . PRO A 1 56 ? -2.782  21.181  -15.832 1.00 21.14 ? 212 PRO A CD  1 
ATOM   449  N N   . VAL A 1 57 ? -1.528  20.446  -20.349 1.00 26.95 ? 213 VAL A N   1 
ATOM   450  C CA  . VAL A 1 57 ? -0.533  20.642  -21.387 1.00 30.89 ? 213 VAL A CA  1 
ATOM   451  C C   . VAL A 1 57 ? -1.162  21.659  -22.341 1.00 34.15 ? 213 VAL A C   1 
ATOM   452  O O   . VAL A 1 57 ? -0.637  22.789  -22.439 1.00 39.34 ? 213 VAL A O   1 
ATOM   453  C CB  . VAL A 1 57 ? -0.244  19.320  -22.154 1.00 30.82 ? 213 VAL A CB  1 
ATOM   454  C CG1 . VAL A 1 57 ? 0.663   19.589  -23.328 1.00 33.57 ? 213 VAL A CG1 1 
ATOM   455  C CG2 . VAL A 1 57 ? 0.388   18.289  -21.234 1.00 29.77 ? 213 VAL A CG2 1 
ATOM   456  N N   . THR B 1 3  ? -8.580  -18.581 10.537  1.00 36.42 ? 159 THR B N   1 
ATOM   457  C CA  . THR B 1 3  ? -7.908  -17.245 10.582  1.00 36.11 ? 159 THR B CA  1 
ATOM   458  C C   . THR B 1 3  ? -6.827  -17.185 9.512   1.00 32.52 ? 159 THR B C   1 
ATOM   459  O O   . THR B 1 3  ? -5.914  -18.021 9.485   1.00 31.46 ? 159 THR B O   1 
ATOM   460  C CB  . THR B 1 3  ? -7.222  -17.000 11.939  1.00 38.81 ? 159 THR B CB  1 
ATOM   461  O OG1 . THR B 1 3  ? -8.031  -17.553 12.991  1.00 42.66 ? 159 THR B OG1 1 
ATOM   462  C CG2 . THR B 1 3  ? -6.995  -15.497 12.162  1.00 37.48 ? 159 THR B CG2 1 
ATOM   463  N N   . TYR B 1 4  ? -6.955  -16.214 8.626   1.00 28.10 ? 160 TYR B N   1 
ATOM   464  C CA  . TYR B 1 4  ? -5.997  -16.035 7.562   1.00 25.55 ? 160 TYR B CA  1 
ATOM   465  C C   . TYR B 1 4  ? -5.443  -14.625 7.613   1.00 21.98 ? 160 TYR B C   1 
ATOM   466  O O   . TYR B 1 4  ? -6.142  -13.683 7.988   1.00 19.68 ? 160 TYR B O   1 
ATOM   467  C CB  . TYR B 1 4  ? -6.660  -16.283 6.200   1.00 27.36 ? 160 TYR B CB  1 
ATOM   468  C CG  . TYR B 1 4  ? -6.881  -17.745 5.897   1.00 30.97 ? 160 TYR B CG  1 
ATOM   469  C CD1 . TYR B 1 4  ? -7.928  -18.446 6.489   1.00 33.72 ? 160 TYR B CD1 1 
ATOM   470  C CD2 . TYR B 1 4  ? -6.010  -18.442 5.057   1.00 31.89 ? 160 TYR B CD2 1 
ATOM   471  C CE1 . TYR B 1 4  ? -8.096  -19.812 6.263   1.00 37.29 ? 160 TYR B CE1 1 
ATOM   472  C CE2 . TYR B 1 4  ? -6.169  -19.809 4.819   1.00 35.39 ? 160 TYR B CE2 1 
ATOM   473  C CZ  . TYR B 1 4  ? -7.212  -20.492 5.431   1.00 37.72 ? 160 TYR B CZ  1 
ATOM   474  O OH  . TYR B 1 4  ? -7.349  -21.862 5.268   1.00 43.04 ? 160 TYR B OH  1 
ATOM   475  N N   . VAL B 1 5  ? -4.168  -14.497 7.287   1.00 17.97 ? 161 VAL B N   1 
ATOM   476  C CA  . VAL B 1 5  ? -3.525  -13.207 7.235   1.00 15.45 ? 161 VAL B CA  1 
ATOM   477  C C   . VAL B 1 5  ? -2.942  -13.123 5.837   1.00 13.86 ? 161 VAL B C   1 
ATOM   478  O O   . VAL B 1 5  ? -2.773  -14.150 5.172   1.00 14.77 ? 161 VAL B O   1 
ATOM   479  C CB  . VAL B 1 5  ? -2.412  -13.063 8.309   1.00 16.05 ? 161 VAL B CB  1 
ATOM   480  C CG1 . VAL B 1 5  ? -3.035  -13.032 9.689   1.00 14.56 ? 161 VAL B CG1 1 
ATOM   481  C CG2 . VAL B 1 5  ? -1.412  -14.200 8.219   1.00 13.50 ? 161 VAL B CG2 1 
ATOM   482  N N   . GLN B 1 6  ? -2.754  -11.911 5.347   1.00 12.31 ? 162 GLN B N   1 
ATOM   483  C CA  . GLN B 1 6  ? -2.183  -11.727 4.035   1.00 12.53 ? 162 GLN B CA  1 
ATOM   484  C C   . GLN B 1 6  ? -0.788  -11.129 4.187   1.00 12.29 ? 162 GLN B C   1 
ATOM   485  O O   . GLN B 1 6  ? -0.588  -10.180 4.949   1.00 12.18 ? 162 GLN B O   1 
ATOM   486  C CB  . GLN B 1 6  ? -3.041  -10.795 3.190   1.00 11.87 ? 162 GLN B CB  1 
ATOM   487  C CG  . GLN B 1 6  ? -2.485  -10.606 1.799   1.00 11.62 ? 162 GLN B CG  1 
ATOM   488  C CD  . GLN B 1 6  ? -3.201  -9.546  1.012   1.00 15.41 ? 162 GLN B CD  1 
ATOM   489  O OE1 . GLN B 1 6  ? -3.415  -8.423  1.489   1.00 16.06 ? 162 GLN B OE1 1 
ATOM   490  N NE2 . GLN B 1 6  ? -3.534  -9.868  -0.234  1.00 16.48 ? 162 GLN B NE2 1 
ATOM   491  N N   . ALA B 1 7  ? 0.180   -11.708 3.495   1.00 11.24 ? 163 ALA B N   1 
ATOM   492  C CA  . ALA B 1 7  ? 1.545   -11.191 3.532   1.00 11.39 ? 163 ALA B CA  1 
ATOM   493  C C   . ALA B 1 7  ? 1.618   -9.845  2.815   1.00 11.20 ? 163 ALA B C   1 
ATOM   494  O O   . ALA B 1 7  ? 1.143   -9.702  1.675   1.00 11.95 ? 163 ALA B O   1 
ATOM   495  C CB  . ALA B 1 7  ? 2.512   -12.195 2.876   1.00 9.88  ? 163 ALA B CB  1 
ATOM   496  N N   . LEU B 1 8  ? 2.143   -8.833  3.504   1.00 8.97  ? 164 LEU B N   1 
ATOM   497  C CA  . LEU B 1 8  ? 2.303   -7.502  2.926   1.00 9.02  ? 164 LEU B CA  1 
ATOM   498  C C   . LEU B 1 8  ? 3.682   -7.361  2.279   1.00 7.94  ? 164 LEU B C   1 
ATOM   499  O O   . LEU B 1 8  ? 3.939   -6.417  1.536   1.00 9.73  ? 164 LEU B O   1 
ATOM   500  C CB  . LEU B 1 8  ? 2.116   -6.419  4.002   1.00 9.66  ? 164 LEU B CB  1 
ATOM   501  C CG  . LEU B 1 8  ? 0.713   -6.305  4.624   1.00 11.42 ? 164 LEU B CG  1 
ATOM   502  C CD1 . LEU B 1 8  ? 0.689   -5.136  5.613   1.00 11.43 ? 164 LEU B CD1 1 
ATOM   503  C CD2 . LEU B 1 8  ? -0.321  -6.070  3.518   1.00 11.66 ? 164 LEU B CD2 1 
ATOM   504  N N   . PHE B 1 9  ? 4.561   -8.315  2.573   1.00 9.74  ? 165 PHE B N   1 
ATOM   505  C CA  . PHE B 1 9  ? 5.925   -8.329  2.051   1.00 10.71 ? 165 PHE B CA  1 
ATOM   506  C C   . PHE B 1 9  ? 6.381   -9.763  1.849   1.00 10.85 ? 165 PHE B C   1 
ATOM   507  O O   . PHE B 1 9  ? 5.813   -10.688 2.436   1.00 11.79 ? 165 PHE B O   1 
ATOM   508  C CB  . PHE B 1 9  ? 6.901   -7.687  3.062   1.00 10.01 ? 165 PHE B CB  1 
ATOM   509  C CG  . PHE B 1 9  ? 6.648   -6.222  3.325   1.00 9.24  ? 165 PHE B CG  1 
ATOM   510  C CD1 . PHE B 1 9  ? 7.309   -5.243  2.593   1.00 10.59 ? 165 PHE B CD1 1 
ATOM   511  C CD2 . PHE B 1 9  ? 5.744   -5.822  4.309   1.00 11.06 ? 165 PHE B CD2 1 
ATOM   512  C CE1 . PHE B 1 9  ? 7.076   -3.893  2.829   1.00 9.58  ? 165 PHE B CE1 1 
ATOM   513  C CE2 . PHE B 1 9  ? 5.505   -4.472  4.552   1.00 8.92  ? 165 PHE B CE2 1 
ATOM   514  C CZ  . PHE B 1 9  ? 6.170   -3.510  3.813   1.00 8.18  ? 165 PHE B CZ  1 
ATOM   515  N N   . ASP B 1 10 ? 7.401   -9.946  1.006   1.00 11.22 ? 166 ASP B N   1 
ATOM   516  C CA  . ASP B 1 10 ? 8.010   -11.258 0.775   1.00 12.56 ? 166 ASP B CA  1 
ATOM   517  C C   . ASP B 1 10 ? 8.773   -11.582 2.037   1.00 12.89 ? 166 ASP B C   1 
ATOM   518  O O   . ASP B 1 10 ? 9.232   -10.677 2.722   1.00 14.62 ? 166 ASP B O   1 
ATOM   519  C CB  . ASP B 1 10 ? 9.072   -11.190 -0.330  1.00 12.92 ? 166 ASP B CB  1 
ATOM   520  C CG  . ASP B 1 10 ? 8.509   -10.806 -1.663  1.00 18.17 ? 166 ASP B CG  1 
ATOM   521  O OD1 . ASP B 1 10 ? 7.375   -11.226 -1.977  1.00 17.17 ? 166 ASP B OD1 1 
ATOM   522  O OD2 . ASP B 1 10 ? 9.206   -10.087 -2.416  1.00 20.77 ? 166 ASP B OD2 1 
ATOM   523  N N   . PHE B 1 11 ? 8.925   -12.859 2.346   1.00 13.61 ? 167 PHE B N   1 
ATOM   524  C CA  . PHE B 1 11 ? 9.713   -13.278 3.495   1.00 13.98 ? 167 PHE B CA  1 
ATOM   525  C C   . PHE B 1 11 ? 10.427  -14.526 2.999   1.00 16.87 ? 167 PHE B C   1 
ATOM   526  O O   . PHE B 1 11 ? 9.799   -15.537 2.713   1.00 15.27 ? 167 PHE B O   1 
ATOM   527  C CB  . PHE B 1 11 ? 8.847   -13.564 4.721   1.00 12.14 ? 167 PHE B CB  1 
ATOM   528  C CG  . PHE B 1 11 ? 9.632   -13.964 5.930   1.00 12.39 ? 167 PHE B CG  1 
ATOM   529  C CD1 . PHE B 1 11 ? 9.325   -15.134 6.614   1.00 12.57 ? 167 PHE B CD1 1 
ATOM   530  C CD2 . PHE B 1 11 ? 10.689  -13.180 6.381   1.00 15.14 ? 167 PHE B CD2 1 
ATOM   531  C CE1 . PHE B 1 11 ? 10.056  -15.535 7.728   1.00 13.89 ? 167 PHE B CE1 1 
ATOM   532  C CE2 . PHE B 1 11 ? 11.430  -13.567 7.494   1.00 14.37 ? 167 PHE B CE2 1 
ATOM   533  C CZ  . PHE B 1 11 ? 11.113  -14.749 8.171   1.00 14.92 ? 167 PHE B CZ  1 
ATOM   534  N N   . ASP B 1 12 ? 11.739  -14.419 2.830   1.00 19.33 ? 168 ASP B N   1 
ATOM   535  C CA  . ASP B 1 12 ? 12.542  -15.521 2.320   1.00 23.08 ? 168 ASP B CA  1 
ATOM   536  C C   . ASP B 1 12 ? 13.639  -15.858 3.317   1.00 24.65 ? 168 ASP B C   1 
ATOM   537  O O   . ASP B 1 12 ? 14.790  -15.490 3.120   1.00 24.89 ? 168 ASP B O   1 
ATOM   538  C CB  . ASP B 1 12 ? 13.162  -15.104 0.973   1.00 25.77 ? 168 ASP B CB  1 
ATOM   539  C CG  . ASP B 1 12 ? 13.364  -16.280 0.013   1.00 33.76 ? 168 ASP B CG  1 
ATOM   540  O OD1 . ASP B 1 12 ? 13.029  -17.440 0.360   1.00 37.17 ? 168 ASP B OD1 1 
ATOM   541  O OD2 . ASP B 1 12 ? 13.870  -16.041 -1.108  1.00 38.52 ? 168 ASP B OD2 1 
ATOM   542  N N   . PRO B 1 13 ? 13.301  -16.613 4.375   1.00 26.57 ? 169 PRO B N   1 
ATOM   543  C CA  . PRO B 1 13 ? 14.257  -17.007 5.414   1.00 29.94 ? 169 PRO B CA  1 
ATOM   544  C C   . PRO B 1 13 ? 15.353  -17.956 4.928   1.00 32.61 ? 169 PRO B C   1 
ATOM   545  O O   . PRO B 1 13 ? 15.240  -18.592 3.869   1.00 33.25 ? 169 PRO B O   1 
ATOM   546  C CB  . PRO B 1 13 ? 13.393  -17.783 6.413   1.00 27.91 ? 169 PRO B CB  1 
ATOM   547  C CG  . PRO B 1 13 ? 11.983  -17.575 5.979   1.00 27.92 ? 169 PRO B CG  1 
ATOM   548  C CD  . PRO B 1 13 ? 12.046  -17.364 4.522   1.00 27.53 ? 169 PRO B CD  1 
ATOM   549  N N   . GLN B 1 14 ? 16.398  -18.066 5.742   1.00 36.00 ? 170 GLN B N   1 
ATOM   550  C CA  . GLN B 1 14 ? 17.504  -18.990 5.488   1.00 40.33 ? 170 GLN B CA  1 
ATOM   551  C C   . GLN B 1 14 ? 17.273  -20.097 6.509   1.00 41.86 ? 170 GLN B C   1 
ATOM   552  O O   . GLN B 1 14 ? 17.362  -21.292 6.197   1.00 42.32 ? 170 GLN B O   1 
ATOM   553  C CB  . GLN B 1 14 ? 18.864  -18.362 5.816   1.00 41.76 ? 170 GLN B CB  1 
ATOM   554  C CG  . GLN B 1 14 ? 19.198  -17.063 5.126   1.00 41.60 ? 170 GLN B CG  1 
ATOM   555  C CD  . GLN B 1 14 ? 19.881  -16.119 6.082   1.00 41.49 ? 170 GLN B CD  1 
ATOM   556  O OE1 . GLN B 1 14 ? 19.229  -15.457 6.894   1.00 43.27 ? 170 GLN B OE1 1 
ATOM   557  N NE2 . GLN B 1 14 ? 21.192  -16.074 6.020   1.00 41.00 ? 170 GLN B NE2 1 
ATOM   558  N N   . GLU B 1 15 ? 16.959  -19.665 7.731   1.00 43.10 ? 171 GLU B N   1 
ATOM   559  C CA  . GLU B 1 15 ? 16.726  -20.566 8.853   1.00 43.74 ? 171 GLU B CA  1 
ATOM   560  C C   . GLU B 1 15 ? 15.589  -21.538 8.781   1.00 43.17 ? 171 GLU B C   1 
ATOM   561  O O   . GLU B 1 15 ? 14.483  -21.234 8.320   1.00 43.31 ? 171 GLU B O   1 
ATOM   562  C CB  . GLU B 1 15 ? 16.627  -19.792 10.158  1.00 45.88 ? 171 GLU B CB  1 
ATOM   563  C CG  . GLU B 1 15 ? 17.820  -20.044 11.071  1.00 51.12 ? 171 GLU B CG  1 
ATOM   564  C CD  . GLU B 1 15 ? 19.140  -20.033 10.308  1.00 54.35 ? 171 GLU B CD  1 
ATOM   565  O OE1 . GLU B 1 15 ? 19.832  -21.087 10.291  1.00 56.08 ? 171 GLU B OE1 1 
ATOM   566  O OE2 . GLU B 1 15 ? 19.455  -18.986 9.689   1.00 57.29 ? 171 GLU B OE2 1 
ATOM   567  N N   . ASP B 1 16 ? 15.895  -22.742 9.237   1.00 42.94 ? 172 ASP B N   1 
ATOM   568  C CA  . ASP B 1 16 ? 14.930  -23.824 9.277   1.00 42.40 ? 172 ASP B CA  1 
ATOM   569  C C   . ASP B 1 16 ? 13.947  -23.476 10.392  1.00 39.18 ? 172 ASP B C   1 
ATOM   570  O O   . ASP B 1 16 ? 14.324  -22.839 11.393  1.00 39.28 ? 172 ASP B O   1 
ATOM   571  C CB  . ASP B 1 16 ? 15.638  -25.149 9.597   1.00 46.81 ? 172 ASP B CB  1 
ATOM   572  C CG  . ASP B 1 16 ? 14.826  -26.364 9.167   1.00 51.50 ? 172 ASP B CG  1 
ATOM   573  O OD1 . ASP B 1 16 ? 14.673  -26.541 7.928   1.00 53.58 ? 172 ASP B OD1 1 
ATOM   574  O OD2 . ASP B 1 16 ? 14.355  -27.131 10.056  1.00 52.22 ? 172 ASP B OD2 1 
ATOM   575  N N   . GLY B 1 17 ? 12.693  -23.885 10.216  1.00 35.13 ? 173 GLY B N   1 
ATOM   576  C CA  . GLY B 1 17 ? 11.663  -23.604 11.199  1.00 29.52 ? 173 GLY B CA  1 
ATOM   577  C C   . GLY B 1 17 ? 10.933  -22.316 10.875  1.00 25.30 ? 173 GLY B C   1 
ATOM   578  O O   . GLY B 1 17 ? 9.926   -21.999 11.502  1.00 23.69 ? 173 GLY B O   1 
ATOM   579  N N   . GLU B 1 18 ? 11.428  -21.587 9.882   1.00 22.75 ? 174 GLU B N   1 
ATOM   580  C CA  . GLU B 1 18 ? 10.813  -20.341 9.482   1.00 22.56 ? 174 GLU B CA  1 
ATOM   581  C C   . GLU B 1 18 ? 10.032  -20.536 8.194   1.00 22.12 ? 174 GLU B C   1 
ATOM   582  O O   . GLU B 1 18 ? 10.484  -21.259 7.298   1.00 22.39 ? 174 GLU B O   1 
ATOM   583  C CB  . GLU B 1 18 ? 11.872  -19.265 9.327   1.00 23.33 ? 174 GLU B CB  1 
ATOM   584  C CG  . GLU B 1 18 ? 12.642  -19.034 10.619  1.00 27.89 ? 174 GLU B CG  1 
ATOM   585  C CD  . GLU B 1 18 ? 13.551  -17.822 10.571  1.00 29.11 ? 174 GLU B CD  1 
ATOM   586  O OE1 . GLU B 1 18 ? 13.879  -17.297 11.655  1.00 32.41 ? 174 GLU B OE1 1 
ATOM   587  O OE2 . GLU B 1 18 ? 13.949  -17.398 9.467   1.00 30.19 ? 174 GLU B OE2 1 
ATOM   588  N N   . LEU B 1 19 ? 8.860   -19.900 8.122   1.00 19.07 ? 175 LEU B N   1 
ATOM   589  C CA  . LEU B 1 19 ? 7.947   -19.986 6.984   1.00 16.53 ? 175 LEU B CA  1 
ATOM   590  C C   . LEU B 1 19 ? 8.208   -18.950 5.894   1.00 17.18 ? 175 LEU B C   1 
ATOM   591  O O   . LEU B 1 19 ? 8.154   -17.746 6.149   1.00 17.30 ? 175 LEU B O   1 
ATOM   592  C CB  . LEU B 1 19 ? 6.503   -19.811 7.476   1.00 16.10 ? 175 LEU B CB  1 
ATOM   593  C CG  . LEU B 1 19 ? 5.409   -19.836 6.410   1.00 15.50 ? 175 LEU B CG  1 
ATOM   594  C CD1 . LEU B 1 19 ? 5.250   -21.274 5.960   1.00 15.72 ? 175 LEU B CD1 1 
ATOM   595  C CD2 . LEU B 1 19 ? 4.093   -19.279 6.956   1.00 13.45 ? 175 LEU B CD2 1 
ATOM   596  N N   . GLY B 1 20 ? 8.426   -19.420 4.669   1.00 14.83 ? 176 GLY B N   1 
ATOM   597  C CA  . GLY B 1 20 ? 8.654   -18.519 3.561   1.00 14.86 ? 176 GLY B CA  1 
ATOM   598  C C   . GLY B 1 20 ? 7.375   -18.206 2.800   1.00 15.55 ? 176 GLY B C   1 
ATOM   599  O O   . GLY B 1 20 ? 6.469   -19.048 2.692   1.00 18.04 ? 176 GLY B O   1 
ATOM   600  N N   . PHE B 1 21 ? 7.280   -16.988 2.287   1.00 14.20 ? 177 PHE B N   1 
ATOM   601  C CA  . PHE B 1 21 ? 6.115   -16.571 1.518   1.00 12.61 ? 177 PHE B CA  1 
ATOM   602  C C   . PHE B 1 21 ? 6.412   -15.336 0.679   1.00 13.34 ? 177 PHE B C   1 
ATOM   603  O O   . PHE B 1 21 ? 7.469   -14.712 0.799   1.00 12.56 ? 177 PHE B O   1 
ATOM   604  C CB  . PHE B 1 21 ? 4.887   -16.352 2.428   1.00 12.12 ? 177 PHE B CB  1 
ATOM   605  C CG  . PHE B 1 21 ? 5.146   -15.459 3.635   1.00 10.24 ? 177 PHE B CG  1 
ATOM   606  C CD1 . PHE B 1 21 ? 5.176   -14.069 3.507   1.00 10.06 ? 177 PHE B CD1 1 
ATOM   607  C CD2 . PHE B 1 21 ? 5.317   -16.015 4.903   1.00 12.09 ? 177 PHE B CD2 1 
ATOM   608  C CE1 . PHE B 1 21 ? 5.368   -13.245 4.624   1.00 10.10 ? 177 PHE B CE1 1 
ATOM   609  C CE2 . PHE B 1 21 ? 5.511   -15.196 6.033   1.00 10.94 ? 177 PHE B CE2 1 
ATOM   610  C CZ  . PHE B 1 21 ? 5.535   -13.819 5.890   1.00 8.42  ? 177 PHE B CZ  1 
ATOM   611  N N   . ARG B 1 22 ? 5.479   -15.014 -0.207  1.00 14.23 ? 178 ARG B N   1 
ATOM   612  C CA  . ARG B 1 22 ? 5.590   -13.866 -1.090  1.00 14.64 ? 178 ARG B CA  1 
ATOM   613  C C   . ARG B 1 22 ? 4.476   -12.876 -0.771  1.00 12.31 ? 178 ARG B C   1 
ATOM   614  O O   . ARG B 1 22 ? 3.433   -13.267 -0.258  1.00 12.24 ? 178 ARG B O   1 
ATOM   615  C CB  . ARG B 1 22 ? 5.455   -14.304 -2.553  1.00 19.03 ? 178 ARG B CB  1 
ATOM   616  C CG  . ARG B 1 22 ? 6.776   -14.375 -3.288  1.00 28.22 ? 178 ARG B CG  1 
ATOM   617  C CD  . ARG B 1 22 ? 7.769   -15.290 -2.586  1.00 34.67 ? 178 ARG B CD  1 
ATOM   618  N NE  . ARG B 1 22 ? 9.081   -14.653 -2.438  1.00 40.03 ? 178 ARG B NE  1 
ATOM   619  C CZ  . ARG B 1 22 ? 10.021  -15.053 -1.583  1.00 41.34 ? 178 ARG B CZ  1 
ATOM   620  N NH1 . ARG B 1 22 ? 9.819   -16.105 -0.793  1.00 41.26 ? 178 ARG B NH1 1 
ATOM   621  N NH2 . ARG B 1 22 ? 11.137  -14.347 -1.463  1.00 44.45 ? 178 ARG B NH2 1 
ATOM   622  N N   . ARG B 1 23 ? 4.724   -11.603 -1.069  1.00 12.37 ? 179 ARG B N   1 
ATOM   623  C CA  . ARG B 1 23 ? 3.766   -10.527 -0.870  1.00 12.75 ? 179 ARG B CA  1 
ATOM   624  C C   . ARG B 1 23 ? 2.469   -10.931 -1.564  1.00 14.02 ? 179 ARG B C   1 
ATOM   625  O O   . ARG B 1 23 ? 2.495   -11.360 -2.718  1.00 14.90 ? 179 ARG B O   1 
ATOM   626  C CB  . ARG B 1 23 ? 4.301   -9.249  -1.509  1.00 13.81 ? 179 ARG B CB  1 
ATOM   627  C CG  . ARG B 1 23 ? 3.338   -8.084  -1.461  1.00 18.61 ? 179 ARG B CG  1 
ATOM   628  C CD  . ARG B 1 23 ? 4.010   -6.800  -1.907  1.00 23.10 ? 179 ARG B CD  1 
ATOM   629  N NE  . ARG B 1 23 ? 3.083   -5.667  -1.859  1.00 34.58 ? 179 ARG B NE  1 
ATOM   630  C CZ  . ARG B 1 23 ? 3.227   -4.563  -1.109  1.00 39.77 ? 179 ARG B CZ  1 
ATOM   631  N NH1 . ARG B 1 23 ? 4.282   -4.397  -0.294  1.00 37.77 ? 179 ARG B NH1 1 
ATOM   632  N NH2 . ARG B 1 23 ? 2.304   -3.598  -1.197  1.00 38.87 ? 179 ARG B NH2 1 
ATOM   633  N N   . GLY B 1 24 ? 1.344   -10.814 -0.870  1.00 13.98 ? 180 GLY B N   1 
ATOM   634  C CA  . GLY B 1 24 ? 0.075   -11.201 -1.457  1.00 13.17 ? 180 GLY B CA  1 
ATOM   635  C C   . GLY B 1 24 ? -0.395  -12.586 -1.046  1.00 13.00 ? 180 GLY B C   1 
ATOM   636  O O   . GLY B 1 24 ? -1.594  -12.872 -1.136  1.00 15.22 ? 180 GLY B O   1 
ATOM   637  N N   . ASP B 1 25 ? 0.511   -13.451 -0.599  1.00 11.50 ? 181 ASP B N   1 
ATOM   638  C CA  . ASP B 1 25 ? 0.127   -14.799 -0.173  1.00 12.06 ? 181 ASP B CA  1 
ATOM   639  C C   . ASP B 1 25 ? -0.751  -14.788 1.060   1.00 14.42 ? 181 ASP B C   1 
ATOM   640  O O   . ASP B 1 25 ? -0.587  -13.950 1.949   1.00 14.73 ? 181 ASP B O   1 
ATOM   641  C CB  . ASP B 1 25 ? 1.342   -15.649 0.177   1.00 13.47 ? 181 ASP B CB  1 
ATOM   642  C CG  . ASP B 1 25 ? 2.081   -16.145 -1.030  1.00 15.38 ? 181 ASP B CG  1 
ATOM   643  O OD1 . ASP B 1 25 ? 1.578   -16.020 -2.152  1.00 16.36 ? 181 ASP B OD1 1 
ATOM   644  O OD2 . ASP B 1 25 ? 3.194   -16.657 -0.851  1.00 15.30 ? 181 ASP B OD2 1 
ATOM   645  N N   . PHE B 1 26 ? -1.670  -15.742 1.126   1.00 15.02 ? 182 PHE B N   1 
ATOM   646  C CA  . PHE B 1 26 ? -2.536  -15.874 2.281   1.00 14.59 ? 182 PHE B CA  1 
ATOM   647  C C   . PHE B 1 26 ? -1.937  -16.966 3.151   1.00 16.28 ? 182 PHE B C   1 
ATOM   648  O O   . PHE B 1 26 ? -1.541  -18.031 2.660   1.00 16.62 ? 182 PHE B O   1 
ATOM   649  C CB  . PHE B 1 26 ? -3.967  -16.184 1.854   1.00 15.60 ? 182 PHE B CB  1 
ATOM   650  C CG  . PHE B 1 26 ? -4.623  -15.042 1.146   1.00 17.58 ? 182 PHE B CG  1 
ATOM   651  C CD1 . PHE B 1 26 ? -5.029  -13.918 1.855   1.00 17.01 ? 182 PHE B CD1 1 
ATOM   652  C CD2 . PHE B 1 26 ? -4.800  -15.067 -0.235  1.00 19.88 ? 182 PHE B CD2 1 
ATOM   653  C CE1 . PHE B 1 26 ? -5.602  -12.831 1.212   1.00 18.14 ? 182 PHE B CE1 1 
ATOM   654  C CE2 . PHE B 1 26 ? -5.379  -13.975 -0.900  1.00 20.69 ? 182 PHE B CE2 1 
ATOM   655  C CZ  . PHE B 1 26 ? -5.779  -12.858 -0.173  1.00 20.33 ? 182 PHE B CZ  1 
ATOM   656  N N   . ILE B 1 27 ? -1.854  -16.685 4.444   1.00 15.07 ? 183 ILE B N   1 
ATOM   657  C CA  . ILE B 1 27 ? -1.264  -17.596 5.407   1.00 13.61 ? 183 ILE B CA  1 
ATOM   658  C C   . ILE B 1 27 ? -2.288  -17.996 6.442   1.00 14.16 ? 183 ILE B C   1 
ATOM   659  O O   . ILE B 1 27 ? -3.027  -17.159 6.955   1.00 13.94 ? 183 ILE B O   1 
ATOM   660  C CB  . ILE B 1 27 ? -0.069  -16.894 6.114   1.00 13.92 ? 183 ILE B CB  1 
ATOM   661  C CG1 . ILE B 1 27 ? 0.998   -16.511 5.074   1.00 15.27 ? 183 ILE B CG1 1 
ATOM   662  C CG2 . ILE B 1 27 ? 0.519   -17.784 7.214   1.00 12.71 ? 183 ILE B CG2 1 
ATOM   663  C CD1 . ILE B 1 27 ? 1.925   -15.388 5.507   1.00 16.71 ? 183 ILE B CD1 1 
ATOM   664  N N   . HIS B 1 28 ? -2.357  -19.292 6.707   1.00 15.24 ? 184 HIS B N   1 
ATOM   665  C CA  . HIS B 1 28 ? -3.273  -19.820 7.700   1.00 17.87 ? 184 HIS B CA  1 
ATOM   666  C C   . HIS B 1 28 ? -2.519  -19.727 9.015   1.00 18.10 ? 184 HIS B C   1 
ATOM   667  O O   . HIS B 1 28 ? -1.514  -20.424 9.198   1.00 17.60 ? 184 HIS B O   1 
ATOM   668  C CB  . HIS B 1 28 ? -3.579  -21.288 7.401   1.00 19.21 ? 184 HIS B CB  1 
ATOM   669  C CG  . HIS B 1 28 ? -4.616  -21.883 8.304   1.00 22.83 ? 184 HIS B CG  1 
ATOM   670  N ND1 . HIS B 1 28 ? -5.875  -22.236 7.858   1.00 25.76 ? 184 HIS B ND1 1 
ATOM   671  C CD2 . HIS B 1 28 ? -4.588  -22.178 9.623   1.00 23.86 ? 184 HIS B CD2 1 
ATOM   672  C CE1 . HIS B 1 28 ? -6.574  -22.718 8.867   1.00 25.36 ? 184 HIS B CE1 1 
ATOM   673  N NE2 . HIS B 1 28 ? -5.819  -22.695 9.950   1.00 25.84 ? 184 HIS B NE2 1 
ATOM   674  N N   . VAL B 1 29 ? -2.981  -18.868 9.921   1.00 19.10 ? 185 VAL B N   1 
ATOM   675  C CA  . VAL B 1 29 ? -2.314  -18.701 11.217  1.00 19.76 ? 185 VAL B CA  1 
ATOM   676  C C   . VAL B 1 29 ? -2.529  -19.900 12.150  1.00 20.48 ? 185 VAL B C   1 
ATOM   677  O O   . VAL B 1 29 ? -3.667  -20.316 12.396  1.00 21.48 ? 185 VAL B O   1 
ATOM   678  C CB  . VAL B 1 29 ? -2.767  -17.412 11.920  1.00 20.35 ? 185 VAL B CB  1 
ATOM   679  C CG1 . VAL B 1 29 ? -1.992  -17.225 13.238  1.00 21.39 ? 185 VAL B CG1 1 
ATOM   680  C CG2 . VAL B 1 29 ? -2.571  -16.232 11.001  1.00 19.09 ? 185 VAL B CG2 1 
ATOM   681  N N   . MET B 1 30 ? -1.433  -20.464 12.649  1.00 19.37 ? 186 MET B N   1 
ATOM   682  C CA  . MET B 1 30 ? -1.493  -21.623 13.535  1.00 20.64 ? 186 MET B CA  1 
ATOM   683  C C   . MET B 1 30 ? -1.256  -21.290 15.003  1.00 22.66 ? 186 MET B C   1 
ATOM   684  O O   . MET B 1 30 ? -1.768  -21.973 15.893  1.00 22.97 ? 186 MET B O   1 
ATOM   685  C CB  . MET B 1 30 ? -0.490  -22.693 13.084  1.00 21.41 ? 186 MET B CB  1 
ATOM   686  C CG  . MET B 1 30 ? -0.865  -23.414 11.773  1.00 22.02 ? 186 MET B CG  1 
ATOM   687  S SD  . MET B 1 30 ? 0.479   -24.465 11.195  1.00 23.26 ? 186 MET B SD  1 
ATOM   688  C CE  . MET B 1 30 ? 0.463   -25.760 12.440  1.00 21.31 ? 186 MET B CE  1 
ATOM   689  N N   . ASP B 1 31 ? -0.474  -20.246 15.261  1.00 23.42 ? 187 ASP B N   1 
ATOM   690  C CA  . ASP B 1 31 ? -0.165  -19.845 16.626  1.00 23.38 ? 187 ASP B CA  1 
ATOM   691  C C   . ASP B 1 31 ? 0.191   -18.376 16.614  1.00 22.56 ? 187 ASP B C   1 
ATOM   692  O O   . ASP B 1 31 ? 1.186   -17.975 16.018  1.00 23.12 ? 187 ASP B O   1 
ATOM   693  C CB  . ASP B 1 31 ? 1.036   -20.669 17.135  1.00 26.14 ? 187 ASP B CB  1 
ATOM   694  C CG  . ASP B 1 31 ? 1.348   -20.445 18.620  1.00 28.54 ? 187 ASP B CG  1 
ATOM   695  O OD1 . ASP B 1 31 ? 0.923   -19.431 19.206  1.00 28.71 ? 187 ASP B OD1 1 
ATOM   696  O OD2 . ASP B 1 31 ? 2.039   -21.304 19.203  1.00 30.79 ? 187 ASP B OD2 1 
ATOM   697  N N   . ASN B 1 32 ? -0.645  -17.561 17.233  1.00 23.28 ? 188 ASN B N   1 
ATOM   698  C CA  . ASN B 1 32 ? -0.365  -16.132 17.311  1.00 24.30 ? 188 ASN B CA  1 
ATOM   699  C C   . ASN B 1 32 ? -0.230  -15.694 18.780  1.00 25.93 ? 188 ASN B C   1 
ATOM   700  O O   . ASN B 1 32 ? -0.477  -14.535 19.117  1.00 26.80 ? 188 ASN B O   1 
ATOM   701  C CB  . ASN B 1 32 ? -1.462  -15.335 16.603  1.00 24.74 ? 188 ASN B CB  1 
ATOM   702  C CG  . ASN B 1 32 ? -2.848  -15.615 17.159  1.00 25.03 ? 188 ASN B CG  1 
ATOM   703  O OD1 . ASN B 1 32 ? -3.005  -16.341 18.136  1.00 25.35 ? 188 ASN B OD1 1 
ATOM   704  N ND2 . ASN B 1 32 ? -3.861  -15.058 16.519  1.00 26.09 ? 188 ASN B ND2 1 
ATOM   705  N N   . SER B 1 33 ? 0.208   -16.619 19.633  1.00 26.10 ? 189 SER B N   1 
ATOM   706  C CA  . SER B 1 33 ? 0.347   -16.354 21.063  1.00 28.46 ? 189 SER B CA  1 
ATOM   707  C C   . SER B 1 33 ? 1.477   -15.393 21.373  1.00 29.75 ? 189 SER B C   1 
ATOM   708  O O   . SER B 1 33 ? 1.367   -14.568 22.285  1.00 31.63 ? 189 SER B O   1 
ATOM   709  C CB  . SER B 1 33 ? 0.534   -17.655 21.846  1.00 27.60 ? 189 SER B CB  1 
ATOM   710  O OG  . SER B 1 33 ? 1.778   -18.264 21.552  1.00 31.65 ? 189 SER B OG  1 
ATOM   711  N N   . ASP B 1 34 ? 2.591   -15.541 20.669  1.00 28.79 ? 190 ASP B N   1 
ATOM   712  C CA  . ASP B 1 34 ? 3.708   -14.646 20.887  1.00 28.56 ? 190 ASP B CA  1 
ATOM   713  C C   . ASP B 1 34 ? 3.404   -13.346 20.142  1.00 29.48 ? 190 ASP B C   1 
ATOM   714  O O   . ASP B 1 34 ? 2.919   -13.365 19.010  1.00 28.95 ? 190 ASP B O   1 
ATOM   715  C CB  . ASP B 1 34 ? 5.008   -15.259 20.397  1.00 29.25 ? 190 ASP B CB  1 
ATOM   716  C CG  . ASP B 1 34 ? 6.206   -14.429 20.780  1.00 32.72 ? 190 ASP B CG  1 
ATOM   717  O OD1 . ASP B 1 34 ? 6.690   -14.579 21.925  1.00 35.52 ? 190 ASP B OD1 1 
ATOM   718  O OD2 . ASP B 1 34 ? 6.645   -13.601 19.957  1.00 32.86 ? 190 ASP B OD2 1 
ATOM   719  N N   . PRO B 1 35 ? 3.715   -12.194 20.757  1.00 29.07 ? 191 PRO B N   1 
ATOM   720  C CA  . PRO B 1 35 ? 3.456   -10.895 20.133  1.00 28.18 ? 191 PRO B CA  1 
ATOM   721  C C   . PRO B 1 35 ? 4.340   -10.556 18.954  1.00 26.31 ? 191 PRO B C   1 
ATOM   722  O O   . PRO B 1 35 ? 4.035   -9.642  18.184  1.00 26.94 ? 191 PRO B O   1 
ATOM   723  C CB  . PRO B 1 35 ? 3.711   -9.924  21.283  1.00 28.74 ? 191 PRO B CB  1 
ATOM   724  C CG  . PRO B 1 35 ? 4.818   -10.597 22.034  1.00 27.93 ? 191 PRO B CG  1 
ATOM   725  C CD  . PRO B 1 35 ? 4.330   -12.022 22.085  1.00 28.86 ? 191 PRO B CD  1 
ATOM   726  N N   . ASN B 1 36 ? 5.427   -11.297 18.808  1.00 25.53 ? 192 ASN B N   1 
ATOM   727  C CA  . ASN B 1 36 ? 6.382   -11.013 17.748  1.00 26.63 ? 192 ASN B CA  1 
ATOM   728  C C   . ASN B 1 36 ? 6.567   -12.051 16.644  1.00 24.98 ? 192 ASN B C   1 
ATOM   729  O O   . ASN B 1 36 ? 6.819   -11.684 15.502  1.00 24.26 ? 192 ASN B O   1 
ATOM   730  C CB  . ASN B 1 36 ? 7.735   -10.682 18.375  1.00 30.27 ? 192 ASN B CB  1 
ATOM   731  C CG  . ASN B 1 36 ? 7.621   -9.649  19.491  1.00 34.09 ? 192 ASN B CG  1 
ATOM   732  O OD1 . ASN B 1 36 ? 7.129   -8.535  19.276  1.00 35.86 ? 192 ASN B OD1 1 
ATOM   733  N ND2 . ASN B 1 36 ? 8.033   -10.032 20.697  1.00 35.67 ? 192 ASN B ND2 1 
ATOM   734  N N   . TRP B 1 37 ? 6.502   -13.334 16.995  1.00 23.41 ? 193 TRP B N   1 
ATOM   735  C CA  . TRP B 1 37 ? 6.673   -14.416 16.027  1.00 21.78 ? 193 TRP B CA  1 
ATOM   736  C C   . TRP B 1 37 ? 5.479   -15.331 16.033  1.00 19.76 ? 193 TRP B C   1 
ATOM   737  O O   . TRP B 1 37 ? 5.100   -15.863 17.078  1.00 18.93 ? 193 TRP B O   1 
ATOM   738  C CB  . TRP B 1 37 ? 7.942   -15.216 16.314  1.00 22.57 ? 193 TRP B CB  1 
ATOM   739  C CG  . TRP B 1 37 ? 9.138   -14.496 15.831  1.00 28.17 ? 193 TRP B CG  1 
ATOM   740  C CD1 . TRP B 1 37 ? 9.730   -13.414 16.418  1.00 27.91 ? 193 TRP B CD1 1 
ATOM   741  C CD2 . TRP B 1 37 ? 9.829   -14.706 14.586  1.00 29.35 ? 193 TRP B CD2 1 
ATOM   742  N NE1 . TRP B 1 37 ? 10.732  -12.924 15.611  1.00 30.65 ? 193 TRP B NE1 1 
ATOM   743  C CE2 . TRP B 1 37 ? 10.817  -13.696 14.481  1.00 30.38 ? 193 TRP B CE2 1 
ATOM   744  C CE3 . TRP B 1 37 ? 9.705   -15.646 13.550  1.00 28.44 ? 193 TRP B CE3 1 
ATOM   745  C CZ2 . TRP B 1 37 ? 11.681  -13.597 13.380  1.00 30.42 ? 193 TRP B CZ2 1 
ATOM   746  C CZ3 . TRP B 1 37 ? 10.560  -15.550 12.457  1.00 27.49 ? 193 TRP B CZ3 1 
ATOM   747  C CH2 . TRP B 1 37 ? 11.537  -14.530 12.380  1.00 29.82 ? 193 TRP B CH2 1 
ATOM   748  N N   . TRP B 1 38 ? 4.871   -15.487 14.866  1.00 18.65 ? 194 TRP B N   1 
ATOM   749  C CA  . TRP B 1 38 ? 3.703   -16.346 14.726  1.00 17.60 ? 194 TRP B CA  1 
ATOM   750  C C   . TRP B 1 38 ? 4.044   -17.561 13.904  1.00 15.92 ? 194 TRP B C   1 
ATOM   751  O O   . TRP B 1 38 ? 4.997   -17.545 13.127  1.00 14.44 ? 194 TRP B O   1 
ATOM   752  C CB  . TRP B 1 38 ? 2.565   -15.613 14.020  1.00 18.32 ? 194 TRP B CB  1 
ATOM   753  C CG  . TRP B 1 38 ? 1.937   -14.525 14.815  1.00 19.38 ? 194 TRP B CG  1 
ATOM   754  C CD1 . TRP B 1 38 ? 2.252   -14.142 16.088  1.00 19.47 ? 194 TRP B CD1 1 
ATOM   755  C CD2 . TRP B 1 38 ? 0.863   -13.685 14.396  1.00 19.89 ? 194 TRP B CD2 1 
ATOM   756  N NE1 . TRP B 1 38 ? 1.435   -13.117 16.486  1.00 19.05 ? 194 TRP B NE1 1 
ATOM   757  C CE2 . TRP B 1 38 ? 0.573   -12.814 15.467  1.00 19.58 ? 194 TRP B CE2 1 
ATOM   758  C CE3 . TRP B 1 38 ? 0.117   -13.580 13.214  1.00 19.91 ? 194 TRP B CE3 1 
ATOM   759  C CZ2 . TRP B 1 38 ? -0.430  -11.850 15.398  1.00 20.65 ? 194 TRP B CZ2 1 
ATOM   760  C CZ3 . TRP B 1 38 ? -0.880  -12.623 13.141  1.00 22.42 ? 194 TRP B CZ3 1 
ATOM   761  C CH2 . TRP B 1 38 ? -1.147  -11.766 14.230  1.00 22.65 ? 194 TRP B CH2 1 
ATOM   762  N N   . LYS B 1 39 ? 3.287   -18.626 14.129  1.00 15.98 ? 195 LYS B N   1 
ATOM   763  C CA  . LYS B 1 39 ? 3.463   -19.851 13.364  1.00 16.45 ? 195 LYS B CA  1 
ATOM   764  C C   . LYS B 1 39 ? 2.322   -19.863 12.354  1.00 16.49 ? 195 LYS B C   1 
ATOM   765  O O   . LYS B 1 39 ? 1.182   -19.527 12.698  1.00 15.29 ? 195 LYS B O   1 
ATOM   766  C CB  . LYS B 1 39 ? 3.382   -21.093 14.248  1.00 16.27 ? 195 LYS B CB  1 
ATOM   767  C CG  . LYS B 1 39 ? 3.688   -22.361 13.478  1.00 16.82 ? 195 LYS B CG  1 
ATOM   768  C CD  . LYS B 1 39 ? 3.527   -23.578 14.332  1.00 19.49 ? 195 LYS B CD  1 
ATOM   769  C CE  . LYS B 1 39 ? 3.825   -24.810 13.522  1.00 23.89 ? 195 LYS B CE  1 
ATOM   770  N NZ  . LYS B 1 39 ? 3.686   -26.038 14.355  1.00 28.03 ? 195 LYS B NZ  1 
ATOM   771  N N   . GLY B 1 40 ? 2.636   -20.210 11.109  1.00 16.46 ? 196 GLY B N   1 
ATOM   772  C CA  . GLY B 1 40 ? 1.622   -20.245 10.070  1.00 17.13 ? 196 GLY B CA  1 
ATOM   773  C C   . GLY B 1 40 ? 1.895   -21.322 9.035   1.00 17.05 ? 196 GLY B C   1 
ATOM   774  O O   . GLY B 1 40 ? 2.941   -21.990 9.081   1.00 14.32 ? 196 GLY B O   1 
ATOM   775  N N   . ALA B 1 41 ? 0.937   -21.485 8.119   1.00 16.31 ? 197 ALA B N   1 
ATOM   776  C CA  . ALA B 1 41 ? 1.007   -22.476 7.041   1.00 15.89 ? 197 ALA B CA  1 
ATOM   777  C C   . ALA B 1 41 ? 0.854   -21.809 5.685   1.00 16.67 ? 197 ALA B C   1 
ATOM   778  O O   . ALA B 1 41 ? -0.038  -20.980 5.486   1.00 15.73 ? 197 ALA B O   1 
ATOM   779  C CB  . ALA B 1 41 ? -0.071  -23.522 7.215   1.00 14.70 ? 197 ALA B CB  1 
ATOM   780  N N   . CYS B 1 42 ? 1.720   -22.189 4.752   1.00 16.05 ? 198 CYS B N   1 
ATOM   781  C CA  . CYS B 1 42 ? 1.694   -21.641 3.409   1.00 16.99 ? 198 CYS B CA  1 
ATOM   782  C C   . CYS B 1 42 ? 2.564   -22.510 2.517   1.00 15.95 ? 198 CYS B C   1 
ATOM   783  O O   . CYS B 1 42 ? 3.552   -23.066 2.966   1.00 16.72 ? 198 CYS B O   1 
ATOM   784  C CB  . CYS B 1 42 ? 2.273   -20.222 3.406   1.00 17.42 ? 198 CYS B CB  1 
ATOM   785  S SG  . CYS B 1 42 ? 1.756   -19.310 1.986   1.00 28.14 ? 198 CYS B SG  1 
ATOM   786  N N   . HIS B 1 43 ? 2.173   -22.653 1.260   1.00 19.14 ? 199 HIS B N   1 
ATOM   787  C CA  . HIS B 1 43 ? 2.955   -23.415 0.283   1.00 19.25 ? 199 HIS B CA  1 
ATOM   788  C C   . HIS B 1 43 ? 3.398   -24.817 0.695   1.00 18.26 ? 199 HIS B C   1 
ATOM   789  O O   . HIS B 1 43 ? 4.515   -25.227 0.399   1.00 19.18 ? 199 HIS B O   1 
ATOM   790  C CB  . HIS B 1 43 ? 4.184   -22.602 -0.125  1.00 20.61 ? 199 HIS B CB  1 
ATOM   791  C CG  . HIS B 1 43 ? 3.859   -21.260 -0.699  1.00 25.11 ? 199 HIS B CG  1 
ATOM   792  N ND1 . HIS B 1 43 ? 2.975   -21.089 -1.746  1.00 28.48 ? 199 HIS B ND1 1 
ATOM   793  C CD2 . HIS B 1 43 ? 4.325   -20.024 -0.394  1.00 25.09 ? 199 HIS B CD2 1 
ATOM   794  C CE1 . HIS B 1 43 ? 2.915   -19.808 -2.065  1.00 26.62 ? 199 HIS B CE1 1 
ATOM   795  N NE2 . HIS B 1 43 ? 3.729   -19.142 -1.263  1.00 24.47 ? 199 HIS B NE2 1 
ATOM   796  N N   . GLY B 1 44 ? 2.535   -25.539 1.402   1.00 16.67 ? 200 GLY B N   1 
ATOM   797  C CA  . GLY B 1 44 ? 2.860   -26.893 1.805   1.00 17.21 ? 200 GLY B CA  1 
ATOM   798  C C   . GLY B 1 44 ? 3.756   -27.027 3.013   1.00 17.60 ? 200 GLY B C   1 
ATOM   799  O O   . GLY B 1 44 ? 4.154   -28.134 3.373   1.00 17.53 ? 200 GLY B O   1 
ATOM   800  N N   . GLN B 1 45 ? 4.045   -25.918 3.676   1.00 17.77 ? 201 GLN B N   1 
ATOM   801  C CA  . GLN B 1 45 ? 4.902   -25.967 4.840   1.00 18.42 ? 201 GLN B CA  1 
ATOM   802  C C   . GLN B 1 45 ? 4.381   -25.092 5.963   1.00 16.83 ? 201 GLN B C   1 
ATOM   803  O O   . GLN B 1 45 ? 3.446   -24.305 5.762   1.00 14.99 ? 201 GLN B O   1 
ATOM   804  C CB  . GLN B 1 45 ? 6.292   -25.504 4.448   1.00 23.59 ? 201 GLN B CB  1 
ATOM   805  C CG  . GLN B 1 45 ? 7.036   -26.514 3.621   1.00 33.97 ? 201 GLN B CG  1 
ATOM   806  C CD  . GLN B 1 45 ? 8.247   -25.912 2.989   1.00 39.45 ? 201 GLN B CD  1 
ATOM   807  O OE1 . GLN B 1 45 ? 8.164   -25.325 1.909   1.00 44.56 ? 201 GLN B OE1 1 
ATOM   808  N NE2 . GLN B 1 45 ? 9.380   -25.990 3.681   1.00 44.11 ? 201 GLN B NE2 1 
ATOM   809  N N   . THR B 1 46 ? 4.931   -25.294 7.156   1.00 14.76 ? 202 THR B N   1 
ATOM   810  C CA  . THR B 1 46 ? 4.577   -24.475 8.310   1.00 16.96 ? 202 THR B CA  1 
ATOM   811  C C   . THR B 1 46 ? 5.886   -23.950 8.893   1.00 16.33 ? 202 THR B C   1 
ATOM   812  O O   . THR B 1 46 ? 6.965   -24.492 8.631   1.00 15.56 ? 202 THR B O   1 
ATOM   813  C CB  . THR B 1 46 ? 3.826   -25.245 9.425   1.00 15.66 ? 202 THR B CB  1 
ATOM   814  O OG1 . THR B 1 46 ? 4.741   -26.091 10.131  1.00 16.84 ? 202 THR B OG1 1 
ATOM   815  C CG2 . THR B 1 46 ? 2.680   -26.064 8.857   1.00 14.91 ? 202 THR B CG2 1 
ATOM   816  N N   . GLY B 1 47 ? 5.788   -22.888 9.676   1.00 16.27 ? 203 GLY B N   1 
ATOM   817  C CA  . GLY B 1 47 ? 6.972   -22.325 10.289  1.00 16.88 ? 203 GLY B CA  1 
ATOM   818  C C   . GLY B 1 47 ? 6.668   -20.997 10.949  1.00 16.97 ? 203 GLY B C   1 
ATOM   819  O O   . GLY B 1 47 ? 5.539   -20.513 10.880  1.00 15.71 ? 203 GLY B O   1 
ATOM   820  N N   . MET B 1 48 ? 7.692   -20.393 11.541  1.00 16.16 ? 204 MET B N   1 
ATOM   821  C CA  . MET B 1 48 ? 7.564   -19.116 12.224  1.00 16.30 ? 204 MET B CA  1 
ATOM   822  C C   . MET B 1 48 ? 7.866   -17.964 11.280  1.00 15.39 ? 204 MET B C   1 
ATOM   823  O O   . MET B 1 48 ? 8.632   -18.113 10.329  1.00 15.05 ? 204 MET B O   1 
ATOM   824  C CB  . MET B 1 48 ? 8.543   -19.065 13.393  1.00 17.08 ? 204 MET B CB  1 
ATOM   825  C CG  . MET B 1 48 ? 8.428   -20.241 14.348  1.00 20.32 ? 204 MET B CG  1 
ATOM   826  S SD  . MET B 1 48 ? 6.792   -20.380 15.088  1.00 23.35 ? 204 MET B SD  1 
ATOM   827  C CE  . MET B 1 48 ? 6.725   -18.817 16.032  1.00 25.99 ? 204 MET B CE  1 
ATOM   828  N N   . PHE B 1 49 ? 7.227   -16.825 11.511  1.00 15.09 ? 205 PHE B N   1 
ATOM   829  C CA  . PHE B 1 49 ? 7.473   -15.646 10.703  1.00 14.16 ? 205 PHE B CA  1 
ATOM   830  C C   . PHE B 1 49 ? 7.212   -14.438 11.592  1.00 15.15 ? 205 PHE B C   1 
ATOM   831  O O   . PHE B 1 49 ? 6.495   -14.552 12.605  1.00 15.48 ? 205 PHE B O   1 
ATOM   832  C CB  . PHE B 1 49 ? 6.585   -15.618 9.451   1.00 13.55 ? 205 PHE B CB  1 
ATOM   833  C CG  . PHE B 1 49 ? 5.120   -15.577 9.747   1.00 12.39 ? 205 PHE B CG  1 
ATOM   834  C CD1 . PHE B 1 49 ? 4.402   -16.756 9.915   1.00 14.04 ? 205 PHE B CD1 1 
ATOM   835  C CD2 . PHE B 1 49 ? 4.458   -14.358 9.884   1.00 13.39 ? 205 PHE B CD2 1 
ATOM   836  C CE1 . PHE B 1 49 ? 3.040   -16.723 10.220  1.00 15.84 ? 205 PHE B CE1 1 
ATOM   837  C CE2 . PHE B 1 49 ? 3.092   -14.314 10.191  1.00 13.07 ? 205 PHE B CE2 1 
ATOM   838  C CZ  . PHE B 1 49 ? 2.385   -15.490 10.360  1.00 13.96 ? 205 PHE B CZ  1 
ATOM   839  N N   . PRO B 1 50 ? 7.846   -13.287 11.279  1.00 16.23 ? 206 PRO B N   1 
ATOM   840  C CA  . PRO B 1 50 ? 7.642   -12.084 12.094  1.00 15.39 ? 206 PRO B CA  1 
ATOM   841  C C   . PRO B 1 50 ? 6.240   -11.564 11.847  1.00 15.60 ? 206 PRO B C   1 
ATOM   842  O O   . PRO B 1 50 ? 5.816   -11.388 10.700  1.00 13.99 ? 206 PRO B O   1 
ATOM   843  C CB  . PRO B 1 50 ? 8.701   -11.110 11.569  1.00 13.79 ? 206 PRO B CB  1 
ATOM   844  C CG  . PRO B 1 50 ? 9.702   -11.990 10.832  1.00 16.89 ? 206 PRO B CG  1 
ATOM   845  C CD  . PRO B 1 50 ? 8.798   -13.012 10.188  1.00 15.66 ? 206 PRO B CD  1 
ATOM   846  N N   . ARG B 1 51 ? 5.537   -11.328 12.947  1.00 16.36 ? 207 ARG B N   1 
ATOM   847  C CA  . ARG B 1 51 ? 4.162   -10.851 12.971  1.00 15.92 ? 207 ARG B CA  1 
ATOM   848  C C   . ARG B 1 51 ? 3.880   -9.639  12.088  1.00 14.35 ? 207 ARG B C   1 
ATOM   849  O O   . ARG B 1 51 ? 2.832   -9.555  11.452  1.00 16.83 ? 207 ARG B O   1 
ATOM   850  C CB  . ARG B 1 51 ? 3.791   -10.517 14.434  1.00 19.09 ? 207 ARG B CB  1 
ATOM   851  C CG  . ARG B 1 51 ? 2.349   -10.096 14.663  1.00 24.40 ? 207 ARG B CG  1 
ATOM   852  C CD  . ARG B 1 51 ? 2.112   -8.583  14.575  1.00 26.51 ? 207 ARG B CD  1 
ATOM   853  N NE  . ARG B 1 51 ? 0.684   -8.267  14.494  1.00 29.69 ? 207 ARG B NE  1 
ATOM   854  C CZ  . ARG B 1 51 ? -0.057  -8.297  13.377  1.00 32.92 ? 207 ARG B CZ  1 
ATOM   855  N NH1 . ARG B 1 51 ? 0.468   -8.613  12.196  1.00 26.19 ? 207 ARG B NH1 1 
ATOM   856  N NH2 . ARG B 1 51 ? -1.366  -8.062  13.451  1.00 35.39 ? 207 ARG B NH2 1 
ATOM   857  N N   . ASN B 1 52 ? 4.813   -8.698  12.038  1.00 11.39 ? 208 ASN B N   1 
ATOM   858  C CA  . ASN B 1 52 ? 4.606   -7.471  11.287  1.00 9.39  ? 208 ASN B CA  1 
ATOM   859  C C   . ASN B 1 52 ? 4.704   -7.552  9.771   1.00 9.45  ? 208 ASN B C   1 
ATOM   860  O O   . ASN B 1 52 ? 4.612   -6.540  9.066   1.00 10.80 ? 208 ASN B O   1 
ATOM   861  C CB  . ASN B 1 52 ? 5.484   -6.359  11.859  1.00 9.71  ? 208 ASN B CB  1 
ATOM   862  C CG  . ASN B 1 52 ? 5.059   -5.952  13.272  1.00 10.90 ? 208 ASN B CG  1 
ATOM   863  O OD1 . ASN B 1 52 ? 3.872   -5.936  13.590  1.00 13.68 ? 208 ASN B OD1 1 
ATOM   864  N ND2 . ASN B 1 52 ? 6.020   -5.634  14.115  1.00 10.54 ? 208 ASN B ND2 1 
ATOM   865  N N   . TYR B 1 53 ? 4.880   -8.766  9.271   1.00 10.79 ? 209 TYR B N   1 
ATOM   866  C CA  . TYR B 1 53 ? 4.948   -8.981  7.837   1.00 11.60 ? 209 TYR B CA  1 
ATOM   867  C C   . TYR B 1 53 ? 3.544   -9.184  7.268   1.00 12.40 ? 209 TYR B C   1 
ATOM   868  O O   . TYR B 1 53 ? 3.330   -9.034  6.055   1.00 12.73 ? 209 TYR B O   1 
ATOM   869  C CB  . TYR B 1 53 ? 5.761   -10.241 7.543   1.00 10.68 ? 209 TYR B CB  1 
ATOM   870  C CG  . TYR B 1 53 ? 7.226   -9.985  7.345   1.00 12.33 ? 209 TYR B CG  1 
ATOM   871  C CD1 . TYR B 1 53 ? 8.041   -9.590  8.405   1.00 13.44 ? 209 TYR B CD1 1 
ATOM   872  C CD2 . TYR B 1 53 ? 7.807   -10.137 6.082   1.00 13.02 ? 209 TYR B CD2 1 
ATOM   873  C CE1 . TYR B 1 53 ? 9.412   -9.355  8.207   1.00 13.63 ? 209 TYR B CE1 1 
ATOM   874  C CE2 . TYR B 1 53 ? 9.160   -9.908  5.876   1.00 13.91 ? 209 TYR B CE2 1 
ATOM   875  C CZ  . TYR B 1 53 ? 9.959   -9.521  6.939   1.00 15.02 ? 209 TYR B CZ  1 
ATOM   876  O OH  . TYR B 1 53 ? 11.298  -9.324  6.712   1.00 14.71 ? 209 TYR B OH  1 
ATOM   877  N N   . VAL B 1 54 ? 2.588   -9.493  8.141   1.00 12.59 ? 210 VAL B N   1 
ATOM   878  C CA  . VAL B 1 54 ? 1.229   -9.807  7.707   1.00 12.59 ? 210 VAL B CA  1 
ATOM   879  C C   . VAL B 1 54 ? 0.134   -8.917  8.281   1.00 15.51 ? 210 VAL B C   1 
ATOM   880  O O   . VAL B 1 54 ? 0.335   -8.246  9.297   1.00 15.51 ? 210 VAL B O   1 
ATOM   881  C CB  . VAL B 1 54 ? 0.890   -11.276 8.045   1.00 11.74 ? 210 VAL B CB  1 
ATOM   882  C CG1 . VAL B 1 54 ? 1.979   -12.212 7.509   1.00 10.67 ? 210 VAL B CG1 1 
ATOM   883  C CG2 . VAL B 1 54 ? 0.730   -11.460 9.557   1.00 10.52 ? 210 VAL B CG2 1 
ATOM   884  N N   . THR B 1 55 ? -1.032  -8.943  7.633   1.00 15.82 ? 211 THR B N   1 
ATOM   885  C CA  . THR B 1 55 ? -2.191  -8.157  8.054   1.00 16.16 ? 211 THR B CA  1 
ATOM   886  C C   . THR B 1 55 ? -3.434  -9.075  8.047   1.00 18.46 ? 211 THR B C   1 
ATOM   887  O O   . THR B 1 55 ? -3.531  -10.002 7.233   1.00 14.72 ? 211 THR B O   1 
ATOM   888  C CB  . THR B 1 55 ? -2.367  -6.922  7.139   1.00 16.97 ? 211 THR B CB  1 
ATOM   889  O OG1 . THR B 1 55 ? -3.271  -5.986  7.741   1.00 17.88 ? 211 THR B OG1 1 
ATOM   890  C CG2 . THR B 1 55 ? -2.858  -7.313  5.745   1.00 16.38 ? 211 THR B CG2 1 
ATOM   891  N N   . PRO B 1 56 ? -4.389  -8.848  8.969   1.00 20.35 ? 212 PRO B N   1 
ATOM   892  C CA  . PRO B 1 56 ? -5.595  -9.687  9.031   1.00 20.94 ? 212 PRO B CA  1 
ATOM   893  C C   . PRO B 1 56 ? -6.497  -9.592  7.811   1.00 22.39 ? 212 PRO B C   1 
ATOM   894  O O   . PRO B 1 56 ? -6.736  -8.512  7.278   1.00 22.58 ? 212 PRO B O   1 
ATOM   895  C CB  . PRO B 1 56 ? -6.284  -9.202  10.306  1.00 21.22 ? 212 PRO B CB  1 
ATOM   896  C CG  . PRO B 1 56 ? -5.890  -7.758  10.375  1.00 20.53 ? 212 PRO B CG  1 
ATOM   897  C CD  . PRO B 1 56 ? -4.436  -7.778  9.984   1.00 20.57 ? 212 PRO B CD  1 
ATOM   898  N N   . VAL B 1 57 ? -6.970  -10.742 7.346   1.00 26.45 ? 213 VAL B N   1 
ATOM   899  C CA  . VAL B 1 57 ? -7.840  -10.781 6.177   1.00 30.56 ? 213 VAL B CA  1 
ATOM   900  C C   . VAL B 1 57 ? -9.267  -10.347 6.546   1.00 34.46 ? 213 VAL B C   1 
ATOM   901  O O   . VAL B 1 57 ? -9.958  -9.727  5.747   1.00 34.56 ? 213 VAL B O   1 
ATOM   902  C CB  . VAL B 1 57 ? -7.861  -12.197 5.521   1.00 30.34 ? 213 VAL B CB  1 
ATOM   903  C CG1 . VAL B 1 57 ? -8.907  -12.253 4.428   1.00 29.90 ? 213 VAL B CG1 1 
ATOM   904  C CG2 . VAL B 1 57 ? -6.508  -12.528 4.926   1.00 27.76 ? 213 VAL B CG2 1 
ATOM   905  N N   . ASN B 1 58 ? -9.689  -10.676 7.765   1.00 38.52 ? 214 ASN B N   1 
ATOM   906  C CA  . ASN B 1 58 ? -11.029 -10.315 8.227   1.00 44.28 ? 214 ASN B CA  1 
ATOM   907  C C   . ASN B 1 58 ? -11.376 -8.836  8.020   1.00 46.53 ? 214 ASN B C   1 
ATOM   908  O O   . ASN B 1 58 ? -12.552 -8.480  7.860   1.00 48.40 ? 214 ASN B O   1 
ATOM   909  C CB  . ASN B 1 58 ? -11.221 -10.684 9.702   1.00 46.17 ? 214 ASN B CB  1 
ATOM   910  C CG  . ASN B 1 58 ? -10.293 -9.903  10.638  1.00 48.87 ? 214 ASN B CG  1 
ATOM   911  O OD1 . ASN B 1 58 ? -9.285  -10.437 11.122  1.00 50.81 ? 214 ASN B OD1 1 
ATOM   912  N ND2 . ASN B 1 58 ? -10.641 -8.639  10.909  1.00 50.11 ? 214 ASN B ND2 1 
ATOM   913  N N   . ARG B 1 59 ? -10.360 -7.973  8.046   1.00 48.31 ? 215 ARG B N   1 
ATOM   914  C CA  . ARG B 1 59 ? -10.586 -6.541  7.859   1.00 49.64 ? 215 ARG B CA  1 
ATOM   915  C C   . ARG B 1 59 ? -10.619 -6.201  6.373   1.00 51.17 ? 215 ARG B C   1 
ATOM   916  O O   . ARG B 1 59 ? -9.912  -6.892  5.585   1.00 52.37 ? 215 ARG B O   1 
ATOM   917  C CB  . ARG B 1 59 ? -9.509  -5.725  8.577   1.00 49.28 ? 215 ARG B CB  1 
ATOM   918  C CG  . ARG B 1 59 ? -9.511  -5.908  10.083  1.00 48.19 ? 215 ARG B CG  1 
ATOM   919  C CD  . ARG B 1 59 ? -8.727  -4.821  10.794  1.00 46.57 ? 215 ARG B CD  1 
ATOM   920  N NE  . ARG B 1 59 ? -8.546  -5.135  12.212  1.00 45.93 ? 215 ARG B NE  1 
ATOM   921  C CZ  . ARG B 1 59 ? -8.166  -4.250  13.132  1.00 43.80 ? 215 ARG B CZ  1 
ATOM   922  N NH1 . ARG B 1 59 ? -8.012  -4.618  14.397  1.00 43.85 ? 215 ARG B NH1 1 
ATOM   923  N NH2 . ARG B 1 59 ? -7.982  -2.984  12.790  1.00 41.68 ? 215 ARG B NH2 1 
ATOM   924  N N   . GLY C 2 1  ? -5.244  2.006   18.768  1.00 23.68 ? 591 GLY C N   1 
ATOM   925  C CA  . GLY C 2 1  ? -4.506  0.790   18.308  1.00 24.74 ? 591 GLY C CA  1 
ATOM   926  C C   . GLY C 2 1  ? -5.347  -0.471  18.400  1.00 25.68 ? 591 GLY C C   1 
ATOM   927  O O   . GLY C 2 1  ? -6.426  -0.448  19.003  1.00 24.76 ? 591 GLY C O   1 
ATOM   928  N N   . SER C 2 2  ? -4.849  -1.566  17.817  1.00 24.66 ? 592 SER C N   1 
ATOM   929  C CA  . SER C 2 2  ? -5.523  -2.867  17.821  1.00 24.69 ? 592 SER C CA  1 
ATOM   930  C C   . SER C 2 2  ? -4.509  -3.949  17.414  1.00 27.41 ? 592 SER C C   1 
ATOM   931  O O   . SER C 2 2  ? -3.302  -3.695  17.378  1.00 28.74 ? 592 SER C O   1 
ATOM   932  C CB  . SER C 2 2  ? -6.710  -2.842  16.858  1.00 21.57 ? 592 SER C CB  1 
ATOM   933  O OG  . SER C 2 2  ? -6.293  -2.413  15.578  1.00 21.84 ? 592 SER C OG  1 
ATOM   934  N N   . HIS C 2 3  ? -4.976  -5.145  17.084  1.00 28.73 ? 593 HIS C N   1 
ATOM   935  C CA  . HIS C 2 3  ? -4.052  -6.215  16.703  1.00 30.11 ? 593 HIS C CA  1 
ATOM   936  C C   . HIS C 2 3  ? -3.695  -6.164  15.217  1.00 28.52 ? 593 HIS C C   1 
ATOM   937  O O   . HIS C 2 3  ? -4.065  -7.053  14.434  1.00 30.47 ? 593 HIS C O   1 
ATOM   938  C CB  . HIS C 2 3  ? -4.642  -7.568  17.087  1.00 33.96 ? 593 HIS C CB  1 
ATOM   939  C CG  . HIS C 2 3  ? -5.191  -7.593  18.483  1.00 40.31 ? 593 HIS C CG  1 
ATOM   940  N ND1 . HIS C 2 3  ? -4.507  -7.069  19.560  1.00 43.40 ? 593 HIS C ND1 1 
ATOM   941  C CD2 . HIS C 2 3  ? -6.375  -8.038  18.971  1.00 41.38 ? 593 HIS C CD2 1 
ATOM   942  C CE1 . HIS C 2 3  ? -5.242  -7.191  20.651  1.00 43.50 ? 593 HIS C CE1 1 
ATOM   943  N NE2 . HIS C 2 3  ? -6.378  -7.773  20.323  1.00 44.36 ? 593 HIS C NE2 1 
ATOM   944  N N   . MET C 2 4  ? -2.962  -5.116  14.850  1.00 24.32 ? 594 MET C N   1 
ATOM   945  C CA  . MET C 2 4  ? -2.539  -4.870  13.475  1.00 19.28 ? 594 MET C CA  1 
ATOM   946  C C   . MET C 2 4  ? -1.016  -4.811  13.384  1.00 16.82 ? 594 MET C C   1 
ATOM   947  O O   . MET C 2 4  ? -0.331  -4.619  14.395  1.00 14.75 ? 594 MET C O   1 
ATOM   948  C CB  . MET C 2 4  ? -3.123  -3.538  13.013  1.00 18.56 ? 594 MET C CB  1 
ATOM   949  C CG  . MET C 2 4  ? -4.628  -3.581  12.751  1.00 19.36 ? 594 MET C CG  1 
ATOM   950  S SD  . MET C 2 4  ? -4.988  -4.532  11.265  1.00 19.66 ? 594 MET C SD  1 
ATOM   951  C CE  . MET C 2 4  ? -4.568  -3.374  9.993   1.00 14.38 ? 594 MET C CE  1 
ATOM   952  N N   . PRO C 2 5  ? -0.459  -4.994  12.178  1.00 13.92 ? 595 PRO C N   1 
ATOM   953  C CA  . PRO C 2 5  ? 0.996   -4.945  12.009  1.00 11.99 ? 595 PRO C CA  1 
ATOM   954  C C   . PRO C 2 5  ? 1.581   -3.534  12.135  1.00 10.90 ? 595 PRO C C   1 
ATOM   955  O O   . PRO C 2 5  ? 0.925   -2.533  11.822  1.00 9.80  ? 595 PRO C O   1 
ATOM   956  C CB  . PRO C 2 5  ? 1.181   -5.484  10.593  1.00 11.45 ? 595 PRO C CB  1 
ATOM   957  C CG  . PRO C 2 5  ? -0.050  -5.001  9.917   1.00 11.91 ? 595 PRO C CG  1 
ATOM   958  C CD  . PRO C 2 5  ? -1.105  -5.370  10.911  1.00 12.14 ? 595 PRO C CD  1 
ATOM   959  N N   . LYS C 2 6  ? 2.822   -3.472  12.617  1.00 10.97 ? 596 LYS C N   1 
ATOM   960  C CA  . LYS C 2 6  ? 3.547   -2.221  12.756  1.00 9.99  ? 596 LYS C CA  1 
ATOM   961  C C   . LYS C 2 6  ? 4.674   -2.190  11.723  1.00 8.64  ? 596 LYS C C   1 
ATOM   962  O O   . LYS C 2 6  ? 5.347   -3.203  11.498  1.00 8.99  ? 596 LYS C O   1 
ATOM   963  C CB  . LYS C 2 6  ? 4.141   -2.104  14.149  1.00 10.61 ? 596 LYS C CB  1 
ATOM   964  C CG  . LYS C 2 6  ? 3.109   -1.979  15.233  1.00 13.12 ? 596 LYS C CG  1 
ATOM   965  C CD  . LYS C 2 6  ? 3.800   -1.791  16.562  1.00 17.26 ? 596 LYS C CD  1 
ATOM   966  C CE  . LYS C 2 6  ? 2.831   -1.946  17.719  1.00 21.95 ? 596 LYS C CE  1 
ATOM   967  N NZ  . LYS C 2 6  ? 3.029   -0.804  18.664  1.00 31.27 ? 596 LYS C NZ  1 
ATOM   968  N N   . MET C 2 7  ? 4.905   -1.011  11.164  1.00 8.24  ? 597 MET C N   1 
ATOM   969  C CA  . MET C 2 7  ? 5.921   -0.780  10.145  1.00 9.77  ? 597 MET C CA  1 
ATOM   970  C C   . MET C 2 7  ? 6.935   0.261   10.582  1.00 9.38  ? 597 MET C C   1 
ATOM   971  O O   . MET C 2 7  ? 6.596   1.191   11.321  1.00 10.67 ? 597 MET C O   1 
ATOM   972  C CB  . MET C 2 7  ? 5.263   -0.226  8.870   1.00 10.67 ? 597 MET C CB  1 
ATOM   973  C CG  . MET C 2 7  ? 4.187   -1.096  8.239   1.00 10.90 ? 597 MET C CG  1 
ATOM   974  S SD  . MET C 2 7  ? 4.920   -2.523  7.489   1.00 11.65 ? 597 MET C SD  1 
ATOM   975  C CE  . MET C 2 7  ? 3.974   -3.790  8.138   1.00 11.22 ? 597 MET C CE  1 
ATOM   976  N N   . GLU C 2 8  ? 8.172   0.112   10.121  1.00 8.94  ? 598 GLU C N   1 
ATOM   977  C CA  . GLU C 2 8  ? 9.197   1.101   10.388  1.00 8.39  ? 598 GLU C CA  1 
ATOM   978  C C   . GLU C 2 8  ? 9.409   1.850   9.080   1.00 8.40  ? 598 GLU C C   1 
ATOM   979  O O   . GLU C 2 8  ? 9.587   1.240   8.025   1.00 9.96  ? 598 GLU C O   1 
ATOM   980  C CB  . GLU C 2 8  ? 10.515  0.453   10.836  1.00 9.71  ? 598 GLU C CB  1 
ATOM   981  C CG  . GLU C 2 8  ? 11.643  1.459   10.934  1.00 11.24 ? 598 GLU C CG  1 
ATOM   982  C CD  . GLU C 2 8  ? 13.004  0.821   11.094  1.00 15.90 ? 598 GLU C CD  1 
ATOM   983  O OE1 . GLU C 2 8  ? 13.232  -0.299  10.594  1.00 19.68 ? 598 GLU C OE1 1 
ATOM   984  O OE2 . GLU C 2 8  ? 13.873  1.453   11.719  1.00 17.16 ? 598 GLU C OE2 1 
ATOM   985  N N   . VAL C 2 9  ? 9.353   3.170   9.141   1.00 7.50  ? 599 VAL C N   1 
ATOM   986  C CA  . VAL C 2 9  ? 9.563   4.016   7.982   1.00 8.12  ? 599 VAL C CA  1 
ATOM   987  C C   . VAL C 2 9  ? 11.062  4.074   7.646   1.00 11.33 ? 599 VAL C C   1 
ATOM   988  O O   . VAL C 2 9  ? 11.896  4.278   8.529   1.00 10.74 ? 599 VAL C O   1 
ATOM   989  C CB  . VAL C 2 9  ? 9.108   5.464   8.259   1.00 8.05  ? 599 VAL C CB  1 
ATOM   990  C CG1 . VAL C 2 9  ? 9.435   6.340   7.087   1.00 8.09  ? 599 VAL C CG1 1 
ATOM   991  C CG2 . VAL C 2 9  ? 7.605   5.528   8.593   1.00 7.65  ? 599 VAL C CG2 1 
ATOM   992  N N   . PHE C 2 10 ? 11.418  3.867   6.382   1.00 11.21 ? 600 PHE C N   1 
ATOM   993  C CA  . PHE C 2 10 ? 12.829  3.971   6.009   1.00 12.04 ? 600 PHE C CA  1 
ATOM   994  C C   . PHE C 2 10 ? 13.073  5.133   5.049   1.00 12.05 ? 600 PHE C C   1 
ATOM   995  O O   . PHE C 2 10 ? 14.207  5.560   4.855   1.00 13.69 ? 600 PHE C O   1 
ATOM   996  C CB  . PHE C 2 10 ? 13.400  2.639   5.485   1.00 13.51 ? 600 PHE C CB  1 
ATOM   997  C CG  . PHE C 2 10 ? 12.796  2.172   4.192   1.00 15.01 ? 600 PHE C CG  1 
ATOM   998  C CD1 . PHE C 2 10 ? 11.842  1.155   4.187   1.00 14.86 ? 600 PHE C CD1 1 
ATOM   999  C CD2 . PHE C 2 10 ? 13.171  2.759   2.976   1.00 16.47 ? 600 PHE C CD2 1 
ATOM   1000 C CE1 . PHE C 2 10 ? 11.265  0.729   2.998   1.00 15.10 ? 600 PHE C CE1 1 
ATOM   1001 C CE2 . PHE C 2 10 ? 12.591  2.335   1.776   1.00 17.49 ? 600 PHE C CE2 1 
ATOM   1002 C CZ  . PHE C 2 10 ? 11.637  1.319   1.795   1.00 15.96 ? 600 PHE C CZ  1 
ATOM   1003 N N   . GLN C 2 11 ? 12.004  5.677   4.473   1.00 11.45 ? 601 GLN C N   1 
ATOM   1004 C CA  . GLN C 2 11 ? 12.133  6.796   3.555   1.00 12.10 ? 601 GLN C CA  1 
ATOM   1005 C C   . GLN C 2 11 ? 11.059  7.815   3.899   1.00 11.72 ? 601 GLN C C   1 
ATOM   1006 O O   . GLN C 2 11 ? 9.921   7.443   4.154   1.00 12.90 ? 601 GLN C O   1 
ATOM   1007 C CB  . GLN C 2 11 ? 11.977  6.331   2.106   1.00 14.52 ? 601 GLN C CB  1 
ATOM   1008 C CG  . GLN C 2 11 ? 12.134  7.433   1.097   1.00 21.43 ? 601 GLN C CG  1 
ATOM   1009 C CD  . GLN C 2 11 ? 11.896  6.957   -0.324  1.00 28.74 ? 601 GLN C CD  1 
ATOM   1010 O OE1 . GLN C 2 11 ? 11.936  7.750   -1.273  1.00 32.68 ? 601 GLN C OE1 1 
ATOM   1011 N NE2 . GLN C 2 11 ? 11.663  5.661   -0.487  1.00 31.39 ? 601 GLN C NE2 1 
ATOM   1012 N N   . GLU C 2 12 ? 11.436  9.086   3.923   1.00 11.24 ? 602 GLU C N   1 
ATOM   1013 C CA  . GLU C 2 12 ? 10.515  10.164  4.252   1.00 14.34 ? 602 GLU C CA  1 
ATOM   1014 C C   . GLU C 2 12 ? 9.392   10.283  3.248   1.00 12.21 ? 602 GLU C C   1 
ATOM   1015 O O   . GLU C 2 12 ? 9.527   9.884   2.097   1.00 12.57 ? 602 GLU C O   1 
ATOM   1016 C CB  . GLU C 2 12 ? 11.229  11.520  4.344   1.00 18.87 ? 602 GLU C CB  1 
ATOM   1017 C CG  . GLU C 2 12 ? 12.293  11.765  3.292   1.00 29.37 ? 602 GLU C CG  1 
ATOM   1018 C CD  . GLU C 2 12 ? 13.640  11.196  3.737   1.00 38.04 ? 602 GLU C CD  1 
ATOM   1019 O OE1 . GLU C 2 12 ? 14.056  10.105  3.246   1.00 37.38 ? 602 GLU C OE1 1 
ATOM   1020 O OE2 . GLU C 2 12 ? 14.265  11.838  4.623   1.00 43.48 ? 602 GLU C OE2 1 
ATOM   1021 N N   . TYR C 2 13 ? 8.286   10.833  3.710   1.00 11.85 ? 603 TYR C N   1 
ATOM   1022 C CA  . TYR C 2 13 ? 7.126   11.069  2.872   1.00 10.93 ? 603 TYR C CA  1 
ATOM   1023 C C   . TYR C 2 13 ? 6.466   12.310  3.430   1.00 10.75 ? 603 TYR C C   1 
ATOM   1024 O O   . TYR C 2 13 ? 6.048   12.346  4.593   1.00 11.97 ? 603 TYR C O   1 
ATOM   1025 C CB  . TYR C 2 13 ? 6.145   9.883   2.894   1.00 10.13 ? 603 TYR C CB  1 
ATOM   1026 C CG  . TYR C 2 13 ? 4.844   10.198  2.161   1.00 11.35 ? 603 TYR C CG  1 
ATOM   1027 C CD1 . TYR C 2 13 ? 4.848   10.506  0.799   1.00 10.56 ? 603 TYR C CD1 1 
ATOM   1028 C CD2 . TYR C 2 13 ? 3.623   10.258  2.847   1.00 10.99 ? 603 TYR C CD2 1 
ATOM   1029 C CE1 . TYR C 2 13 ? 3.674   10.868  0.150   1.00 10.72 ? 603 TYR C CE1 1 
ATOM   1030 C CE2 . TYR C 2 13 ? 2.446   10.618  2.200   1.00 9.61  ? 603 TYR C CE2 1 
ATOM   1031 C CZ  . TYR C 2 13 ? 2.484   10.924  0.862   1.00 10.37 ? 603 TYR C CZ  1 
ATOM   1032 O OH  . TYR C 2 13 ? 1.336   11.308  0.220   1.00 10.27 ? 603 TYR C OH  1 
ATOM   1033 N N   . TYR C 2 14 ? 6.397   13.338  2.602   1.00 12.05 ? 604 TYR C N   1 
ATOM   1034 C CA  . TYR C 2 14 ? 5.793   14.587  3.014   1.00 13.55 ? 604 TYR C CA  1 
ATOM   1035 C C   . TYR C 2 14 ? 4.584   14.976  2.155   1.00 14.14 ? 604 TYR C C   1 
ATOM   1036 O O   . TYR C 2 14 ? 4.335   16.156  1.936   1.00 15.35 ? 604 TYR C O   1 
ATOM   1037 C CB  . TYR C 2 14 ? 6.845   15.693  3.003   1.00 17.39 ? 604 TYR C CB  1 
ATOM   1038 C CG  . TYR C 2 14 ? 8.094   15.376  3.803   1.00 21.28 ? 604 TYR C CG  1 
ATOM   1039 C CD1 . TYR C 2 14 ? 9.346   15.670  3.287   1.00 23.94 ? 604 TYR C CD1 1 
ATOM   1040 C CD2 . TYR C 2 14 ? 8.020   14.805  5.082   1.00 23.36 ? 604 TYR C CD2 1 
ATOM   1041 C CE1 . TYR C 2 14 ? 10.507  15.412  4.018   1.00 28.08 ? 604 TYR C CE1 1 
ATOM   1042 C CE2 . TYR C 2 14 ? 9.174   14.542  5.827   1.00 24.76 ? 604 TYR C CE2 1 
ATOM   1043 C CZ  . TYR C 2 14 ? 10.417  14.853  5.283   1.00 27.68 ? 604 TYR C CZ  1 
ATOM   1044 O OH  . TYR C 2 14 ? 11.587  14.635  5.976   1.00 30.40 ? 604 TYR C OH  1 
ATOM   1045 N N   . GLY C 2 15 ? 3.846   13.985  1.663   1.00 13.11 ? 605 GLY C N   1 
ATOM   1046 C CA  . GLY C 2 15 ? 2.666   14.290  0.874   1.00 14.07 ? 605 GLY C CA  1 
ATOM   1047 C C   . GLY C 2 15 ? 2.817   14.388  -0.628  1.00 14.74 ? 605 GLY C C   1 
ATOM   1048 O O   . GLY C 2 15 ? 1.859   14.741  -1.311  1.00 15.05 ? 605 GLY C O   1 
ATOM   1049 N N   . ILE C 2 16 ? 4.011   14.116  -1.142  1.00 13.72 ? 606 ILE C N   1 
ATOM   1050 C CA  . ILE C 2 16 ? 4.258   14.156  -2.581  1.00 14.21 ? 606 ILE C CA  1 
ATOM   1051 C C   . ILE C 2 16 ? 4.861   12.800  -2.948  1.00 14.06 ? 606 ILE C C   1 
ATOM   1052 O O   . ILE C 2 16 ? 5.868   12.400  -2.385  1.00 14.43 ? 606 ILE C O   1 
ATOM   1053 C CB  . ILE C 2 16 ? 5.258   15.289  -2.963  1.00 17.03 ? 606 ILE C CB  1 
ATOM   1054 C CG1 . ILE C 2 16 ? 4.691   16.670  -2.621  1.00 18.20 ? 606 ILE C CG1 1 
ATOM   1055 C CG2 . ILE C 2 16 ? 5.586   15.233  -4.459  1.00 17.63 ? 606 ILE C CG2 1 
ATOM   1056 C CD1 . ILE C 2 16 ? 3.450   17.029  -3.395  1.00 22.37 ? 606 ILE C CD1 1 
ATOM   1057 N N   . PRO C 2 17 ? 4.192   12.022  -3.817  1.00 14.24 ? 607 PRO C N   1 
ATOM   1058 C CA  . PRO C 2 17 ? 2.904   12.296  -4.469  1.00 13.53 ? 607 PRO C CA  1 
ATOM   1059 C C   . PRO C 2 17 ? 1.767   12.274  -3.451  1.00 11.56 ? 607 PRO C C   1 
ATOM   1060 O O   . PRO C 2 17 ? 1.862   11.609  -2.417  1.00 11.91 ? 607 PRO C O   1 
ATOM   1061 C CB  . PRO C 2 17 ? 2.777   11.130  -5.455  1.00 11.73 ? 607 PRO C CB  1 
ATOM   1062 C CG  . PRO C 2 17 ? 3.451   10.013  -4.741  1.00 15.24 ? 607 PRO C CG  1 
ATOM   1063 C CD  . PRO C 2 17 ? 4.700   10.698  -4.215  1.00 12.91 ? 607 PRO C CD  1 
ATOM   1064 N N   . PRO C 2 18 ? 0.674   12.994  -3.734  1.00 11.93 ? 608 PRO C N   1 
ATOM   1065 C CA  . PRO C 2 18 ? -0.459  13.019  -2.809  1.00 9.75  ? 608 PRO C CA  1 
ATOM   1066 C C   . PRO C 2 18 ? -1.300  11.760  -2.955  1.00 11.45 ? 608 PRO C C   1 
ATOM   1067 O O   . PRO C 2 18 ? -1.107  10.998  -3.907  1.00 12.05 ? 608 PRO C O   1 
ATOM   1068 C CB  . PRO C 2 18 ? -1.238  14.245  -3.283  1.00 11.13 ? 608 PRO C CB  1 
ATOM   1069 C CG  . PRO C 2 18 ? -1.027  14.226  -4.779  1.00 9.91  ? 608 PRO C CG  1 
ATOM   1070 C CD  . PRO C 2 18 ? 0.448   13.877  -4.899  1.00 11.35 ? 608 PRO C CD  1 
ATOM   1071 N N   . PRO C 2 19 ? -2.159  11.457  -1.964  1.00 10.55 ? 609 PRO C N   1 
ATOM   1072 C CA  . PRO C 2 19 ? -3.004  10.264  -2.082  1.00 11.06 ? 609 PRO C CA  1 
ATOM   1073 C C   . PRO C 2 19 ? -3.832  10.501  -3.361  1.00 10.96 ? 609 PRO C C   1 
ATOM   1074 O O   . PRO C 2 19 ? -4.288  11.618  -3.584  1.00 10.74 ? 609 PRO C O   1 
ATOM   1075 C CB  . PRO C 2 19 ? -3.886  10.358  -0.837  1.00 11.76 ? 609 PRO C CB  1 
ATOM   1076 C CG  . PRO C 2 19 ? -2.955  10.979  0.168   1.00 12.63 ? 609 PRO C CG  1 
ATOM   1077 C CD  . PRO C 2 19 ? -2.293  12.072  -0.628  1.00 11.25 ? 609 PRO C CD  1 
ATOM   1078 N N   . PRO C 2 20 ? -3.966  9.485   -4.247  1.00 11.36 ? 610 PRO C N   1 
ATOM   1079 C CA  . PRO C 2 20 ? -4.729  9.627   -5.498  1.00 12.74 ? 610 PRO C CA  1 
ATOM   1080 C C   . PRO C 2 20 ? -6.131  10.189  -5.312  1.00 10.90 ? 610 PRO C C   1 
ATOM   1081 O O   . PRO C 2 20 ? -6.917  9.653   -4.542  1.00 14.19 ? 610 PRO C O   1 
ATOM   1082 C CB  . PRO C 2 20 ? -4.798  8.195   -6.030  1.00 12.83 ? 610 PRO C CB  1 
ATOM   1083 C CG  . PRO C 2 20 ? -3.531  7.581   -5.538  1.00 13.12 ? 610 PRO C CG  1 
ATOM   1084 C CD  . PRO C 2 20 ? -3.435  8.116   -4.114  1.00 11.59 ? 610 PRO C CD  1 
ATOM   1085 N N   . GLY C 2 21 ? -6.406  11.304  -5.972  1.00 11.12 ? 611 GLY C N   1 
ATOM   1086 C CA  . GLY C 2 21 ? -7.719  11.918  -5.898  1.00 13.23 ? 611 GLY C CA  1 
ATOM   1087 C C   . GLY C 2 21 ? -8.078  12.463  -4.538  1.00 14.87 ? 611 GLY C C   1 
ATOM   1088 O O   . GLY C 2 21 ? -9.250  12.698  -4.270  1.00 15.61 ? 611 GLY C O   1 
ATOM   1089 N N   . ALA C 2 22 ? -7.082  12.650  -3.674  1.00 14.71 ? 612 ALA C N   1 
ATOM   1090 C CA  . ALA C 2 22 ? -7.300  13.165  -2.322  1.00 16.13 ? 612 ALA C CA  1 
ATOM   1091 C C   . ALA C 2 22 ? -8.423  12.408  -1.617  1.00 17.76 ? 612 ALA C C   1 
ATOM   1092 O O   . ALA C 2 22 ? -9.283  13.010  -0.963  1.00 18.58 ? 612 ALA C O   1 
ATOM   1093 C CB  . ALA C 2 22 ? -7.620  14.634  -2.382  1.00 17.19 ? 612 ALA C CB  1 
ATOM   1094 N N   . PHE C 2 23 ? -8.413  11.082  -1.748  1.00 18.72 ? 613 PHE C N   1 
ATOM   1095 C CA  . PHE C 2 23 ? -9.441  10.241  -1.138  1.00 19.07 ? 613 PHE C CA  1 
ATOM   1096 C C   . PHE C 2 23 ? -9.331  10.217  0.379   1.00 20.40 ? 613 PHE C C   1 
ATOM   1097 O O   . PHE C 2 23 ? -10.256 9.777   1.064   1.00 22.78 ? 613 PHE C O   1 
ATOM   1098 C CB  . PHE C 2 23 ? -9.404  8.815   -1.706  1.00 18.03 ? 613 PHE C CB  1 
ATOM   1099 C CG  . PHE C 2 23 ? -8.219  7.992   -1.249  1.00 19.93 ? 613 PHE C CG  1 
ATOM   1100 C CD1 . PHE C 2 23 ? -8.299  7.216   -0.090  1.00 19.67 ? 613 PHE C CD1 1 
ATOM   1101 C CD2 . PHE C 2 23 ? -7.037  7.965   -1.989  1.00 20.18 ? 613 PHE C CD2 1 
ATOM   1102 C CE1 . PHE C 2 23 ? -7.218  6.428   0.326   1.00 20.40 ? 613 PHE C CE1 1 
ATOM   1103 C CE2 . PHE C 2 23 ? -5.944  7.176   -1.580  1.00 20.20 ? 613 PHE C CE2 1 
ATOM   1104 C CZ  . PHE C 2 23 ? -6.037  6.406   -0.427  1.00 21.20 ? 613 PHE C CZ  1 
ATOM   1105 N N   . GLY C 2 24 ? -8.180  10.660  0.886   1.00 17.67 ? 614 GLY C N   1 
ATOM   1106 C CA  . GLY C 2 24 ? -7.932  10.699  2.313   1.00 16.73 ? 614 GLY C CA  1 
ATOM   1107 C C   . GLY C 2 24 ? -6.728  11.582  2.597   1.00 15.00 ? 614 GLY C C   1 
ATOM   1108 O O   . GLY C 2 24 ? -5.954  11.885  1.684   1.00 14.32 ? 614 GLY C O   1 
ATOM   1109 N N   . PRO C 2 25 ? -6.545  12.027  3.851   1.00 13.72 ? 615 PRO C N   1 
ATOM   1110 C CA  . PRO C 2 25 ? -5.417  12.888  4.233   1.00 12.52 ? 615 PRO C CA  1 
ATOM   1111 C C   . PRO C 2 25 ? -4.080  12.131  4.220   1.00 9.23  ? 615 PRO C C   1 
ATOM   1112 O O   . PRO C 2 25 ? -4.038  10.958  4.582   1.00 10.62 ? 615 PRO C O   1 
ATOM   1113 C CB  . PRO C 2 25 ? -5.787  13.325  5.652   1.00 11.22 ? 615 PRO C CB  1 
ATOM   1114 C CG  . PRO C 2 25 ? -6.455  12.106  6.199   1.00 15.60 ? 615 PRO C CG  1 
ATOM   1115 C CD  . PRO C 2 25 ? -7.340  11.637  5.031   1.00 14.64 ? 615 PRO C CD  1 
ATOM   1116 N N   . PHE C 2 26 ? -3.006  12.798  3.804   1.00 10.32 ? 616 PHE C N   1 
ATOM   1117 C CA  . PHE C 2 26 ? -1.704  12.131  3.778   1.00 11.29 ? 616 PHE C CA  1 
ATOM   1118 C C   . PHE C 2 26 ? -1.105  12.108  5.183   1.00 11.99 ? 616 PHE C C   1 
ATOM   1119 O O   . PHE C 2 26 ? -1.419  12.972  6.015   1.00 12.49 ? 616 PHE C O   1 
ATOM   1120 C CB  . PHE C 2 26 ? -0.743  12.766  2.759   1.00 10.89 ? 616 PHE C CB  1 
ATOM   1121 C CG  . PHE C 2 26 ? 0.018   13.965  3.270   1.00 13.38 ? 616 PHE C CG  1 
ATOM   1122 C CD1 . PHE C 2 26 ? -0.428  15.253  3.001   1.00 15.66 ? 616 PHE C CD1 1 
ATOM   1123 C CD2 . PHE C 2 26 ? 1.205   13.807  3.989   1.00 14.79 ? 616 PHE C CD2 1 
ATOM   1124 C CE1 . PHE C 2 26 ? 0.299   16.376  3.438   1.00 16.83 ? 616 PHE C CE1 1 
ATOM   1125 C CE2 . PHE C 2 26 ? 1.937   14.922  4.426   1.00 17.47 ? 616 PHE C CE2 1 
ATOM   1126 C CZ  . PHE C 2 26 ? 1.481   16.204  4.147   1.00 17.40 ? 616 PHE C CZ  1 
ATOM   1127 N N   . LEU C 2 27 ? -0.311  11.078  5.448   1.00 10.27 ? 617 LEU C N   1 
ATOM   1128 C CA  . LEU C 2 27 ? 0.356   10.890  6.733   1.00 9.65  ? 617 LEU C CA  1 
ATOM   1129 C C   . LEU C 2 27 ? 1.836   11.195  6.558   1.00 10.69 ? 617 LEU C C   1 
ATOM   1130 O O   . LEU C 2 27 ? 2.523   10.500  5.801   1.00 11.38 ? 617 LEU C O   1 
ATOM   1131 C CB  . LEU C 2 27 ? 0.190   9.447   7.198   1.00 7.63  ? 617 LEU C CB  1 
ATOM   1132 C CG  . LEU C 2 27 ? 0.874   9.078   8.514   1.00 5.65  ? 617 LEU C CG  1 
ATOM   1133 C CD1 . LEU C 2 27 ? 0.316   9.985   9.624   1.00 7.40  ? 617 LEU C CD1 1 
ATOM   1134 C CD2 . LEU C 2 27 ? 0.667   7.621   8.837   1.00 6.35  ? 617 LEU C CD2 1 
ATOM   1135 N N   . ARG C 2 28 ? 2.325   12.248  7.205   1.00 11.28 ? 618 ARG C N   1 
ATOM   1136 C CA  . ARG C 2 28 ? 3.745   12.580  7.100   1.00 10.53 ? 618 ARG C CA  1 
ATOM   1137 C C   . ARG C 2 28 ? 4.585   11.479  7.757   1.00 10.57 ? 618 ARG C C   1 
ATOM   1138 O O   . ARG C 2 28 ? 4.234   10.958  8.828   1.00 10.19 ? 618 ARG C O   1 
ATOM   1139 C CB  . ARG C 2 28 ? 4.035   13.919  7.748   1.00 12.98 ? 618 ARG C CB  1 
ATOM   1140 C CG  . ARG C 2 28 ? 5.456   14.365  7.545   1.00 21.20 ? 618 ARG C CG  1 
ATOM   1141 C CD  . ARG C 2 28 ? 5.797   15.501  8.476   1.00 28.96 ? 618 ARG C CD  1 
ATOM   1142 N NE  . ARG C 2 28 ? 7.011   16.179  8.050   1.00 36.97 ? 618 ARG C NE  1 
ATOM   1143 C CZ  . ARG C 2 28 ? 7.023   17.209  7.206   1.00 40.49 ? 618 ARG C CZ  1 
ATOM   1144 N NH1 . ARG C 2 28 ? 5.879   17.676  6.707   1.00 42.99 ? 618 ARG C NH1 1 
ATOM   1145 N NH2 . ARG C 2 28 ? 8.176   17.755  6.838   1.00 43.09 ? 618 ARG C NH2 1 
ATOM   1146 N N   . LEU C 2 29 ? 5.659   11.076  7.082   1.00 10.89 ? 619 LEU C N   1 
ATOM   1147 C CA  . LEU C 2 29 ? 6.531   10.018  7.581   1.00 10.71 ? 619 LEU C CA  1 
ATOM   1148 C C   . LEU C 2 29 ? 7.980   10.489  7.615   1.00 9.55  ? 619 LEU C C   1 
ATOM   1149 O O   . LEU C 2 29 ? 8.447   11.133  6.678   1.00 9.50  ? 619 LEU C O   1 
ATOM   1150 C CB  . LEU C 2 29 ? 6.455   8.779   6.672   1.00 10.37 ? 619 LEU C CB  1 
ATOM   1151 C CG  . LEU C 2 29 ? 5.119   8.097   6.356   1.00 8.82  ? 619 LEU C CG  1 
ATOM   1152 C CD1 . LEU C 2 29 ? 5.389   6.954   5.359   1.00 9.60  ? 619 LEU C CD1 1 
ATOM   1153 C CD2 . LEU C 2 29 ? 4.464   7.562   7.616   1.00 8.85  ? 619 LEU C CD2 1 
ATOM   1154 N N   . ASN C 2 30 ? 8.689   10.116  8.677   1.00 10.62 ? 620 ASN C N   1 
ATOM   1155 C CA  . ASN C 2 30 ? 10.102  10.461  8.853   1.00 9.98  ? 620 ASN C CA  1 
ATOM   1156 C C   . ASN C 2 30 ? 10.813  9.140   9.061   1.00 8.96  ? 620 ASN C C   1 
ATOM   1157 O O   . ASN C 2 30 ? 10.278  8.242   9.693   1.00 9.44  ? 620 ASN C O   1 
ATOM   1158 C CB  . ASN C 2 30 ? 10.334  11.324  10.114  1.00 11.46 ? 620 ASN C CB  1 
ATOM   1159 C CG  . ASN C 2 30 ? 9.341   12.469  10.252  1.00 13.04 ? 620 ASN C CG  1 
ATOM   1160 O OD1 . ASN C 2 30 ? 8.366   12.376  11.025  1.00 17.87 ? 620 ASN C OD1 1 
ATOM   1161 N ND2 . ASN C 2 30 ? 9.573   13.549  9.521   1.00 10.97 ? 620 ASN C ND2 1 
ATOM   1162 N N   . PRO C 2 31 ? 12.021  8.986   8.505   1.00 10.08 ? 621 PRO C N   1 
ATOM   1163 C CA  . PRO C 2 31 ? 12.757  7.732   8.685   1.00 10.56 ? 621 PRO C CA  1 
ATOM   1164 C C   . PRO C 2 31 ? 12.867  7.393   10.175  1.00 11.04 ? 621 PRO C C   1 
ATOM   1165 O O   . PRO C 2 31 ? 13.143  8.276   10.995  1.00 12.50 ? 621 PRO C O   1 
ATOM   1166 C CB  . PRO C 2 31 ? 14.109  8.067   8.076   1.00 12.58 ? 621 PRO C CB  1 
ATOM   1167 C CG  . PRO C 2 31 ? 13.710  8.968   6.935   1.00 13.10 ? 621 PRO C CG  1 
ATOM   1168 C CD  . PRO C 2 31 ? 12.743  9.901   7.607   1.00 11.10 ? 621 PRO C CD  1 
ATOM   1169 N N   . GLY C 2 32 ? 12.568  6.148   10.527  1.00 9.61  ? 622 GLY C N   1 
ATOM   1170 C CA  . GLY C 2 32 ? 12.620  5.721   11.914  1.00 8.15  ? 622 GLY C CA  1 
ATOM   1171 C C   . GLY C 2 32 ? 11.269  5.697   12.615  1.00 7.88  ? 622 GLY C C   1 
ATOM   1172 O O   . GLY C 2 32 ? 11.141  5.083   13.674  1.00 9.91  ? 622 GLY C O   1 
ATOM   1173 N N   . ASP C 2 33 ? 10.268  6.370   12.054  1.00 7.14  ? 623 ASP C N   1 
ATOM   1174 C CA  . ASP C 2 33 ? 8.924   6.383   12.650  1.00 8.08  ? 623 ASP C CA  1 
ATOM   1175 C C   . ASP C 2 33 ? 8.282   4.991   12.605  1.00 9.87  ? 623 ASP C C   1 
ATOM   1176 O O   . ASP C 2 33 ? 8.489   4.230   11.650  1.00 10.19 ? 623 ASP C O   1 
ATOM   1177 C CB  . ASP C 2 33 ? 7.998   7.356   11.898  1.00 9.32  ? 623 ASP C CB  1 
ATOM   1178 C CG  . ASP C 2 33 ? 8.379   8.820   12.092  1.00 11.37 ? 623 ASP C CG  1 
ATOM   1179 O OD1 . ASP C 2 33 ? 7.734   9.688   11.475  1.00 11.44 ? 623 ASP C OD1 1 
ATOM   1180 O OD2 . ASP C 2 33 ? 9.323   9.110   12.859  1.00 12.47 ? 623 ASP C OD2 1 
ATOM   1181 N N   . ILE C 2 34 ? 7.545   4.628   13.649  1.00 8.14  ? 624 ILE C N   1 
ATOM   1182 C CA  . ILE C 2 34 ? 6.862   3.346   13.675  1.00 8.27  ? 624 ILE C CA  1 
ATOM   1183 C C   . ILE C 2 34 ? 5.380   3.639   13.425  1.00 11.25 ? 624 ILE C C   1 
ATOM   1184 O O   . ILE C 2 34 ? 4.752   4.397   14.179  1.00 7.76  ? 624 ILE C O   1 
ATOM   1185 C CB  . ILE C 2 34 ? 7.002   2.618   15.025  1.00 10.44 ? 624 ILE C CB  1 
ATOM   1186 C CG1 . ILE C 2 34 ? 8.474   2.305   15.327  1.00 10.89 ? 624 ILE C CG1 1 
ATOM   1187 C CG2 . ILE C 2 34 ? 6.157   1.344   15.023  1.00 9.44  ? 624 ILE C CG2 1 
ATOM   1188 C CD1 . ILE C 2 34 ? 9.173   1.490   14.256  1.00 13.15 ? 624 ILE C CD1 1 
ATOM   1189 N N   . VAL C 2 35 ? 4.846   3.060   12.349  1.00 9.21  ? 625 VAL C N   1 
ATOM   1190 C CA  . VAL C 2 35 ? 3.445   3.234   11.966  1.00 9.06  ? 625 VAL C CA  1 
ATOM   1191 C C   . VAL C 2 35 ? 2.634   1.971   12.261  1.00 8.39  ? 625 VAL C C   1 
ATOM   1192 O O   . VAL C 2 35 ? 3.016   0.874   11.860  1.00 7.85  ? 625 VAL C O   1 
ATOM   1193 C CB  . VAL C 2 35 ? 3.317   3.543   10.436  1.00 10.33 ? 625 VAL C CB  1 
ATOM   1194 C CG1 . VAL C 2 35 ? 1.856   3.812   10.066  1.00 9.04  ? 625 VAL C CG1 1 
ATOM   1195 C CG2 . VAL C 2 35 ? 4.179   4.730   10.045  1.00 9.68  ? 625 VAL C CG2 1 
ATOM   1196 N N   . GLU C 2 36 ? 1.545   2.113   13.018  1.00 8.45  ? 626 GLU C N   1 
ATOM   1197 C CA  . GLU C 2 36 ? 0.658   0.981   13.300  1.00 10.07 ? 626 GLU C CA  1 
ATOM   1198 C C   . GLU C 2 36 ? -0.395  1.053   12.187  1.00 10.49 ? 626 GLU C C   1 
ATOM   1199 O O   . GLU C 2 36 ? -1.121  2.047   12.071  1.00 9.83  ? 626 GLU C O   1 
ATOM   1200 C CB  . GLU C 2 36 ? -0.010  1.120   14.671  1.00 12.56 ? 626 GLU C CB  1 
ATOM   1201 C CG  . GLU C 2 36 ? 0.940   0.882   15.845  1.00 19.35 ? 626 GLU C CG  1 
ATOM   1202 C CD  . GLU C 2 36 ? 0.367   1.311   17.191  1.00 24.50 ? 626 GLU C CD  1 
ATOM   1203 O OE1 . GLU C 2 36 ? -0.717  1.924   17.219  1.00 25.90 ? 626 GLU C OE1 1 
ATOM   1204 O OE2 . GLU C 2 36 ? 1.015   1.053   18.230  1.00 26.84 ? 626 GLU C OE2 1 
ATOM   1205 N N   . LEU C 2 37 ? -0.434  0.035   11.333  1.00 10.08 ? 627 LEU C N   1 
ATOM   1206 C CA  . LEU C 2 37 ? -1.373  0.038   10.208  1.00 10.68 ? 627 LEU C CA  1 
ATOM   1207 C C   . LEU C 2 37 ? -2.829  -0.062  10.642  1.00 9.07  ? 627 LEU C C   1 
ATOM   1208 O O   . LEU C 2 37 ? -3.141  -0.710  11.636  1.00 10.34 ? 627 LEU C O   1 
ATOM   1209 C CB  . LEU C 2 37 ? -1.035  -1.092  9.214   1.00 9.35  ? 627 LEU C CB  1 
ATOM   1210 C CG  . LEU C 2 37 ? 0.364   -0.994  8.563   1.00 8.21  ? 627 LEU C CG  1 
ATOM   1211 C CD1 . LEU C 2 37 ? 0.522   -2.124  7.562   1.00 8.87  ? 627 LEU C CD1 1 
ATOM   1212 C CD2 . LEU C 2 37 ? 0.577   0.359   7.882   1.00 7.98  ? 627 LEU C CD2 1 
ATOM   1213 N N   . THR C 2 38 ? -3.699  0.655   9.943   1.00 7.87  ? 628 THR C N   1 
ATOM   1214 C CA  . THR C 2 38 ? -5.132  0.607   10.238  1.00 9.76  ? 628 THR C CA  1 
ATOM   1215 C C   . THR C 2 38 ? -5.893  0.006   9.043   1.00 8.44  ? 628 THR C C   1 
ATOM   1216 O O   . THR C 2 38 ? -6.911  -0.665  9.221   1.00 9.52  ? 628 THR C O   1 
ATOM   1217 C CB  . THR C 2 38 ? -5.684  1.992   10.637  1.00 7.88  ? 628 THR C CB  1 
ATOM   1218 O OG1 . THR C 2 38 ? -5.309  2.963   9.658   1.00 9.10  ? 628 THR C OG1 1 
ATOM   1219 C CG2 . THR C 2 38 ? -5.114  2.422   12.008  1.00 7.59  ? 628 THR C CG2 1 
ATOM   1220 N N   . LYS C 2 39 ? -5.358  0.211   7.843   1.00 9.89  ? 629 LYS C N   1 
ATOM   1221 C CA  . LYS C 2 39 ? -5.943  -0.321  6.608   1.00 8.82  ? 629 LYS C CA  1 
ATOM   1222 C C   . LYS C 2 39 ? -4.787  -0.667  5.681   1.00 7.79  ? 629 LYS C C   1 
ATOM   1223 O O   . LYS C 2 39 ? -3.990  0.200   5.358   1.00 8.74  ? 629 LYS C O   1 
ATOM   1224 C CB  . LYS C 2 39 ? -6.814  0.731   5.918   1.00 9.30  ? 629 LYS C CB  1 
ATOM   1225 C CG  . LYS C 2 39 ? -8.112  1.056   6.696   1.00 10.24 ? 629 LYS C CG  1 
ATOM   1226 C CD  . LYS C 2 39 ? -8.909  2.191   6.046   1.00 9.70  ? 629 LYS C CD  1 
ATOM   1227 C CE  . LYS C 2 39 ? -10.178 2.463   6.846   1.00 11.83 ? 629 LYS C CE  1 
ATOM   1228 N NZ  . LYS C 2 39 ? -9.856  2.858   8.245   1.00 10.48 ? 629 LYS C NZ  1 
ATOM   1229 N N   . ALA C 2 40 ? -4.688  -1.923  5.267   1.00 9.46  ? 630 ALA C N   1 
ATOM   1230 C CA  . ALA C 2 40 ? -3.631  -2.315  4.333   1.00 10.32 ? 630 ALA C CA  1 
ATOM   1231 C C   . ALA C 2 40 ? -4.012  -3.568  3.541   1.00 9.64  ? 630 ALA C C   1 
ATOM   1232 O O   . ALA C 2 40 ? -4.632  -4.466  4.081   1.00 11.58 ? 630 ALA C O   1 
ATOM   1233 C CB  . ALA C 2 40 ? -2.307  -2.543  5.081   1.00 8.26  ? 630 ALA C CB  1 
ATOM   1234 N N   . GLU C 2 41 ? -3.646  -3.597  2.259   1.00 11.03 ? 631 GLU C N   1 
ATOM   1235 C CA  . GLU C 2 41 ? -3.886  -4.744  1.384   1.00 13.25 ? 631 GLU C CA  1 
ATOM   1236 C C   . GLU C 2 41 ? -2.622  -4.860  0.556   1.00 9.11  ? 631 GLU C C   1 
ATOM   1237 O O   . GLU C 2 41 ? -2.133  -3.859  0.049   1.00 8.09  ? 631 GLU C O   1 
ATOM   1238 C CB  . GLU C 2 41 ? -5.092  -4.531  0.469   1.00 17.01 ? 631 GLU C CB  1 
ATOM   1239 C CG  . GLU C 2 41 ? -6.413  -4.639  1.192   1.00 30.13 ? 631 GLU C CG  1 
ATOM   1240 C CD  . GLU C 2 41 ? -7.618  -4.396  0.289   1.00 35.94 ? 631 GLU C CD  1 
ATOM   1241 O OE1 . GLU C 2 41 ? -7.641  -4.977  -0.823  1.00 40.85 ? 631 GLU C OE1 1 
ATOM   1242 O OE2 . GLU C 2 41 ? -8.537  -3.638  0.696   1.00 38.68 ? 631 GLU C OE2 1 
ATOM   1243 N N   . ALA C 2 42 ? -2.127  -6.085  0.401   1.00 11.82 ? 632 ALA C N   1 
ATOM   1244 C CA  . ALA C 2 42 ? -0.883  -6.352  -0.336  1.00 13.77 ? 632 ALA C CA  1 
ATOM   1245 C C   . ALA C 2 42 ? -0.864  -5.787  -1.737  1.00 16.50 ? 632 ALA C C   1 
ATOM   1246 O O   . ALA C 2 42 ? 0.146   -5.279  -2.210  1.00 18.66 ? 632 ALA C O   1 
ATOM   1247 C CB  . ALA C 2 42 ? -0.616  -7.832  -0.389  1.00 13.16 ? 632 ALA C CB  1 
ATOM   1248 N N   . GLU C 2 43 ? -2.019  -5.857  -2.378  1.00 19.14 ? 633 GLU C N   1 
ATOM   1249 C CA  . GLU C 2 43 ? -2.197  -5.379  -3.740  1.00 23.49 ? 633 GLU C CA  1 
ATOM   1250 C C   . GLU C 2 43 ? -2.276  -3.854  -3.860  1.00 23.84 ? 633 GLU C C   1 
ATOM   1251 O O   . GLU C 2 43 ? -2.069  -3.304  -4.943  1.00 25.97 ? 633 GLU C O   1 
ATOM   1252 C CB  . GLU C 2 43 ? -3.442  -6.032  -4.364  1.00 29.46 ? 633 GLU C CB  1 
ATOM   1253 C CG  . GLU C 2 43 ? -4.673  -6.162  -3.429  1.00 37.99 ? 633 GLU C CG  1 
ATOM   1254 C CD  . GLU C 2 43 ? -4.499  -7.223  -2.329  1.00 40.20 ? 633 GLU C CD  1 
ATOM   1255 O OE1 . GLU C 2 43 ? -3.762  -8.217  -2.554  1.00 43.56 ? 633 GLU C OE1 1 
ATOM   1256 O OE2 . GLU C 2 43 ? -5.109  -7.056  -1.252  1.00 39.67 ? 633 GLU C OE2 1 
ATOM   1257 N N   . HIS C 2 44 ? -2.510  -3.155  -2.753  1.00 20.14 ? 634 HIS C N   1 
ATOM   1258 C CA  . HIS C 2 44 ? -2.617  -1.710  -2.811  1.00 17.49 ? 634 HIS C CA  1 
ATOM   1259 C C   . HIS C 2 44 ? -1.345  -0.958  -2.449  1.00 14.40 ? 634 HIS C C   1 
ATOM   1260 O O   . HIS C 2 44 ? -0.577  -1.408  -1.617  1.00 15.94 ? 634 HIS C O   1 
ATOM   1261 C CB  . HIS C 2 44 ? -3.833  -1.264  -2.005  1.00 20.30 ? 634 HIS C CB  1 
ATOM   1262 C CG  . HIS C 2 44 ? -5.123  -1.749  -2.593  1.00 25.98 ? 634 HIS C CG  1 
ATOM   1263 N ND1 . HIS C 2 44 ? -5.471  -3.082  -2.621  1.00 30.18 ? 634 HIS C ND1 1 
ATOM   1264 C CD2 . HIS C 2 44 ? -6.122  -1.090  -3.224  1.00 29.85 ? 634 HIS C CD2 1 
ATOM   1265 C CE1 . HIS C 2 44 ? -6.627  -3.224  -3.242  1.00 30.54 ? 634 HIS C CE1 1 
ATOM   1266 N NE2 . HIS C 2 44 ? -7.045  -2.030  -3.616  1.00 30.82 ? 634 HIS C NE2 1 
ATOM   1267 N N   . ASN C 2 45 ? -1.102  0.142   -3.161  1.00 12.72 ? 635 ASN C N   1 
ATOM   1268 C CA  . ASN C 2 45 ? 0.082   0.997   -2.974  1.00 13.02 ? 635 ASN C CA  1 
ATOM   1269 C C   . ASN C 2 45 ? -0.077  1.979   -1.826  1.00 12.49 ? 635 ASN C C   1 
ATOM   1270 O O   . ASN C 2 45 ? 0.915   2.529   -1.348  1.00 12.48 ? 635 ASN C O   1 
ATOM   1271 C CB  . ASN C 2 45 ? 0.359   1.860   -4.209  1.00 13.66 ? 635 ASN C CB  1 
ATOM   1272 C CG  . ASN C 2 45 ? 0.974   1.090   -5.354  1.00 18.12 ? 635 ASN C CG  1 
ATOM   1273 O OD1 . ASN C 2 45 ? 1.444   -0.035  -5.202  1.00 18.28 ? 635 ASN C OD1 1 
ATOM   1274 N ND2 . ASN C 2 45 ? 0.993   1.719   -6.520  1.00 20.66 ? 635 ASN C ND2 1 
ATOM   1275 N N   . TRP C 2 46 ? -1.321  2.271   -1.464  1.00 11.53 ? 636 TRP C N   1 
ATOM   1276 C CA  . TRP C 2 46 ? -1.630  3.234   -0.398  1.00 11.80 ? 636 TRP C CA  1 
ATOM   1277 C C   . TRP C 2 46 ? -2.224  2.571   0.821   1.00 11.76 ? 636 TRP C C   1 
ATOM   1278 O O   . TRP C 2 46 ? -3.254  1.900   0.728   1.00 10.84 ? 636 TRP C O   1 
ATOM   1279 C CB  . TRP C 2 46 ? -2.576  4.321   -0.919  1.00 9.03  ? 636 TRP C CB  1 
ATOM   1280 C CG  . TRP C 2 46 ? -1.887  5.180   -1.885  1.00 10.42 ? 636 TRP C CG  1 
ATOM   1281 C CD1 . TRP C 2 46 ? -1.659  4.903   -3.202  1.00 8.84  ? 636 TRP C CD1 1 
ATOM   1282 C CD2 . TRP C 2 46 ? -1.185  6.387   -1.598  1.00 10.29 ? 636 TRP C CD2 1 
ATOM   1283 N NE1 . TRP C 2 46 ? -0.843  5.855   -3.749  1.00 10.48 ? 636 TRP C NE1 1 
ATOM   1284 C CE2 . TRP C 2 46 ? -0.534  6.785   -2.786  1.00 10.51 ? 636 TRP C CE2 1 
ATOM   1285 C CE3 . TRP C 2 46 ? -1.033  7.178   -0.451  1.00 10.29 ? 636 TRP C CE3 1 
ATOM   1286 C CZ2 . TRP C 2 46 ? 0.259   7.935   -2.863  1.00 10.64 ? 636 TRP C CZ2 1 
ATOM   1287 C CZ3 . TRP C 2 46 ? -0.246  8.321   -0.529  1.00 10.59 ? 636 TRP C CZ3 1 
ATOM   1288 C CH2 . TRP C 2 46 ? 0.387   8.690   -1.725  1.00 10.61 ? 636 TRP C CH2 1 
ATOM   1289 N N   . TRP C 2 47 ? -1.576  2.749   1.968   1.00 8.16  ? 637 TRP C N   1 
ATOM   1290 C CA  . TRP C 2 47 ? -2.068  2.150   3.198   1.00 7.81  ? 637 TRP C CA  1 
ATOM   1291 C C   . TRP C 2 47 ? -2.392  3.263   4.184   1.00 7.34  ? 637 TRP C C   1 
ATOM   1292 O O   . TRP C 2 47 ? -1.891  4.379   4.041   1.00 7.98  ? 637 TRP C O   1 
ATOM   1293 C CB  . TRP C 2 47 ? -1.015  1.232   3.837   1.00 9.08  ? 637 TRP C CB  1 
ATOM   1294 C CG  . TRP C 2 47 ? -0.629  0.016   3.042   1.00 10.00 ? 637 TRP C CG  1 
ATOM   1295 C CD1 . TRP C 2 47 ? -1.313  -0.545  1.997   1.00 11.01 ? 637 TRP C CD1 1 
ATOM   1296 C CD2 . TRP C 2 47 ? 0.532   -0.797  3.248   1.00 10.71 ? 637 TRP C CD2 1 
ATOM   1297 N NE1 . TRP C 2 47 ? -0.648  -1.660  1.540   1.00 11.17 ? 637 TRP C NE1 1 
ATOM   1298 C CE2 . TRP C 2 47 ? 0.488   -1.839  2.287   1.00 11.84 ? 637 TRP C CE2 1 
ATOM   1299 C CE3 . TRP C 2 47 ? 1.610   -0.748  4.148   1.00 10.58 ? 637 TRP C CE3 1 
ATOM   1300 C CZ2 . TRP C 2 47 ? 1.484   -2.827  2.204   1.00 12.91 ? 637 TRP C CZ2 1 
ATOM   1301 C CZ3 . TRP C 2 47 ? 2.601   -1.730  4.070   1.00 10.49 ? 637 TRP C CZ3 1 
ATOM   1302 C CH2 . TRP C 2 47 ? 2.531   -2.757  3.102   1.00 13.03 ? 637 TRP C CH2 1 
ATOM   1303 N N   . GLU C 2 48 ? -3.256  2.969   5.147   1.00 8.57  ? 638 GLU C N   1 
ATOM   1304 C CA  . GLU C 2 48 ? -3.607  3.952   6.166   1.00 10.18 ? 638 GLU C CA  1 
ATOM   1305 C C   . GLU C 2 48 ? -2.992  3.458   7.472   1.00 7.81  ? 638 GLU C C   1 
ATOM   1306 O O   . GLU C 2 48 ? -2.927  2.253   7.714   1.00 7.93  ? 638 GLU C O   1 
ATOM   1307 C CB  . GLU C 2 48 ? -5.133  4.061   6.347   1.00 9.25  ? 638 GLU C CB  1 
ATOM   1308 C CG  . GLU C 2 48 ? -5.529  5.236   7.258   1.00 8.40  ? 638 GLU C CG  1 
ATOM   1309 C CD  . GLU C 2 48 ? -6.972  5.170   7.716   1.00 5.14  ? 638 GLU C CD  1 
ATOM   1310 O OE1 . GLU C 2 48 ? -7.675  6.176   7.555   1.00 8.85  ? 638 GLU C OE1 1 
ATOM   1311 O OE2 . GLU C 2 48 ? -7.394  4.126   8.241   1.00 7.75  ? 638 GLU C OE2 1 
ATOM   1312 N N   . GLY C 2 49 ? -2.564  4.383   8.319   1.00 8.41  ? 639 GLY C N   1 
ATOM   1313 C CA  . GLY C 2 49 ? -2.004  3.973   9.595   1.00 7.12  ? 639 GLY C CA  1 
ATOM   1314 C C   . GLY C 2 49 ? -1.867  5.153   10.536  1.00 5.70  ? 639 GLY C C   1 
ATOM   1315 O O   . GLY C 2 49 ? -2.187  6.293   10.183  1.00 6.90  ? 639 GLY C O   1 
ATOM   1316 N N   . ARG C 2 50 ? -1.465  4.854   11.762  1.00 7.40  ? 640 ARG C N   1 
ATOM   1317 C CA  . ARG C 2 50 ? -1.244  5.874   12.771  1.00 7.33  ? 640 ARG C CA  1 
ATOM   1318 C C   . ARG C 2 50 ? 0.260   5.910   13.014  1.00 4.67  ? 640 ARG C C   1 
ATOM   1319 O O   . ARG C 2 50 ? 0.849   4.909   13.422  1.00 7.05  ? 640 ARG C O   1 
ATOM   1320 C CB  . ARG C 2 50 ? -1.970  5.502   14.071  1.00 8.92  ? 640 ARG C CB  1 
ATOM   1321 C CG  . ARG C 2 50 ? -1.784  6.527   15.201  1.00 8.73  ? 640 ARG C CG  1 
ATOM   1322 C CD  . ARG C 2 50 ? -2.709  6.251   16.361  1.00 7.44  ? 640 ARG C CD  1 
ATOM   1323 N NE  . ARG C 2 50 ? -4.089  6.589   16.011  1.00 9.69  ? 640 ARG C NE  1 
ATOM   1324 C CZ  . ARG C 2 50 ? -5.070  5.703   15.866  1.00 9.53  ? 640 ARG C CZ  1 
ATOM   1325 N NH1 . ARG C 2 50 ? -4.847  4.401   16.040  1.00 7.85  ? 640 ARG C NH1 1 
ATOM   1326 N NH2 . ARG C 2 50 ? -6.282  6.132   15.539  1.00 10.06 ? 640 ARG C NH2 1 
ATOM   1327 N N   . ASN C 2 51 ? 0.866   7.040   12.696  1.00 5.58  ? 641 ASN C N   1 
ATOM   1328 C CA  . ASN C 2 51 ? 2.292   7.225   12.895  1.00 6.01  ? 641 ASN C CA  1 
ATOM   1329 C C   . ASN C 2 51 ? 2.469   7.455   14.406  1.00 8.18  ? 641 ASN C C   1 
ATOM   1330 O O   . ASN C 2 51 ? 2.136   8.529   14.909  1.00 9.49  ? 641 ASN C O   1 
ATOM   1331 C CB  . ASN C 2 51 ? 2.781   8.432   12.105  1.00 6.11  ? 641 ASN C CB  1 
ATOM   1332 C CG  . ASN C 2 51 ? 4.283   8.610   12.204  1.00 7.97  ? 641 ASN C CG  1 
ATOM   1333 O OD1 . ASN C 2 51 ? 4.912   8.069   13.111  1.00 7.73  ? 641 ASN C OD1 1 
ATOM   1334 N ND2 . ASN C 2 51 ? 4.860   9.346   11.279  1.00 9.12  ? 641 ASN C ND2 1 
ATOM   1335 N N   . THR C 2 52 ? 2.950   6.441   15.118  1.00 8.84  ? 642 THR C N   1 
ATOM   1336 C CA  . THR C 2 52 ? 3.117   6.555   16.566  1.00 10.30 ? 642 THR C CA  1 
ATOM   1337 C C   . THR C 2 52 ? 4.242   7.511   17.005  1.00 12.18 ? 642 THR C C   1 
ATOM   1338 O O   . THR C 2 52 ? 4.364   7.824   18.200  1.00 11.63 ? 642 THR C O   1 
ATOM   1339 C CB  . THR C 2 52 ? 3.228   5.171   17.266  1.00 8.44  ? 642 THR C CB  1 
ATOM   1340 O OG1 . THR C 2 52 ? 4.444   4.507   16.894  1.00 10.29 ? 642 THR C OG1 1 
ATOM   1341 C CG2 . THR C 2 52 ? 2.053   4.288   16.892  1.00 9.75  ? 642 THR C CG2 1 
ATOM   1342 N N   . ALA C 2 53 ? 5.043   7.983   16.048  1.00 10.33 ? 643 ALA C N   1 
ATOM   1343 C CA  . ALA C 2 53 ? 6.111   8.930   16.348  1.00 9.62  ? 643 ALA C CA  1 
ATOM   1344 C C   . ALA C 2 53 ? 5.535   10.341  16.448  1.00 9.75  ? 643 ALA C C   1 
ATOM   1345 O O   . ALA C 2 53 ? 6.136   11.223  17.067  1.00 10.95 ? 643 ALA C O   1 
ATOM   1346 C CB  . ALA C 2 53 ? 7.190   8.889   15.261  1.00 8.56  ? 643 ALA C CB  1 
ATOM   1347 N N   . THR C 2 54 ? 4.380   10.561  15.826  1.00 9.76  ? 644 THR C N   1 
ATOM   1348 C CA  . THR C 2 54 ? 3.757   11.882  15.809  1.00 9.79  ? 644 THR C CA  1 
ATOM   1349 C C   . THR C 2 54 ? 2.292   11.865  16.242  1.00 8.30  ? 644 THR C C   1 
ATOM   1350 O O   . THR C 2 54 ? 1.672   12.921  16.402  1.00 9.80  ? 644 THR C O   1 
ATOM   1351 C CB  . THR C 2 54 ? 3.777   12.452  14.384  1.00 11.65 ? 644 THR C CB  1 
ATOM   1352 O OG1 . THR C 2 54 ? 2.974   11.618  13.533  1.00 11.29 ? 644 THR C OG1 1 
ATOM   1353 C CG2 . THR C 2 54 ? 5.215   12.502  13.833  1.00 12.05 ? 644 THR C CG2 1 
ATOM   1354 N N   . ASN C 2 55 ? 1.753   10.662  16.398  1.00 8.83  ? 645 ASN C N   1 
ATOM   1355 C CA  . ASN C 2 55 ? 0.345   10.435  16.753  1.00 11.49 ? 645 ASN C CA  1 
ATOM   1356 C C   . ASN C 2 55 ? -0.626  11.023  15.701  1.00 13.80 ? 645 ASN C C   1 
ATOM   1357 O O   . ASN C 2 55 ? -1.727  11.482  16.031  1.00 14.68 ? 645 ASN C O   1 
ATOM   1358 C CB  . ASN C 2 55 ? 0.009   10.947  18.167  1.00 10.61 ? 645 ASN C CB  1 
ATOM   1359 C CG  . ASN C 2 55 ? -1.347  10.455  18.657  1.00 11.55 ? 645 ASN C CG  1 
ATOM   1360 O OD1 . ASN C 2 55 ? -2.154  11.231  19.183  1.00 13.56 ? 645 ASN C OD1 1 
ATOM   1361 N ND2 . ASN C 2 55 ? -1.600  9.172   18.495  1.00 8.34  ? 645 ASN C ND2 1 
ATOM   1362 N N   . GLU C 2 56 ? -0.209  11.025  14.439  1.00 12.99 ? 646 GLU C N   1 
ATOM   1363 C CA  . GLU C 2 56 ? -1.056  11.518  13.357  1.00 12.72 ? 646 GLU C CA  1 
ATOM   1364 C C   . GLU C 2 56 ? -1.567  10.291  12.587  1.00 12.05 ? 646 GLU C C   1 
ATOM   1365 O O   . GLU C 2 56 ? -0.975  9.212   12.681  1.00 10.38 ? 646 GLU C O   1 
ATOM   1366 C CB  . GLU C 2 56 ? -0.262  12.430  12.429  1.00 16.80 ? 646 GLU C CB  1 
ATOM   1367 C CG  . GLU C 2 56 ? 0.344   13.667  13.095  1.00 23.28 ? 646 GLU C CG  1 
ATOM   1368 C CD  . GLU C 2 56 ? -0.689  14.687  13.544  1.00 31.83 ? 646 GLU C CD  1 
ATOM   1369 O OE1 . GLU C 2 56 ? -1.883  14.566  13.174  1.00 33.88 ? 646 GLU C OE1 1 
ATOM   1370 O OE2 . GLU C 2 56 ? -0.298  15.635  14.268  1.00 35.43 ? 646 GLU C OE2 1 
ATOM   1371 N N   . VAL C 2 57 ? -2.673  10.451  11.859  1.00 11.24 ? 647 VAL C N   1 
ATOM   1372 C CA  . VAL C 2 57 ? -3.275  9.363   11.082  1.00 11.52 ? 647 VAL C CA  1 
ATOM   1373 C C   . VAL C 2 57 ? -3.485  9.802   9.621   1.00 10.09 ? 647 VAL C C   1 
ATOM   1374 O O   . VAL C 2 57 ? -3.767  10.970  9.333   1.00 10.25 ? 647 VAL C O   1 
ATOM   1375 C CB  . VAL C 2 57 ? -4.643  8.922   11.697  1.00 11.50 ? 647 VAL C CB  1 
ATOM   1376 C CG1 . VAL C 2 57 ? -5.331  7.881   10.816  1.00 11.62 ? 647 VAL C CG1 1 
ATOM   1377 C CG2 . VAL C 2 57 ? -4.442  8.339   13.078  1.00 11.63 ? 647 VAL C CG2 1 
ATOM   1378 N N   . GLY C 2 58 ? -3.319  8.872   8.691   1.00 10.82 ? 648 GLY C N   1 
ATOM   1379 C CA  . GLY C 2 58 ? -3.507  9.222   7.295   1.00 10.29 ? 648 GLY C CA  1 
ATOM   1380 C C   . GLY C 2 58 ? -3.006  8.139   6.364   1.00 7.83  ? 648 GLY C C   1 
ATOM   1381 O O   . GLY C 2 58 ? -2.646  7.047   6.803   1.00 8.63  ? 648 GLY C O   1 
ATOM   1382 N N   . TRP C 2 59 ? -2.905  8.493   5.090   1.00 9.47  ? 649 TRP C N   1 
ATOM   1383 C CA  . TRP C 2 59 ? -2.503  7.573   4.026   1.00 8.93  ? 649 TRP C CA  1 
ATOM   1384 C C   . TRP C 2 59 ? -1.099  7.880   3.531   1.00 7.10  ? 649 TRP C C   1 
ATOM   1385 O O   . TRP C 2 59 ? -0.707  9.035   3.455   1.00 8.55  ? 649 TRP C O   1 
ATOM   1386 C CB  . TRP C 2 59 ? -3.509  7.669   2.859   1.00 9.65  ? 649 TRP C CB  1 
ATOM   1387 C CG  . TRP C 2 59 ? -4.912  7.273   3.251   1.00 9.67  ? 649 TRP C CG  1 
ATOM   1388 C CD1 . TRP C 2 59 ? -5.870  8.070   3.842   1.00 10.52 ? 649 TRP C CD1 1 
ATOM   1389 C CD2 . TRP C 2 59 ? -5.485  5.966   3.155   1.00 11.50 ? 649 TRP C CD2 1 
ATOM   1390 N NE1 . TRP C 2 59 ? -6.985  7.327   4.130   1.00 9.76  ? 649 TRP C NE1 1 
ATOM   1391 C CE2 . TRP C 2 59 ? -6.782  6.035   3.718   1.00 9.67  ? 649 TRP C CE2 1 
ATOM   1392 C CE3 . TRP C 2 59 ? -5.030  4.738   2.645   1.00 8.38  ? 649 TRP C CE3 1 
ATOM   1393 C CZ2 . TRP C 2 59 ? -7.629  4.922   3.782   1.00 8.77  ? 649 TRP C CZ2 1 
ATOM   1394 C CZ3 . TRP C 2 59 ? -5.881  3.626   2.710   1.00 9.95  ? 649 TRP C CZ3 1 
ATOM   1395 C CH2 . TRP C 2 59 ? -7.165  3.728   3.278   1.00 9.29  ? 649 TRP C CH2 1 
ATOM   1396 N N   . PHE C 2 60 ? -0.377  6.845   3.126   1.00 9.64  ? 650 PHE C N   1 
ATOM   1397 C CA  . PHE C 2 60 ? 0.999   7.002   2.652   1.00 9.82  ? 650 PHE C CA  1 
ATOM   1398 C C   . PHE C 2 60 ? 1.335   5.859   1.690   1.00 8.88  ? 650 PHE C C   1 
ATOM   1399 O O   . PHE C 2 60 ? 0.654   4.830   1.685   1.00 10.86 ? 650 PHE C O   1 
ATOM   1400 C CB  . PHE C 2 60 ? 1.959   6.924   3.851   1.00 8.12  ? 650 PHE C CB  1 
ATOM   1401 C CG  . PHE C 2 60 ? 1.856   5.636   4.626   1.00 8.79  ? 650 PHE C CG  1 
ATOM   1402 C CD1 . PHE C 2 60 ? 2.667   4.551   4.318   1.00 7.63  ? 650 PHE C CD1 1 
ATOM   1403 C CD2 . PHE C 2 60 ? 0.914   5.488   5.643   1.00 6.91  ? 650 PHE C CD2 1 
ATOM   1404 C CE1 . PHE C 2 60 ? 2.542   3.353   5.007   1.00 9.21  ? 650 PHE C CE1 1 
ATOM   1405 C CE2 . PHE C 2 60 ? 0.783   4.293   6.333   1.00 7.08  ? 650 PHE C CE2 1 
ATOM   1406 C CZ  . PHE C 2 60 ? 1.590   3.220   6.020   1.00 8.48  ? 650 PHE C CZ  1 
ATOM   1407 N N   . PRO C 2 61 ? 2.401   6.017   0.884   1.00 9.76  ? 651 PRO C N   1 
ATOM   1408 C CA  . PRO C 2 61 ? 2.819   4.981   -0.067  1.00 9.58  ? 651 PRO C CA  1 
ATOM   1409 C C   . PRO C 2 61 ? 3.482   3.858   0.724   1.00 10.46 ? 651 PRO C C   1 
ATOM   1410 O O   . PRO C 2 61 ? 4.407   4.115   1.510   1.00 11.24 ? 651 PRO C O   1 
ATOM   1411 C CB  . PRO C 2 61 ? 3.874   5.691   -0.921  1.00 9.31  ? 651 PRO C CB  1 
ATOM   1412 C CG  . PRO C 2 61 ? 3.634   7.120   -0.718  1.00 9.31  ? 651 PRO C CG  1 
ATOM   1413 C CD  . PRO C 2 61 ? 3.201   7.237   0.706   1.00 10.35 ? 651 PRO C CD  1 
ATOM   1414 N N   . CYS C 2 62 ? 3.070   2.616   0.485   1.00 9.10  ? 652 CYS C N   1 
ATOM   1415 C CA  . CYS C 2 62 ? 3.636   1.493   1.206   1.00 8.91  ? 652 CYS C CA  1 
ATOM   1416 C C   . CYS C 2 62 ? 5.117   1.276   0.915   1.00 8.31  ? 652 CYS C C   1 
ATOM   1417 O O   . CYS C 2 62 ? 5.802   0.610   1.695   1.00 9.43  ? 652 CYS C O   1 
ATOM   1418 C CB  . CYS C 2 62 ? 2.847   0.211   0.941   1.00 10.86 ? 652 CYS C CB  1 
ATOM   1419 S SG  . CYS C 2 62 ? 2.919   -0.366  -0.781  1.00 12.12 ? 652 CYS C SG  1 
ATOM   1420 N N   . ASN C 2 63 ? 5.601   1.833   -0.200  1.00 10.12 ? 653 ASN C N   1 
ATOM   1421 C CA  . ASN C 2 63 ? 7.012   1.705   -0.602  1.00 11.21 ? 653 ASN C CA  1 
ATOM   1422 C C   . ASN C 2 63 ? 7.986   2.509   0.274   1.00 12.75 ? 653 ASN C C   1 
ATOM   1423 O O   . ASN C 2 63 ? 9.202   2.466   0.054   1.00 12.62 ? 653 ASN C O   1 
ATOM   1424 C CB  . ASN C 2 63 ? 7.217   2.051   -2.095  1.00 10.45 ? 653 ASN C CB  1 
ATOM   1425 C CG  . ASN C 2 63 ? 7.042   3.538   -2.417  1.00 13.78 ? 653 ASN C CG  1 
ATOM   1426 O OD1 . ASN C 2 63 ? 6.993   4.408   -1.542  1.00 14.27 ? 653 ASN C OD1 1 
ATOM   1427 N ND2 . ASN C 2 63 ? 6.967   3.835   -3.709  1.00 16.73 ? 653 ASN C ND2 1 
ATOM   1428 N N   . ARG C 2 64 ? 7.454   3.243   1.253   1.00 10.91 ? 654 ARG C N   1 
ATOM   1429 C CA  . ARG C 2 64 ? 8.294   4.037   2.152   1.00 10.83 ? 654 ARG C CA  1 
ATOM   1430 C C   . ARG C 2 64 ? 8.577   3.302   3.462   1.00 10.95 ? 654 ARG C C   1 
ATOM   1431 O O   . ARG C 2 64 ? 9.380   3.772   4.269   1.00 11.27 ? 654 ARG C O   1 
ATOM   1432 C CB  . ARG C 2 64 ? 7.610   5.368   2.497   1.00 11.97 ? 654 ARG C CB  1 
ATOM   1433 C CG  . ARG C 2 64 ? 7.148   6.189   1.317   1.00 11.49 ? 654 ARG C CG  1 
ATOM   1434 C CD  . ARG C 2 64 ? 8.289   6.556   0.402   1.00 13.07 ? 654 ARG C CD  1 
ATOM   1435 N NE  . ARG C 2 64 ? 7.805   7.077   -0.874  1.00 14.62 ? 654 ARG C NE  1 
ATOM   1436 C CZ  . ARG C 2 64 ? 7.786   8.361   -1.220  1.00 15.03 ? 654 ARG C CZ  1 
ATOM   1437 N NH1 . ARG C 2 64 ? 8.220   9.309   -0.407  1.00 17.71 ? 654 ARG C NH1 1 
ATOM   1438 N NH2 . ARG C 2 64 ? 7.312   8.703   -2.400  1.00 17.85 ? 654 ARG C NH2 1 
ATOM   1439 N N   . VAL C 2 65 ? 7.951   2.149   3.665   1.00 8.92  ? 655 VAL C N   1 
ATOM   1440 C CA  . VAL C 2 65 ? 8.080   1.411   4.913   1.00 8.95  ? 655 VAL C CA  1 
ATOM   1441 C C   . VAL C 2 65 ? 8.344   -0.079  4.769   1.00 9.38  ? 655 VAL C C   1 
ATOM   1442 O O   . VAL C 2 65 ? 8.217   -0.658  3.692   1.00 9.32  ? 655 VAL C O   1 
ATOM   1443 C CB  . VAL C 2 65 ? 6.772   1.565   5.772   1.00 8.65  ? 655 VAL C CB  1 
ATOM   1444 C CG1 . VAL C 2 65 ? 6.271   3.001   5.759   1.00 8.91  ? 655 VAL C CG1 1 
ATOM   1445 C CG2 . VAL C 2 65 ? 5.680   0.631   5.266   1.00 8.56  ? 655 VAL C CG2 1 
ATOM   1446 N N   . HIS C 2 66 ? 8.731   -0.703  5.872   1.00 7.42  ? 656 HIS C N   1 
ATOM   1447 C CA  . HIS C 2 66 ? 8.957   -2.139  5.909   1.00 10.04 ? 656 HIS C CA  1 
ATOM   1448 C C   . HIS C 2 66 ? 8.573   -2.609  7.310   1.00 9.03  ? 656 HIS C C   1 
ATOM   1449 O O   . HIS C 2 66 ? 8.406   -1.781  8.216   1.00 10.06 ? 656 HIS C O   1 
ATOM   1450 C CB  . HIS C 2 66 ? 10.396  -2.521  5.509   1.00 11.39 ? 656 HIS C CB  1 
ATOM   1451 C CG  . HIS C 2 66 ? 11.464  -1.905  6.365   1.00 16.60 ? 656 HIS C CG  1 
ATOM   1452 N ND1 . HIS C 2 66 ? 12.809  -2.067  6.096   1.00 16.11 ? 656 HIS C ND1 1 
ATOM   1453 C CD2 . HIS C 2 66 ? 11.395  -1.118  7.460   1.00 17.23 ? 656 HIS C CD2 1 
ATOM   1454 C CE1 . HIS C 2 66 ? 13.516  -1.400  6.986   1.00 19.53 ? 656 HIS C CE1 1 
ATOM   1455 N NE2 . HIS C 2 66 ? 12.684  -0.815  7.826   1.00 17.24 ? 656 HIS C NE2 1 
ATOM   1456 N N   . PRO C 2 67 ? 8.364   -3.919  7.499   1.00 9.27  ? 657 PRO C N   1 
ATOM   1457 C CA  . PRO C 2 67 ? 7.987   -4.412  8.821   1.00 9.94  ? 657 PRO C CA  1 
ATOM   1458 C C   . PRO C 2 67 ? 8.908   -4.001  9.955   1.00 12.07 ? 657 PRO C C   1 
ATOM   1459 O O   . PRO C 2 67 ? 10.135  -3.978  9.807   1.00 10.10 ? 657 PRO C O   1 
ATOM   1460 C CB  . PRO C 2 67 ? 8.021   -5.922  8.642   1.00 10.03 ? 657 PRO C CB  1 
ATOM   1461 C CG  . PRO C 2 67 ? 7.649   -6.104  7.200   1.00 9.66  ? 657 PRO C CG  1 
ATOM   1462 C CD  . PRO C 2 67 ? 8.462   -5.034  6.538   1.00 8.30  ? 657 PRO C CD  1 
ATOM   1463 N N   . TYR C 2 68 ? 8.290   -3.656  11.079  1.00 10.07 ? 658 TYR C N   1 
ATOM   1464 C CA  . TYR C 2 68 ? 9.022   -3.315  12.283  1.00 12.05 ? 658 TYR C CA  1 
ATOM   1465 C C   . TYR C 2 68 ? 9.471   -4.668  12.849  1.00 13.06 ? 658 TYR C C   1 
ATOM   1466 O O   . TYR C 2 68 ? 8.652   -5.506  13.212  1.00 12.79 ? 658 TYR C O   1 
ATOM   1467 C CB  . TYR C 2 68 ? 8.079   -2.598  13.258  1.00 11.31 ? 658 TYR C CB  1 
ATOM   1468 C CG  . TYR C 2 68 ? 8.621   -2.441  14.663  1.00 13.92 ? 658 TYR C CG  1 
ATOM   1469 C CD1 . TYR C 2 68 ? 9.961   -2.082  14.886  1.00 13.32 ? 658 TYR C CD1 1 
ATOM   1470 C CD2 . TYR C 2 68 ? 7.803   -2.675  15.769  1.00 14.97 ? 658 TYR C CD2 1 
ATOM   1471 C CE1 . TYR C 2 68 ? 10.472  -1.971  16.173  1.00 14.59 ? 658 TYR C CE1 1 
ATOM   1472 C CE2 . TYR C 2 68 ? 8.302   -2.565  17.070  1.00 16.80 ? 658 TYR C CE2 1 
ATOM   1473 C CZ  . TYR C 2 68 ? 9.638   -2.216  17.264  1.00 18.47 ? 658 TYR C CZ  1 
ATOM   1474 O OH  . TYR C 2 68 ? 10.143  -2.144  18.551  1.00 20.31 ? 658 TYR C OH  1 
ATOM   1475 N N   . VAL C 2 69 ? 10.771  -4.925  12.846  1.00 16.06 ? 659 VAL C N   1 
ATOM   1476 C CA  . VAL C 2 69 ? 11.265  -6.192  13.369  1.00 21.88 ? 659 VAL C CA  1 
ATOM   1477 C C   . VAL C 2 69 ? 12.039  -6.019  14.669  1.00 23.84 ? 659 VAL C C   1 
ATOM   1478 O O   . VAL C 2 69 ? 12.889  -5.101  14.721  1.00 27.57 ? 659 VAL C O   1 
ATOM   1479 C CB  . VAL C 2 69 ? 12.143  -6.969  12.336  1.00 24.77 ? 659 VAL C CB  1 
ATOM   1480 C CG1 . VAL C 2 69 ? 11.264  -7.592  11.265  1.00 26.46 ? 659 VAL C CG1 1 
ATOM   1481 C CG2 . VAL C 2 69 ? 13.181  -6.042  11.694  1.00 26.86 ? 659 VAL C CG2 1 
HETATM 1482 C C1  . MRD D 3 .  ? -6.044  5.834   -26.641 1.00 22.42 ? 218 MRD A C1  1 
HETATM 1483 C C2  . MRD D 3 .  ? -4.701  6.500   -26.924 1.00 22.75 ? 218 MRD A C2  1 
HETATM 1484 O O2  . MRD D 3 .  ? -3.663  5.520   -26.785 1.00 20.20 ? 218 MRD A O2  1 
HETATM 1485 C CM  . MRD D 3 .  ? -4.692  7.036   -28.341 1.00 24.32 ? 218 MRD A CM  1 
HETATM 1486 C C3  . MRD D 3 .  ? -4.462  7.637   -25.931 1.00 22.25 ? 218 MRD A C3  1 
HETATM 1487 C C4  . MRD D 3 .  ? -3.104  8.348   -26.042 1.00 25.50 ? 218 MRD A C4  1 
HETATM 1488 O O4  . MRD D 3 .  ? -2.065  7.554   -25.428 1.00 25.67 ? 218 MRD A O4  1 
HETATM 1489 C C5  . MRD D 3 .  ? -3.202  9.715   -25.359 1.00 24.24 ? 218 MRD A C5  1 
HETATM 1490 O O   . HOH E 4 .  ? 6.170   9.153   -9.296  1.00 14.57 ? 219 HOH A O   1 
HETATM 1491 O O   . HOH E 4 .  ? 7.488   8.704   -19.254 1.00 13.88 ? 220 HOH A O   1 
HETATM 1492 O O   . HOH E 4 .  ? -4.466  1.277   -17.097 1.00 14.92 ? 221 HOH A O   1 
HETATM 1493 O O   . HOH E 4 .  ? -4.252  16.579  -3.565  1.00 14.54 ? 222 HOH A O   1 
HETATM 1494 O O   . HOH E 4 .  ? -7.668  14.623  -7.564  1.00 15.95 ? 223 HOH A O   1 
HETATM 1495 O O   . HOH E 4 .  ? -9.160  0.489   -18.793 1.00 18.53 ? 224 HOH A O   1 
HETATM 1496 O O   . HOH E 4 .  ? -7.181  0.683   -16.965 1.00 21.97 ? 225 HOH A O   1 
HETATM 1497 O O   . HOH E 4 .  ? 5.837   8.070   -21.399 1.00 17.29 ? 226 HOH A O   1 
HETATM 1498 O O   . HOH E 4 .  ? 0.105   8.960   -24.356 1.00 18.36 ? 227 HOH A O   1 
HETATM 1499 O O   . HOH E 4 .  ? -2.880  21.196  -12.390 1.00 22.45 ? 228 HOH A O   1 
HETATM 1500 O O   . HOH E 4 .  ? -15.061 12.966  -14.056 1.00 17.85 ? 229 HOH A O   1 
HETATM 1501 O O   . HOH E 4 .  ? 3.323   7.723   -7.395  1.00 24.21 ? 230 HOH A O   1 
HETATM 1502 O O   . HOH E 4 .  ? -1.100  1.167   -15.223 1.00 24.39 ? 231 HOH A O   1 
HETATM 1503 O O   . HOH E 4 .  ? -5.492  14.970  -30.597 1.00 36.58 ? 232 HOH A O   1 
HETATM 1504 O O   . HOH E 4 .  ? -4.535  20.464  -24.274 1.00 33.75 ? 233 HOH A O   1 
HETATM 1505 O O   . HOH E 4 .  ? -15.334 13.315  -5.934  1.00 31.57 ? 234 HOH A O   1 
HETATM 1506 O O   . HOH E 4 .  ? -8.647  17.713  -8.190  1.00 28.90 ? 235 HOH A O   1 
HETATM 1507 O O   . HOH E 4 .  ? -7.854  1.362   -3.614  1.00 41.64 ? 236 HOH A O   1 
HETATM 1508 O O   . HOH E 4 .  ? 0.198   -0.175  -13.274 1.00 29.37 ? 237 HOH A O   1 
HETATM 1509 O O   . HOH E 4 .  ? -20.362 11.997  -17.577 1.00 29.75 ? 238 HOH A O   1 
HETATM 1510 O O   . HOH E 4 .  ? -17.299 11.603  -13.607 1.00 45.94 ? 239 HOH A O   1 
HETATM 1511 O O   . HOH E 4 .  ? 1.020   10.654  -26.430 1.00 37.66 ? 240 HOH A O   1 
HETATM 1512 O O   . HOH E 4 .  ? -0.581  17.517  -7.090  1.00 32.96 ? 241 HOH A O   1 
HETATM 1513 O O   . HOH E 4 .  ? -4.130  15.287  -1.353  1.00 33.62 ? 242 HOH A O   1 
HETATM 1514 O O   . HOH E 4 .  ? -1.593  -1.568  -7.185  1.00 47.46 ? 243 HOH A O   1 
HETATM 1515 O O   . HOH E 4 .  ? 2.228   22.873  -21.794 1.00 44.67 ? 244 HOH A O   1 
HETATM 1516 O O   . HOH E 4 .  ? -13.578 3.186   -19.218 1.00 23.15 ? 245 HOH A O   1 
HETATM 1517 O O   . HOH E 4 .  ? -8.402  3.895   -5.469  1.00 27.71 ? 246 HOH A O   1 
HETATM 1518 O O   . HOH E 4 .  ? 0.603   6.594   -6.283  1.00 30.09 ? 247 HOH A O   1 
HETATM 1519 O O   . HOH E 4 .  ? -14.787 5.363   -17.191 1.00 31.39 ? 248 HOH A O   1 
HETATM 1520 O O   . HOH E 4 .  ? -2.681  3.645   -6.797  1.00 37.23 ? 249 HOH A O   1 
HETATM 1521 O O   . HOH E 4 .  ? -16.742 8.553   -23.509 1.00 38.45 ? 250 HOH A O   1 
HETATM 1522 O O   . HOH E 4 .  ? -12.394 -2.651  -8.156  1.00 45.68 ? 251 HOH A O   1 
HETATM 1523 O O   . HOH E 4 .  ? -2.174  17.724  -4.676  1.00 38.14 ? 252 HOH A O   1 
HETATM 1524 O O   . HOH E 4 .  ? -2.596  -1.426  -18.929 1.00 38.35 ? 253 HOH A O   1 
HETATM 1525 O O   . HOH E 4 .  ? -10.500 -1.149  -16.539 1.00 40.38 ? 254 HOH A O   1 
HETATM 1526 O O   . HOH E 4 .  ? -10.094 -2.798  -2.535  1.00 41.69 ? 255 HOH A O   1 
HETATM 1527 O O   . HOH E 4 .  ? -1.870  -1.935  -9.932  1.00 52.14 ? 256 HOH A O   1 
HETATM 1528 O O   . HOH E 4 .  ? -4.635  -3.458  -18.264 1.00 37.93 ? 257 HOH A O   1 
HETATM 1529 O O   . HOH E 4 .  ? -1.756  18.843  -10.122 1.00 45.53 ? 258 HOH A O   1 
HETATM 1530 O O   . HOH E 4 .  ? -5.544  20.501  -20.414 1.00 32.41 ? 259 HOH A O   1 
HETATM 1531 O O   . HOH E 4 .  ? -13.985 3.537   -15.643 1.00 30.57 ? 260 HOH A O   1 
HETATM 1532 O O   . HOH E 4 .  ? -17.571 16.475  -19.331 1.00 53.71 ? 261 HOH A O   1 
HETATM 1533 O O   . HOH E 4 .  ? 3.222   -0.997  -11.201 1.00 33.45 ? 262 HOH A O   1 
HETATM 1534 O O   . HOH E 4 .  ? 1.756   -3.508  -10.488 1.00 41.20 ? 263 HOH A O   1 
HETATM 1535 O O   . HOH E 4 .  ? -2.803  -0.674  -16.218 1.00 43.18 ? 264 HOH A O   1 
HETATM 1536 O O   . HOH E 4 .  ? -13.251 2.835   -11.006 1.00 35.25 ? 265 HOH A O   1 
HETATM 1537 O O   . HOH E 4 .  ? -12.622 1.072   -17.669 1.00 45.42 ? 266 HOH A O   1 
HETATM 1538 O O   . HOH E 4 .  ? -14.581 10.896  -5.110  1.00 47.11 ? 267 HOH A O   1 
HETATM 1539 O O   . HOH E 4 .  ? -16.679 9.922   -15.891 1.00 59.49 ? 268 HOH A O   1 
HETATM 1540 O O   . HOH E 4 .  ? -18.065 18.658  -17.094 1.00 46.02 ? 269 HOH A O   1 
HETATM 1541 O O   . HOH E 4 .  ? 4.371   1.928   -9.947  1.00 24.95 ? 270 HOH A O   1 
HETATM 1542 O O   . HOH E 4 .  ? 6.413   4.723   -8.533  1.00 32.59 ? 271 HOH A O   1 
HETATM 1543 O O   . HOH E 4 .  ? -5.615  -3.634  -6.223  1.00 36.50 ? 272 HOH A O   1 
HETATM 1544 O O   . HOH E 4 .  ? 3.948   4.079   -7.290  1.00 45.10 ? 273 HOH A O   1 
HETATM 1545 O O   . HOH E 4 .  ? -6.542  2.141   -0.663  1.00 34.45 ? 274 HOH A O   1 
HETATM 1546 O O   . HOH E 4 .  ? -0.997  -2.437  -12.646 1.00 47.01 ? 275 HOH A O   1 
HETATM 1547 O O   . HOH E 4 .  ? -5.500  23.061  -21.975 1.00 47.85 ? 276 HOH A O   1 
HETATM 1548 O O   . HOH E 4 .  ? -1.994  24.956  -21.200 1.00 43.91 ? 277 HOH A O   1 
HETATM 1549 O O   . HOH E 4 .  ? -12.245 3.788   -8.547  1.00 27.64 ? 278 HOH A O   1 
HETATM 1550 O O   . HOH E 4 .  ? -12.725 6.294   -8.514  1.00 38.49 ? 279 HOH A O   1 
HETATM 1551 O O   . HOH F 4 .  ? 3.446   -28.133 11.968  1.00 6.45  ? 218 HOH B O   1 
HETATM 1552 O O   . HOH F 4 .  ? 5.448   -4.974  17.020  1.00 16.59 ? 219 HOH B O   1 
HETATM 1553 O O   . HOH F 4 .  ? 8.041   -7.451  -0.469  1.00 14.14 ? 220 HOH B O   1 
HETATM 1554 O O   . HOH F 4 .  ? 13.051  -11.851 3.315   1.00 15.31 ? 221 HOH B O   1 
HETATM 1555 O O   . HOH F 4 .  ? 13.625  -10.992 5.905   1.00 14.55 ? 222 HOH B O   1 
HETATM 1556 O O   . HOH F 4 .  ? -2.069  -17.440 -1.576  1.00 20.77 ? 223 HOH B O   1 
HETATM 1557 O O   . HOH F 4 .  ? 6.266   -21.758 2.519   1.00 22.14 ? 224 HOH B O   1 
HETATM 1558 O O   . HOH F 4 .  ? -0.445  -21.899 0.202   1.00 22.13 ? 225 HOH B O   1 
HETATM 1559 O O   . HOH F 4 .  ? 3.052   -17.162 18.329  1.00 22.23 ? 226 HOH B O   1 
HETATM 1560 O O   . HOH F 4 .  ? 8.686   -22.194 3.958   1.00 21.87 ? 227 HOH B O   1 
HETATM 1561 O O   . HOH F 4 .  ? 5.490   -3.590  19.642  1.00 21.20 ? 228 HOH B O   1 
HETATM 1562 O O   . HOH F 4 .  ? 2.402   -5.498  16.027  1.00 21.90 ? 229 HOH B O   1 
HETATM 1563 O O   . HOH F 4 .  ? 6.839   -11.154 -4.505  1.00 33.05 ? 230 HOH B O   1 
HETATM 1564 O O   . HOH F 4 .  ? -5.873  -5.882  7.236   1.00 38.85 ? 231 HOH B O   1 
HETATM 1565 O O   . HOH F 4 .  ? -2.648  -9.648  11.809  1.00 38.28 ? 232 HOH B O   1 
HETATM 1566 O O   . HOH F 4 .  ? 4.325   -11.531 -5.142  1.00 31.30 ? 233 HOH B O   1 
HETATM 1567 O O   . HOH F 4 .  ? 2.992   -16.866 -4.380  1.00 35.62 ? 234 HOH B O   1 
HETATM 1568 O O   . HOH F 4 .  ? 9.306   -6.274  19.252  1.00 35.23 ? 235 HOH B O   1 
HETATM 1569 O O   . HOH F 4 .  ? 7.172   -25.727 11.753  1.00 42.01 ? 236 HOH B O   1 
HETATM 1570 O O   . HOH F 4 .  ? 14.863  -13.637 7.184   1.00 31.87 ? 237 HOH B O   1 
HETATM 1571 O O   . HOH F 4 .  ? -2.734  -15.125 -3.455  1.00 42.74 ? 238 HOH B O   1 
HETATM 1572 O O   . HOH F 4 .  ? -6.326  -24.008 3.935   1.00 36.26 ? 239 HOH B O   1 
HETATM 1573 O O   . HOH F 4 .  ? 5.058   -30.394 1.911   1.00 43.66 ? 240 HOH B O   1 
HETATM 1574 O O   . HOH F 4 .  ? -0.684  -13.538 -5.479  1.00 37.90 ? 241 HOH B O   1 
HETATM 1575 O O   . HOH F 4 .  ? -8.035  -6.290  16.463  1.00 21.76 ? 242 HOH B O   1 
HETATM 1576 O O   . HOH F 4 .  ? -3.832  -14.230 13.915  1.00 40.34 ? 243 HOH B O   1 
HETATM 1577 O O   . HOH F 4 .  ? 13.485  -13.456 -2.224  1.00 34.15 ? 244 HOH B O   1 
HETATM 1578 O O   . HOH F 4 .  ? 1.344   -13.750 -3.891  1.00 34.20 ? 245 HOH B O   1 
HETATM 1579 O O   . HOH F 4 .  ? 7.838   -7.880  -3.105  1.00 37.70 ? 246 HOH B O   1 
HETATM 1580 O O   . HOH F 4 .  ? -6.477  -9.032  2.686   1.00 40.59 ? 247 HOH B O   1 
HETATM 1581 O O   . HOH F 4 .  ? 5.490   -6.404  20.696  1.00 44.23 ? 248 HOH B O   1 
HETATM 1582 O O   . HOH F 4 .  ? 16.835  -16.578 8.165   1.00 42.72 ? 249 HOH B O   1 
HETATM 1583 O O   . HOH F 4 .  ? 9.047   -23.762 13.634  1.00 45.11 ? 250 HOH B O   1 
HETATM 1584 O O   . HOH F 4 .  ? 10.614  -11.155 -4.545  1.00 44.01 ? 251 HOH B O   1 
HETATM 1585 O O   . HOH F 4 .  ? 6.426   -7.844  -5.215  1.00 46.34 ? 252 HOH B O   1 
HETATM 1586 O O   . HOH F 4 .  ? -9.735  -15.092 8.116   1.00 41.82 ? 253 HOH B O   1 
HETATM 1587 O O   . HOH F 4 .  ? 14.607  -14.180 9.862   1.00 33.61 ? 254 HOH B O   1 
HETATM 1588 O O   . HOH F 4 .  ? 9.221   -23.711 6.134   1.00 31.82 ? 255 HOH B O   1 
HETATM 1589 O O   . HOH F 4 .  ? 7.985   -13.465 -6.292  1.00 46.87 ? 256 HOH B O   1 
HETATM 1590 O O   . HOH F 4 .  ? -3.613  -11.371 -2.345  1.00 44.17 ? 257 HOH B O   1 
HETATM 1591 O O   . HOH F 4 .  ? 5.541   -7.687  16.656  1.00 39.26 ? 258 HOH B O   1 
HETATM 1592 O O   . HOH F 4 .  ? 1.450   -23.216 -3.261  1.00 39.51 ? 259 HOH B O   1 
HETATM 1593 O O   . HOH F 4 .  ? 6.742   -8.975  14.408  1.00 28.40 ? 260 HOH B O   1 
HETATM 1594 O O   . HOH F 4 .  ? -4.578  -11.334 13.265  1.00 32.46 ? 261 HOH B O   1 
HETATM 1595 O O   . HOH F 4 .  ? 6.753   -4.910  -0.822  1.00 34.78 ? 262 HOH B O   1 
HETATM 1596 O O   . HOH F 4 .  ? 13.748  -11.598 10.749  1.00 43.08 ? 263 HOH B O   1 
HETATM 1597 O O   . HOH F 4 .  ? -7.457  -6.874  4.183   1.00 50.51 ? 264 HOH B O   1 
HETATM 1598 O O   . HOH F 4 .  ? 12.111  -19.219 2.333   1.00 46.67 ? 265 HOH B O   1 
HETATM 1599 O O   . HOH F 4 .  ? -0.811  -11.691 18.836  1.00 47.48 ? 266 HOH B O   1 
HETATM 1600 O O   . HOH F 4 .  ? -7.804  -12.618 9.928   1.00 40.25 ? 267 HOH B O   1 
HETATM 1601 O O   . HOH F 4 .  ? 11.567  -24.955 7.941   1.00 43.77 ? 268 HOH B O   1 
HETATM 1602 O O   . HOH F 4 .  ? 1.615   -23.986 18.471  1.00 41.61 ? 269 HOH B O   1 
HETATM 1603 O O   . HOH G 4 .  ? -9.268  0.644   9.907   1.00 10.20 ? 3   HOH C O   1 
HETATM 1604 O O   . HOH G 4 .  ? -10.074 5.955   6.299   1.00 15.96 ? 4   HOH C O   1 
HETATM 1605 O O   . HOH G 4 .  ? 0.660   13.751  9.032   1.00 14.31 ? 5   HOH C O   1 
HETATM 1606 O O   . HOH G 4 .  ? -1.955  13.091  8.751   1.00 16.66 ? 9   HOH C O   1 
HETATM 1607 O O   . HOH G 4 .  ? -7.227  8.937   7.097   1.00 14.87 ? 10  HOH C O   1 
HETATM 1608 O O   . HOH G 4 .  ? 11.759  -4.990  7.821   1.00 13.42 ? 12  HOH C O   1 
HETATM 1609 O O   . HOH G 4 .  ? 11.976  8.751   13.599  1.00 12.69 ? 15  HOH C O   1 
HETATM 1610 O O   . HOH G 4 .  ? -3.451  0.037   14.328  1.00 17.87 ? 18  HOH C O   1 
HETATM 1611 O O   . HOH G 4 .  ? 3.724   2.598   -2.466  1.00 15.82 ? 20  HOH C O   1 
HETATM 1612 O O   . HOH G 4 .  ? -10.999 10.441  -4.141  1.00 17.41 ? 22  HOH C O   1 
HETATM 1613 O O   . HOH G 4 .  ? 2.942   12.249  10.964  1.00 13.88 ? 23  HOH C O   1 
HETATM 1614 O O   . HOH G 4 .  ? -4.065  9.344   16.388  1.00 13.63 ? 24  HOH C O   1 
HETATM 1615 O O   . HOH G 4 .  ? -9.362  8.552   5.405   1.00 20.96 ? 25  HOH C O   1 
HETATM 1616 O O   . HOH G 4 .  ? 12.366  -2.733  11.554  1.00 15.13 ? 28  HOH C O   1 
HETATM 1617 O O   . HOH G 4 .  ? 7.069   13.412  -0.131  1.00 18.72 ? 29  HOH C O   1 
HETATM 1618 O O   . HOH G 4 .  ? -5.237  13.886  0.506   1.00 23.69 ? 30  HOH C O   1 
HETATM 1619 O O   . HOH G 4 .  ? -7.097  -3.556  5.955   1.00 22.95 ? 33  HOH C O   1 
HETATM 1620 O O   . HOH G 4 .  ? 6.794   15.084  11.486  1.00 23.45 ? 34  HOH C O   1 
HETATM 1621 O O   . HOH G 4 .  ? 9.213   -1.695  1.306   1.00 27.72 ? 36  HOH C O   1 
HETATM 1622 O O   . HOH G 4 .  ? -4.228  12.990  12.352  1.00 20.80 ? 37  HOH C O   1 
HETATM 1623 O O   . HOH G 4 .  ? 4.385   0.217   -3.955  1.00 28.06 ? 39  HOH C O   1 
HETATM 1624 O O   . HOH G 4 .  ? 0.162   7.008   18.347  1.00 17.65 ? 45  HOH C O   1 
HETATM 1625 O O   . HOH G 4 .  ? -1.054  4.657   19.074  1.00 20.44 ? 46  HOH C O   1 
HETATM 1626 O O   . HOH G 4 .  ? -3.710  15.652  3.314   1.00 29.54 ? 48  HOH C O   1 
HETATM 1627 O O   . HOH G 4 .  ? -2.990  2.249   15.973  1.00 27.63 ? 49  HOH C O   1 
HETATM 1628 O O   . HOH G 4 .  ? 13.300  -7.956  17.863  1.00 40.88 ? 50  HOH C O   1 
HETATM 1629 O O   . HOH G 4 .  ? 9.789   11.652  13.982  1.00 18.87 ? 52  HOH C O   1 
HETATM 1630 O O   . HOH G 4 .  ? -2.305  -0.990  16.435  1.00 26.94 ? 55  HOH C O   1 
HETATM 1631 O O   . HOH G 4 .  ? 4.531   2.583   18.879  1.00 30.37 ? 56  HOH C O   1 
HETATM 1632 O O   . HOH G 4 .  ? -2.301  15.658  6.214   1.00 29.96 ? 57  HOH C O   1 
HETATM 1633 O O   . HOH G 4 .  ? 13.944  10.881  11.129  1.00 24.17 ? 58  HOH C O   1 
HETATM 1634 O O   . HOH G 4 .  ? -7.250  10.607  9.165   1.00 23.70 ? 59  HOH C O   1 
HETATM 1635 O O   . HOH G 4 .  ? 12.611  11.812  13.611  1.00 32.25 ? 60  HOH C O   1 
HETATM 1636 O O   . HOH G 4 .  ? -8.453  -2.792  8.469   1.00 35.69 ? 62  HOH C O   1 
HETATM 1637 O O   . HOH G 4 .  ? -7.393  10.644  11.862  1.00 24.12 ? 63  HOH C O   1 
HETATM 1638 O O   . HOH G 4 .  ? 3.962   15.289  11.533  1.00 40.37 ? 64  HOH C O   1 
HETATM 1639 O O   . HOH G 4 .  ? 6.313   1.468   -6.143  1.00 32.15 ? 66  HOH C O   1 
HETATM 1640 O O   . HOH G 4 .  ? 7.136   13.865  16.957  1.00 33.08 ? 70  HOH C O   1 
HETATM 1641 O O   . HOH G 4 .  ? -0.170  -2.707  16.404  1.00 37.50 ? 73  HOH C O   1 
HETATM 1642 O O   . HOH G 4 .  ? -5.945  10.955  15.413  1.00 31.20 ? 76  HOH C O   1 
HETATM 1643 O O   . HOH G 4 .  ? 9.926   -0.249  -0.746  1.00 38.04 ? 84  HOH C O   1 
HETATM 1644 O O   . HOH G 4 .  ? 8.479   13.989  14.275  1.00 35.11 ? 86  HOH C O   1 
HETATM 1645 O O   . HOH G 4 .  ? 8.652   -3.087  20.934  1.00 31.46 ? 88  HOH C O   1 
HETATM 1646 O O   . HOH G 4 .  ? 8.627   11.173  -2.674  1.00 47.70 ? 90  HOH C O   1 
HETATM 1647 O O   . HOH G 4 .  ? -3.685  4.125   19.985  1.00 21.10 ? 91  HOH C O   1 
HETATM 1648 O O   . HOH G 4 .  ? -3.058  13.490  16.846  1.00 33.09 ? 99  HOH C O   1 
HETATM 1649 O O   . HOH G 4 .  ? -5.678  12.999  9.669   1.00 42.27 ? 100 HOH C O   1 
HETATM 1650 O O   . HOH G 4 .  ? -0.339  4.405   -7.308  1.00 21.29 ? 101 HOH C O   1 
HETATM 1651 O O   . HOH G 4 .  ? 8.587   -8.273  12.551  1.00 34.29 ? 102 HOH C O   1 
HETATM 1652 O O   . HOH G 4 .  ? -10.954 -1.436  7.884   1.00 33.07 ? 105 HOH C O   1 
HETATM 1653 O O   . HOH G 4 .  ? -10.888 10.066  3.787   1.00 40.56 ? 113 HOH C O   1 
HETATM 1654 O O   . HOH G 4 .  ? 10.527  5.377   -3.227  1.00 46.47 ? 114 HOH C O   1 
HETATM 1655 O O   . HOH G 4 .  ? -0.131  16.778  -0.661  1.00 37.89 ? 117 HOH C O   1 
HETATM 1656 O O   . HOH G 4 .  ? 8.416   16.187  -0.572  1.00 46.03 ? 126 HOH C O   1 
HETATM 1657 O O   . HOH G 4 .  ? 11.054  3.525   -1.355  1.00 34.86 ? 128 HOH C O   1 
HETATM 1658 O O   . HOH G 4 .  ? -7.472  -9.244  -0.417  1.00 35.58 ? 130 HOH C O   1 
HETATM 1659 O O   . HOH G 4 .  ? -4.664  15.841  8.211   1.00 45.47 ? 132 HOH C O   1 
HETATM 1660 O O   . HOH G 4 .  ? 9.380   16.214  9.228   1.00 43.59 ? 136 HOH C O   1 
HETATM 1661 O O   . HOH G 4 .  ? 4.821   6.783   20.926  1.00 34.47 ? 143 HOH C O   1 
HETATM 1662 O O   . HOH G 4 .  ? 0.173   5.869   22.880  1.00 39.04 ? 144 HOH C O   1 
HETATM 1663 O O   . HOH G 4 .  ? -12.319 13.735  -1.344  1.00 39.84 ? 153 HOH C O   1 
HETATM 1664 O O   . HOH G 4 .  ? 5.196   16.062  16.012  1.00 45.40 ? 155 HOH C O   1 
HETATM 1665 O O   . HOH G 4 .  ? 13.997  13.525  9.420   1.00 50.88 ? 159 HOH C O   1 
HETATM 1666 O O   . HOH G 4 .  ? -8.102  8.526   14.182  1.00 3.99  ? 162 HOH C O   1 
HETATM 1667 O O   . HOH G 4 .  ? -4.855  -0.621  1.534   1.00 19.71 ? 163 HOH C O   1 
HETATM 1668 O O   . HOH G 4 .  ? 6.129   6.624   -4.205  1.00 36.98 ? 164 HOH C O   1 
HETATM 1669 O O   . HOH G 4 .  ? 5.900   -1.964  0.233   1.00 24.58 ? 165 HOH C O   1 
HETATM 1670 O O   . HOH G 4 .  ? -7.652  -0.464  1.769   1.00 34.51 ? 168 HOH C O   1 
HETATM 1671 O O   . HOH G 4 .  ? 3.411   5.939   -4.801  1.00 37.89 ? 169 HOH C O   1 
HETATM 1672 O O   . HOH G 4 .  ? -6.659  -1.192  -0.495  1.00 31.62 ? 170 HOH C O   1 
HETATM 1673 O O   . HOH G 4 .  ? 11.771  13.225  8.026   1.00 27.40 ? 175 HOH C O   1 
HETATM 1674 O O   . HOH G 4 .  ? -3.916  15.587  15.023  1.00 45.18 ? 176 HOH C O   1 
HETATM 1675 O O   . HOH G 4 .  ? 15.611  -4.678  13.314  1.00 44.33 ? 177 HOH C O   1 
HETATM 1676 O O   . HOH G 4 .  ? 1.326   16.233  8.019   1.00 47.97 ? 180 HOH C O   1 
HETATM 1677 O O   . HOH G 4 .  ? 5.847   -1.659  -2.469  1.00 47.95 ? 181 HOH C O   1 
HETATM 1678 O O   . HOH G 4 .  ? 0.806   3.714   20.868  1.00 49.79 ? 186 HOH C O   1 
# 
